data_2JWQ
# 
_entry.id   2JWQ 
# 
_audit_conform.dict_name       mmcif_pdbx.dic 
_audit_conform.dict_version    5.392 
_audit_conform.dict_location   http://mmcif.pdb.org/dictionaries/ascii/mmcif_pdbx.dic 
# 
loop_
_database_2.database_id 
_database_2.database_code 
_database_2.pdbx_database_accession 
_database_2.pdbx_DOI 
PDB   2JWQ         pdb_00002jwq 10.2210/pdb2jwq/pdb 
RCSB  RCSB100386   ?            ?                   
WWPDB D_1000100386 ?            ?                   
# 
loop_
_pdbx_audit_revision_history.ordinal 
_pdbx_audit_revision_history.data_content_type 
_pdbx_audit_revision_history.major_revision 
_pdbx_audit_revision_history.minor_revision 
_pdbx_audit_revision_history.revision_date 
1 'Structure model' 1 0 2008-03-25 
2 'Structure model' 1 1 2011-07-13 
3 'Structure model' 1 2 2022-03-16 
4 'Structure model' 1 3 2024-05-29 
# 
_pdbx_audit_revision_details.ordinal             1 
_pdbx_audit_revision_details.revision_ordinal    1 
_pdbx_audit_revision_details.data_content_type   'Structure model' 
_pdbx_audit_revision_details.provider            repository 
_pdbx_audit_revision_details.type                'Initial release' 
_pdbx_audit_revision_details.description         ? 
_pdbx_audit_revision_details.details             ? 
# 
loop_
_pdbx_audit_revision_group.ordinal 
_pdbx_audit_revision_group.revision_ordinal 
_pdbx_audit_revision_group.data_content_type 
_pdbx_audit_revision_group.group 
1 2 'Structure model' 'Version format compliance' 
2 3 'Structure model' 'Data collection'           
3 3 'Structure model' 'Database references'       
4 3 'Structure model' 'Derived calculations'      
5 4 'Structure model' 'Data collection'           
# 
loop_
_pdbx_audit_revision_category.ordinal 
_pdbx_audit_revision_category.revision_ordinal 
_pdbx_audit_revision_category.data_content_type 
_pdbx_audit_revision_category.category 
1 3 'Structure model' database_2            
2 3 'Structure model' pdbx_nmr_software     
3 3 'Structure model' pdbx_struct_assembly  
4 3 'Structure model' pdbx_struct_oper_list 
5 3 'Structure model' struct_ref_seq        
6 3 'Structure model' struct_site           
7 4 'Structure model' chem_comp_atom        
8 4 'Structure model' chem_comp_bond        
# 
loop_
_pdbx_audit_revision_item.ordinal 
_pdbx_audit_revision_item.revision_ordinal 
_pdbx_audit_revision_item.data_content_type 
_pdbx_audit_revision_item.item 
1 3 'Structure model' '_database_2.pdbx_DOI'                
2 3 'Structure model' '_database_2.pdbx_database_accession' 
3 3 'Structure model' '_pdbx_nmr_software.name'             
4 3 'Structure model' '_struct_ref_seq.db_align_beg'        
5 3 'Structure model' '_struct_ref_seq.db_align_end'        
6 3 'Structure model' '_struct_site.pdbx_auth_asym_id'      
7 3 'Structure model' '_struct_site.pdbx_auth_comp_id'      
8 3 'Structure model' '_struct_site.pdbx_auth_seq_id'       
# 
_pdbx_database_status.deposit_site                    BMRB 
_pdbx_database_status.entry_id                        2JWQ 
_pdbx_database_status.process_site                    RCSB 
_pdbx_database_status.recvd_initial_deposition_date   2007-10-23 
_pdbx_database_status.SG_entry                        ? 
_pdbx_database_status.status_code                     REL 
_pdbx_database_status.status_code_mr                  ? 
_pdbx_database_status.status_code_sf                  ? 
_pdbx_database_status.pdb_format_compatible           Y 
_pdbx_database_status.status_code_cs                  ? 
_pdbx_database_status.status_code_nmr_data            ? 
_pdbx_database_status.methods_development_category    ? 
# 
loop_
_audit_author.name 
_audit_author.pdbx_ordinal 
'Hounsou, C.'        1 
'Guittat, L.'        2 
'Monchaud, D.'       3 
'Jourdan, M.'        4 
'Saettel, N.'        5 
'Mergny, J.L.'       6 
'Teulade-Fichou, M.' 7 
# 
_citation.id                        primary 
_citation.title                     'G-Quadruplex Recognition by Quinacridines: a SAR, NMR, and Biological Study' 
_citation.journal_abbrev            ChemMedChem 
_citation.journal_volume            2 
_citation.page_first                655 
_citation.page_last                 666 
_citation.year                      2007 
_citation.journal_id_ASTM           ? 
_citation.country                   DE 
_citation.journal_id_ISSN           1860-7179 
_citation.journal_id_CSD            ? 
_citation.book_publisher            ? 
_citation.pdbx_database_id_PubMed   17385760 
_citation.pdbx_database_id_DOI      10.1002/cmdc.200600286 
# 
loop_
_citation_author.citation_id 
_citation_author.name 
_citation_author.ordinal 
_citation_author.identifier_ORCID 
primary 'Hounsou, C.'        1 ? 
primary 'Guittat, L.'        2 ? 
primary 'Monchaud, D.'       3 ? 
primary 'Jourdan, M.'        4 ? 
primary 'Saettel, N.'        5 ? 
primary 'Mergny, J.L.'       6 ? 
primary 'Teulade-Fichou, M.' 7 ? 
# 
loop_
_entity.id 
_entity.type 
_entity.src_method 
_entity.pdbx_description 
_entity.formula_weight 
_entity.pdbx_number_of_molecules 
_entity.pdbx_ec 
_entity.pdbx_mutation 
_entity.pdbx_fragment 
_entity.details 
1 polymer     syn 
;DNA (5'-D(*DTP*DTP*DAP*DGP*DGP*DGP*DT)-3')
;
2168.445 4 ? ? ? ? 
2 non-polymer syn "N,N'-(dibenzo[b,j][1,7]phenanthroline-2,10-diyldimethanediyl)dipropan-1-amine" 422.565  2 ? ? ? ? 
# 
_entity_poly.entity_id                      1 
_entity_poly.type                           polydeoxyribonucleotide 
_entity_poly.nstd_linkage                   no 
_entity_poly.nstd_monomer                   no 
_entity_poly.pdbx_seq_one_letter_code       '(DT)(DT)(DA)(DG)(DG)(DG)(DT)' 
_entity_poly.pdbx_seq_one_letter_code_can   TTAGGGT 
_entity_poly.pdbx_strand_id                 A,B,C,D 
_entity_poly.pdbx_target_identifier         ? 
# 
_pdbx_entity_nonpoly.entity_id   2 
_pdbx_entity_nonpoly.name        "N,N'-(dibenzo[b,j][1,7]phenanthroline-2,10-diyldimethanediyl)dipropan-1-amine" 
_pdbx_entity_nonpoly.comp_id     MM0 
# 
loop_
_entity_poly_seq.entity_id 
_entity_poly_seq.num 
_entity_poly_seq.mon_id 
_entity_poly_seq.hetero 
1 1 DT n 
1 2 DT n 
1 3 DA n 
1 4 DG n 
1 5 DG n 
1 6 DG n 
1 7 DT n 
# 
loop_
_chem_comp.id 
_chem_comp.type 
_chem_comp.mon_nstd_flag 
_chem_comp.name 
_chem_comp.pdbx_synonyms 
_chem_comp.formula 
_chem_comp.formula_weight 
DA  'DNA linking' y "2'-DEOXYADENOSINE-5'-MONOPHOSPHATE"                                            ? 'C10 H14 N5 O6 P' 331.222 
DG  'DNA linking' y "2'-DEOXYGUANOSINE-5'-MONOPHOSPHATE"                                            ? 'C10 H14 N5 O7 P' 347.221 
DT  'DNA linking' y "THYMIDINE-5'-MONOPHOSPHATE"                                                    ? 'C10 H15 N2 O8 P' 322.208 
MM0 non-polymer   . "N,N'-(dibenzo[b,j][1,7]phenanthroline-2,10-diyldimethanediyl)dipropan-1-amine" ? 'C28 H30 N4'      422.565 
# 
loop_
_pdbx_poly_seq_scheme.asym_id 
_pdbx_poly_seq_scheme.entity_id 
_pdbx_poly_seq_scheme.seq_id 
_pdbx_poly_seq_scheme.mon_id 
_pdbx_poly_seq_scheme.ndb_seq_num 
_pdbx_poly_seq_scheme.pdb_seq_num 
_pdbx_poly_seq_scheme.auth_seq_num 
_pdbx_poly_seq_scheme.pdb_mon_id 
_pdbx_poly_seq_scheme.auth_mon_id 
_pdbx_poly_seq_scheme.pdb_strand_id 
_pdbx_poly_seq_scheme.pdb_ins_code 
_pdbx_poly_seq_scheme.hetero 
A 1 1 DT 1 1  1  DT T A . n 
A 1 2 DT 2 2  2  DT T A . n 
A 1 3 DA 3 3  3  DA A A . n 
A 1 4 DG 4 4  4  DG G A . n 
A 1 5 DG 5 5  5  DG G A . n 
A 1 6 DG 6 6  6  DG G A . n 
A 1 7 DT 7 7  7  DT T A . n 
B 1 1 DT 1 8  8  DT T B . n 
B 1 2 DT 2 9  9  DT T B . n 
B 1 3 DA 3 10 10 DA A B . n 
B 1 4 DG 4 11 11 DG G B . n 
B 1 5 DG 5 12 12 DG G B . n 
B 1 6 DG 6 13 13 DG G B . n 
B 1 7 DT 7 14 14 DT T B . n 
C 1 1 DT 1 15 15 DT T C . n 
C 1 2 DT 2 16 16 DT T C . n 
C 1 3 DA 3 17 17 DA A C . n 
C 1 4 DG 4 18 18 DG G C . n 
C 1 5 DG 5 19 19 DG G C . n 
C 1 6 DG 6 20 20 DG G C . n 
C 1 7 DT 7 21 21 DT T C . n 
D 1 1 DT 1 22 22 DT T D . n 
D 1 2 DT 2 23 23 DT T D . n 
D 1 3 DA 3 24 24 DA A D . n 
D 1 4 DG 4 25 25 DG G D . n 
D 1 5 DG 5 26 26 DG G D . n 
D 1 6 DG 6 27 27 DG G D . n 
D 1 7 DT 7 28 28 DT T D . n 
# 
loop_
_pdbx_nonpoly_scheme.asym_id 
_pdbx_nonpoly_scheme.entity_id 
_pdbx_nonpoly_scheme.mon_id 
_pdbx_nonpoly_scheme.ndb_seq_num 
_pdbx_nonpoly_scheme.pdb_seq_num 
_pdbx_nonpoly_scheme.auth_seq_num 
_pdbx_nonpoly_scheme.pdb_mon_id 
_pdbx_nonpoly_scheme.auth_mon_id 
_pdbx_nonpoly_scheme.pdb_strand_id 
_pdbx_nonpoly_scheme.pdb_ins_code 
E 2 MM0 1 29 29 MM0 MM0 B . 
F 2 MM0 1 30 30 MM0 MM0 B . 
# 
_exptl.absorpt_coefficient_mu     ? 
_exptl.absorpt_correction_T_max   ? 
_exptl.absorpt_correction_T_min   ? 
_exptl.absorpt_correction_type    ? 
_exptl.absorpt_process_details    ? 
_exptl.crystals_number            ? 
_exptl.details                    ? 
_exptl.entry_id                   2JWQ 
_exptl.method                     'SOLUTION NMR' 
_exptl.method_details             ? 
# 
_struct.entry_id                  2JWQ 
_struct.title                     'G-quadruplex recognition by quinacridines: a SAR, NMR and Biological study' 
_struct.pdbx_model_details        ? 
_struct.pdbx_CASP_flag            ? 
_struct.pdbx_model_type_details   'minimized average' 
# 
_struct_keywords.entry_id        2JWQ 
_struct_keywords.pdbx_keywords   DNA 
_struct_keywords.text            'G-quadruplex, quinacridine, telomerase inhibitors, DNA' 
# 
loop_
_struct_asym.id 
_struct_asym.pdbx_blank_PDB_chainid_flag 
_struct_asym.pdbx_modified 
_struct_asym.entity_id 
_struct_asym.details 
A N N 1 ? 
B N N 1 ? 
C N N 1 ? 
D N N 1 ? 
E N N 2 ? 
F N N 2 ? 
# 
_struct_ref.id                         1 
_struct_ref.db_code                    2JWQ 
_struct_ref.db_name                    PDB 
_struct_ref.entity_id                  1 
_struct_ref.pdbx_db_accession          2JWQ 
_struct_ref.pdbx_align_begin           1 
_struct_ref.pdbx_seq_one_letter_code   TTAGGGT 
_struct_ref.pdbx_db_isoform            ? 
# 
loop_
_struct_ref_seq.align_id 
_struct_ref_seq.ref_id 
_struct_ref_seq.pdbx_PDB_id_code 
_struct_ref_seq.pdbx_strand_id 
_struct_ref_seq.seq_align_beg 
_struct_ref_seq.pdbx_seq_align_beg_ins_code 
_struct_ref_seq.seq_align_end 
_struct_ref_seq.pdbx_seq_align_end_ins_code 
_struct_ref_seq.pdbx_db_accession 
_struct_ref_seq.db_align_beg 
_struct_ref_seq.pdbx_db_align_beg_ins_code 
_struct_ref_seq.db_align_end 
_struct_ref_seq.pdbx_db_align_end_ins_code 
_struct_ref_seq.pdbx_auth_seq_align_beg 
_struct_ref_seq.pdbx_auth_seq_align_end 
1 1 2JWQ A 1 ? 7 ? 2JWQ 1  ? 7  ? 1  7  
2 1 2JWQ B 1 ? 7 ? 2JWQ 8  ? 14 ? 8  14 
3 1 2JWQ C 1 ? 7 ? 2JWQ 15 ? 21 ? 15 21 
4 1 2JWQ D 1 ? 7 ? 2JWQ 22 ? 28 ? 22 28 
# 
_pdbx_struct_assembly.id                   1 
_pdbx_struct_assembly.details              author_defined_assembly 
_pdbx_struct_assembly.method_details       ? 
_pdbx_struct_assembly.oligomeric_details   tetrameric 
_pdbx_struct_assembly.oligomeric_count     4 
# 
_pdbx_struct_assembly_gen.assembly_id       1 
_pdbx_struct_assembly_gen.oper_expression   1 
_pdbx_struct_assembly_gen.asym_id_list      A,B,C,D,E,F 
# 
_pdbx_struct_oper_list.id                   1 
_pdbx_struct_oper_list.type                 'identity operation' 
_pdbx_struct_oper_list.name                 1_555 
_pdbx_struct_oper_list.symmetry_operation   x,y,z 
_pdbx_struct_oper_list.matrix[1][1]         1.0000000000 
_pdbx_struct_oper_list.matrix[1][2]         0.0000000000 
_pdbx_struct_oper_list.matrix[1][3]         0.0000000000 
_pdbx_struct_oper_list.vector[1]            0.0000000000 
_pdbx_struct_oper_list.matrix[2][1]         0.0000000000 
_pdbx_struct_oper_list.matrix[2][2]         1.0000000000 
_pdbx_struct_oper_list.matrix[2][3]         0.0000000000 
_pdbx_struct_oper_list.vector[2]            0.0000000000 
_pdbx_struct_oper_list.matrix[3][1]         0.0000000000 
_pdbx_struct_oper_list.matrix[3][2]         0.0000000000 
_pdbx_struct_oper_list.matrix[3][3]         1.0000000000 
_pdbx_struct_oper_list.vector[3]            0.0000000000 
# 
_struct_biol.id        1 
_struct_biol.details   ? 
# 
loop_
_struct_conn.id 
_struct_conn.conn_type_id 
_struct_conn.pdbx_leaving_atom_flag 
_struct_conn.pdbx_PDB_id 
_struct_conn.ptnr1_label_asym_id 
_struct_conn.ptnr1_label_comp_id 
_struct_conn.ptnr1_label_seq_id 
_struct_conn.ptnr1_label_atom_id 
_struct_conn.pdbx_ptnr1_label_alt_id 
_struct_conn.pdbx_ptnr1_PDB_ins_code 
_struct_conn.pdbx_ptnr1_standard_comp_id 
_struct_conn.ptnr1_symmetry 
_struct_conn.ptnr2_label_asym_id 
_struct_conn.ptnr2_label_comp_id 
_struct_conn.ptnr2_label_seq_id 
_struct_conn.ptnr2_label_atom_id 
_struct_conn.pdbx_ptnr2_label_alt_id 
_struct_conn.pdbx_ptnr2_PDB_ins_code 
_struct_conn.ptnr1_auth_asym_id 
_struct_conn.ptnr1_auth_comp_id 
_struct_conn.ptnr1_auth_seq_id 
_struct_conn.ptnr2_auth_asym_id 
_struct_conn.ptnr2_auth_comp_id 
_struct_conn.ptnr2_auth_seq_id 
_struct_conn.ptnr2_symmetry 
_struct_conn.pdbx_ptnr3_label_atom_id 
_struct_conn.pdbx_ptnr3_label_seq_id 
_struct_conn.pdbx_ptnr3_label_comp_id 
_struct_conn.pdbx_ptnr3_label_asym_id 
_struct_conn.pdbx_ptnr3_label_alt_id 
_struct_conn.pdbx_ptnr3_PDB_ins_code 
_struct_conn.details 
_struct_conn.pdbx_dist_value 
_struct_conn.pdbx_value_order 
_struct_conn.pdbx_role 
hydrog1  hydrog ? ? A DT 1 O4 ? ? ? 1_555 C DT 1 N3 ? ? A DT 1  C DT 15 1_555 ? ? ? ? ? ? 'DT-DT MISPAIR' ? ? ? 
hydrog2  hydrog ? ? A DT 1 N3 ? ? ? 1_555 D DT 1 O4 ? ? A DT 1  D DT 22 1_555 ? ? ? ? ? ? 'DT-DT MISPAIR' ? ? ? 
hydrog3  hydrog ? ? A DT 2 O4 ? ? ? 1_555 C DA 3 N6 ? ? A DT 2  C DA 17 1_555 ? ? ? ? ? ? 'DT-DA PAIR'    ? ? ? 
hydrog4  hydrog ? ? A DA 3 N6 ? ? ? 1_555 C DA 3 N1 ? ? A DA 3  C DA 17 1_555 ? ? ? ? ? ? 'DA-DA MISPAIR' ? ? ? 
hydrog5  hydrog ? ? A DA 3 N1 ? ? ? 1_555 D DA 3 N6 ? ? A DA 3  D DA 24 1_555 ? ? ? ? ? ? 'DA-DA MISPAIR' ? ? ? 
hydrog6  hydrog ? ? A DG 4 N7 ? ? ? 1_555 C DG 4 N2 ? ? A DG 4  C DG 18 1_555 ? ? ? ? ? ? TYPE_6_PAIR     ? ? ? 
hydrog7  hydrog ? ? A DG 4 O6 ? ? ? 1_555 C DG 4 N1 ? ? A DG 4  C DG 18 1_555 ? ? ? ? ? ? TYPE_6_PAIR     ? ? ? 
hydrog8  hydrog ? ? A DG 4 N1 ? ? ? 1_555 D DG 4 O6 ? ? A DG 4  D DG 25 1_555 ? ? ? ? ? ? TYPE_6_PAIR     ? ? ? 
hydrog9  hydrog ? ? A DG 4 N2 ? ? ? 1_555 D DG 4 N7 ? ? A DG 4  D DG 25 1_555 ? ? ? ? ? ? TYPE_6_PAIR     ? ? ? 
hydrog10 hydrog ? ? A DG 5 N7 ? ? ? 1_555 C DG 5 N2 ? ? A DG 5  C DG 19 1_555 ? ? ? ? ? ? TYPE_6_PAIR     ? ? ? 
hydrog11 hydrog ? ? A DG 5 O6 ? ? ? 1_555 C DG 5 N1 ? ? A DG 5  C DG 19 1_555 ? ? ? ? ? ? TYPE_6_PAIR     ? ? ? 
hydrog12 hydrog ? ? A DG 5 N1 ? ? ? 1_555 D DG 5 O6 ? ? A DG 5  D DG 26 1_555 ? ? ? ? ? ? TYPE_6_PAIR     ? ? ? 
hydrog13 hydrog ? ? A DG 5 N2 ? ? ? 1_555 D DG 5 N7 ? ? A DG 5  D DG 26 1_555 ? ? ? ? ? ? TYPE_6_PAIR     ? ? ? 
hydrog14 hydrog ? ? A DG 6 N7 ? ? ? 1_555 C DG 6 N2 ? ? A DG 6  C DG 20 1_555 ? ? ? ? ? ? TYPE_6_PAIR     ? ? ? 
hydrog15 hydrog ? ? A DG 6 O6 ? ? ? 1_555 C DG 6 N1 ? ? A DG 6  C DG 20 1_555 ? ? ? ? ? ? TYPE_6_PAIR     ? ? ? 
hydrog16 hydrog ? ? A DG 6 N1 ? ? ? 1_555 D DG 6 O6 ? ? A DG 6  D DG 27 1_555 ? ? ? ? ? ? TYPE_6_PAIR     ? ? ? 
hydrog17 hydrog ? ? A DG 6 N2 ? ? ? 1_555 D DG 6 N7 ? ? A DG 6  D DG 27 1_555 ? ? ? ? ? ? TYPE_6_PAIR     ? ? ? 
hydrog18 hydrog ? ? A DT 7 N3 ? ? ? 1_555 D DT 7 O4 ? ? A DT 7  D DT 28 1_555 ? ? ? ? ? ? 'DT-DT MISPAIR' ? ? ? 
hydrog19 hydrog ? ? B DT 1 N3 ? ? ? 1_555 C DT 1 O4 ? ? B DT 8  C DT 15 1_555 ? ? ? ? ? ? 'DT-DT MISPAIR' ? ? ? 
hydrog20 hydrog ? ? B DT 1 O4 ? ? ? 1_555 D DT 1 N3 ? ? B DT 8  D DT 22 1_555 ? ? ? ? ? ? 'DT-DT MISPAIR' ? ? ? 
hydrog21 hydrog ? ? B DA 3 N1 ? ? ? 1_555 C DA 3 N6 ? ? B DA 10 C DA 17 1_555 ? ? ? ? ? ? 'DA-DA MISPAIR' ? ? ? 
hydrog22 hydrog ? ? B DA 3 N6 ? ? ? 1_555 D DA 3 N1 ? ? B DA 10 D DA 24 1_555 ? ? ? ? ? ? 'DA-DA MISPAIR' ? ? ? 
hydrog23 hydrog ? ? B DG 4 N1 ? ? ? 1_555 C DG 4 O6 ? ? B DG 11 C DG 18 1_555 ? ? ? ? ? ? TYPE_6_PAIR     ? ? ? 
hydrog24 hydrog ? ? B DG 4 N2 ? ? ? 1_555 C DG 4 N7 ? ? B DG 11 C DG 18 1_555 ? ? ? ? ? ? TYPE_6_PAIR     ? ? ? 
hydrog25 hydrog ? ? B DG 4 N7 ? ? ? 1_555 D DG 4 N2 ? ? B DG 11 D DG 25 1_555 ? ? ? ? ? ? TYPE_6_PAIR     ? ? ? 
hydrog26 hydrog ? ? B DG 4 O6 ? ? ? 1_555 D DG 4 N1 ? ? B DG 11 D DG 25 1_555 ? ? ? ? ? ? TYPE_6_PAIR     ? ? ? 
hydrog27 hydrog ? ? B DG 5 N1 ? ? ? 1_555 C DG 5 O6 ? ? B DG 12 C DG 19 1_555 ? ? ? ? ? ? TYPE_6_PAIR     ? ? ? 
hydrog28 hydrog ? ? B DG 5 N2 ? ? ? 1_555 C DG 5 N7 ? ? B DG 12 C DG 19 1_555 ? ? ? ? ? ? TYPE_6_PAIR     ? ? ? 
hydrog29 hydrog ? ? B DG 5 O6 ? ? ? 1_555 D DG 5 N1 ? ? B DG 12 D DG 26 1_555 ? ? ? ? ? ? 'DG-DG MISPAIR' ? ? ? 
hydrog30 hydrog ? ? B DG 6 N1 ? ? ? 1_555 C DG 6 O6 ? ? B DG 13 C DG 20 1_555 ? ? ? ? ? ? TYPE_6_PAIR     ? ? ? 
hydrog31 hydrog ? ? B DG 6 N2 ? ? ? 1_555 C DG 6 N7 ? ? B DG 13 C DG 20 1_555 ? ? ? ? ? ? TYPE_6_PAIR     ? ? ? 
hydrog32 hydrog ? ? B DG 6 N7 ? ? ? 1_555 D DG 6 N2 ? ? B DG 13 D DG 27 1_555 ? ? ? ? ? ? TYPE_6_PAIR     ? ? ? 
hydrog33 hydrog ? ? B DG 6 O6 ? ? ? 1_555 D DG 6 N1 ? ? B DG 13 D DG 27 1_555 ? ? ? ? ? ? TYPE_6_PAIR     ? ? ? 
# 
_struct_conn_type.id          hydrog 
_struct_conn_type.criteria    ? 
_struct_conn_type.reference   ? 
# 
loop_
_struct_site.id 
_struct_site.pdbx_evidence_code 
_struct_site.pdbx_auth_asym_id 
_struct_site.pdbx_auth_comp_id 
_struct_site.pdbx_auth_seq_id 
_struct_site.pdbx_auth_ins_code 
_struct_site.pdbx_num_residues 
_struct_site.details 
AC1 Software B MM0 29 ? 8  'BINDING SITE FOR RESIDUE MM0 B 29' 
AC2 Software B MM0 30 ? 10 'BINDING SITE FOR RESIDUE MM0 B 30' 
1   ?        ? ?   ?  ? ?  ?                                   
# 
loop_
_struct_site_gen.id 
_struct_site_gen.site_id 
_struct_site_gen.pdbx_num_res 
_struct_site_gen.label_comp_id 
_struct_site_gen.label_asym_id 
_struct_site_gen.label_seq_id 
_struct_site_gen.pdbx_auth_ins_code 
_struct_site_gen.auth_comp_id 
_struct_site_gen.auth_asym_id 
_struct_site_gen.auth_seq_id 
_struct_site_gen.label_atom_id 
_struct_site_gen.label_alt_id 
_struct_site_gen.symmetry 
_struct_site_gen.details 
1  AC1 8  DA A 3 ? DA A 3  . ? 1_555 ? 
2  AC1 8  DG A 4 ? DG A 4  . ? 1_555 ? 
3  AC1 8  DA B 3 ? DA B 10 . ? 1_555 ? 
4  AC1 8  DG B 4 ? DG B 11 . ? 1_555 ? 
5  AC1 8  DT D 2 ? DT D 23 . ? 1_555 ? 
6  AC1 8  DA D 3 ? DA D 24 . ? 1_555 ? 
7  AC1 8  DG D 4 ? DG D 25 . ? 1_555 ? 
8  AC1 8  DG D 5 ? DG D 26 . ? 1_555 ? 
9  AC2 10 DG A 5 ? DG A 5  . ? 1_555 ? 
10 AC2 10 DG A 6 ? DG A 6  . ? 1_555 ? 
11 AC2 10 DT A 7 ? DT A 7  . ? 1_555 ? 
12 AC2 10 DG B 4 ? DG B 11 . ? 1_555 ? 
13 AC2 10 DG B 5 ? DG B 12 . ? 1_555 ? 
14 AC2 10 DG B 6 ? DG B 13 . ? 1_555 ? 
15 AC2 10 DT B 7 ? DT B 14 . ? 1_555 ? 
16 AC2 10 DT C 7 ? DT C 21 . ? 1_555 ? 
17 AC2 10 DG D 6 ? DG D 27 . ? 1_555 ? 
18 AC2 10 DT D 7 ? DT D 28 . ? 1_555 ? 
# 
loop_
_pdbx_validate_close_contact.id 
_pdbx_validate_close_contact.PDB_model_num 
_pdbx_validate_close_contact.auth_atom_id_1 
_pdbx_validate_close_contact.auth_asym_id_1 
_pdbx_validate_close_contact.auth_comp_id_1 
_pdbx_validate_close_contact.auth_seq_id_1 
_pdbx_validate_close_contact.PDB_ins_code_1 
_pdbx_validate_close_contact.label_alt_id_1 
_pdbx_validate_close_contact.auth_atom_id_2 
_pdbx_validate_close_contact.auth_asym_id_2 
_pdbx_validate_close_contact.auth_comp_id_2 
_pdbx_validate_close_contact.auth_seq_id_2 
_pdbx_validate_close_contact.PDB_ins_code_2 
_pdbx_validate_close_contact.label_alt_id_2 
_pdbx_validate_close_contact.dist 
1 1 H73 A DT 1  ? ? O2 C DT 16 ? ? 1.43 
2 1 H1  B DG 12 ? ? O6 C DG 19 ? ? 1.60 
# 
_pdbx_validate_rmsd_bond.id                        1 
_pdbx_validate_rmsd_bond.PDB_model_num             1 
_pdbx_validate_rmsd_bond.auth_atom_id_1            "C5'" 
_pdbx_validate_rmsd_bond.auth_asym_id_1            B 
_pdbx_validate_rmsd_bond.auth_comp_id_1            DG 
_pdbx_validate_rmsd_bond.auth_seq_id_1             11 
_pdbx_validate_rmsd_bond.PDB_ins_code_1            ? 
_pdbx_validate_rmsd_bond.label_alt_id_1            ? 
_pdbx_validate_rmsd_bond.auth_atom_id_2            "C4'" 
_pdbx_validate_rmsd_bond.auth_asym_id_2            B 
_pdbx_validate_rmsd_bond.auth_comp_id_2            DG 
_pdbx_validate_rmsd_bond.auth_seq_id_2             11 
_pdbx_validate_rmsd_bond.PDB_ins_code_2            ? 
_pdbx_validate_rmsd_bond.label_alt_id_2            ? 
_pdbx_validate_rmsd_bond.bond_value                1.555 
_pdbx_validate_rmsd_bond.bond_target_value         1.512 
_pdbx_validate_rmsd_bond.bond_deviation            0.043 
_pdbx_validate_rmsd_bond.bond_standard_deviation   0.007 
_pdbx_validate_rmsd_bond.linker_flag               N 
# 
loop_
_pdbx_validate_rmsd_angle.id 
_pdbx_validate_rmsd_angle.PDB_model_num 
_pdbx_validate_rmsd_angle.auth_atom_id_1 
_pdbx_validate_rmsd_angle.auth_asym_id_1 
_pdbx_validate_rmsd_angle.auth_comp_id_1 
_pdbx_validate_rmsd_angle.auth_seq_id_1 
_pdbx_validate_rmsd_angle.PDB_ins_code_1 
_pdbx_validate_rmsd_angle.label_alt_id_1 
_pdbx_validate_rmsd_angle.auth_atom_id_2 
_pdbx_validate_rmsd_angle.auth_asym_id_2 
_pdbx_validate_rmsd_angle.auth_comp_id_2 
_pdbx_validate_rmsd_angle.auth_seq_id_2 
_pdbx_validate_rmsd_angle.PDB_ins_code_2 
_pdbx_validate_rmsd_angle.label_alt_id_2 
_pdbx_validate_rmsd_angle.auth_atom_id_3 
_pdbx_validate_rmsd_angle.auth_asym_id_3 
_pdbx_validate_rmsd_angle.auth_comp_id_3 
_pdbx_validate_rmsd_angle.auth_seq_id_3 
_pdbx_validate_rmsd_angle.PDB_ins_code_3 
_pdbx_validate_rmsd_angle.label_alt_id_3 
_pdbx_validate_rmsd_angle.angle_value 
_pdbx_validate_rmsd_angle.angle_target_value 
_pdbx_validate_rmsd_angle.angle_deviation 
_pdbx_validate_rmsd_angle.angle_standard_deviation 
_pdbx_validate_rmsd_angle.linker_flag 
1  1 "O4'" A DA 3  ? ? "C1'" A DA 3  ? ? N9    A DA 3  ? ? 110.40 108.30 2.10  0.30 N 
2  1 "O4'" A DG 4  ? ? "C1'" A DG 4  ? ? N9    A DG 4  ? ? 115.44 108.30 7.14  0.30 N 
3  1 "O4'" A DG 6  ? ? "C1'" A DG 6  ? ? N9    A DG 6  ? ? 111.20 108.30 2.90  0.30 N 
4  1 "O4'" A DT 7  ? ? "C1'" A DT 7  ? ? N1    A DT 7  ? ? 113.52 108.30 5.22  0.30 N 
5  1 "O4'" B DA 10 ? ? "C1'" B DA 10 ? ? N9    B DA 10 ? ? 113.42 108.30 5.12  0.30 N 
6  1 "C4'" B DG 11 ? ? "C3'" B DG 11 ? ? "C2'" B DG 11 ? ? 97.96  102.20 -4.24 0.70 N 
7  1 "O4'" B DG 11 ? ? "C1'" B DG 11 ? ? N9    B DG 11 ? ? 113.52 108.30 5.22  0.30 N 
8  1 "O4'" B DG 13 ? ? "C1'" B DG 13 ? ? N9    B DG 13 ? ? 113.01 108.30 4.71  0.30 N 
9  1 "O4'" B DT 14 ? ? "C1'" B DT 14 ? ? N1    B DT 14 ? ? 111.19 108.30 2.89  0.30 N 
10 1 "O4'" C DG 18 ? ? "C1'" C DG 18 ? ? N9    C DG 18 ? ? 112.72 108.30 4.42  0.30 N 
11 1 "O4'" C DG 20 ? ? "C1'" C DG 20 ? ? N9    C DG 20 ? ? 112.29 108.30 3.99  0.30 N 
12 1 "O4'" C DT 21 ? ? "C1'" C DT 21 ? ? N1    C DT 21 ? ? 112.42 108.30 4.12  0.30 N 
13 1 C6    C DT 21 ? ? C5    C DT 21 ? ? C7    C DT 21 ? ? 119.01 122.90 -3.89 0.60 N 
14 1 "O4'" D DA 24 ? ? "C1'" D DA 24 ? ? N9    D DA 24 ? ? 110.71 108.30 2.41  0.30 N 
15 1 "O4'" D DG 25 ? ? "C1'" D DG 25 ? ? N9    D DG 25 ? ? 112.66 108.30 4.36  0.30 N 
16 1 "O4'" D DG 27 ? ? "C1'" D DG 27 ? ? N9    D DG 27 ? ? 111.62 108.30 3.32  0.30 N 
17 1 "O4'" D DT 28 ? ? "C1'" D DT 28 ? ? N1    D DT 28 ? ? 112.19 108.30 3.89  0.30 N 
# 
loop_
_pdbx_validate_planes.id 
_pdbx_validate_planes.PDB_model_num 
_pdbx_validate_planes.auth_comp_id 
_pdbx_validate_planes.auth_asym_id 
_pdbx_validate_planes.auth_seq_id 
_pdbx_validate_planes.PDB_ins_code 
_pdbx_validate_planes.label_alt_id 
_pdbx_validate_planes.rmsd 
_pdbx_validate_planes.type 
1 1 DG A 6  ? ? 0.055 'SIDE CHAIN' 
2 1 DT A 7  ? ? 0.078 'SIDE CHAIN' 
3 1 DG C 18 ? ? 0.092 'SIDE CHAIN' 
4 1 DG C 20 ? ? 0.086 'SIDE CHAIN' 
# 
_struct_site_keywords.site_id   1 
_struct_site_keywords.text      INTERCALATION 
# 
_pdbx_nmr_ensemble.average_constraint_violations_per_residue     ? 
_pdbx_nmr_ensemble.average_constraints_per_residue               ? 
_pdbx_nmr_ensemble.average_distance_constraint_violation         ? 
_pdbx_nmr_ensemble.average_torsion_angle_constraint_violation    ? 
_pdbx_nmr_ensemble.conformer_selection_criteria                  'all calculated structures submitted' 
_pdbx_nmr_ensemble.conformers_calculated_total_number            4 
_pdbx_nmr_ensemble.conformers_submitted_total_number             1 
_pdbx_nmr_ensemble.distance_constraint_violation_method          ? 
_pdbx_nmr_ensemble.entry_id                                      2JWQ 
_pdbx_nmr_ensemble.maximum_distance_constraint_violation         ? 
_pdbx_nmr_ensemble.maximum_lower_distance_constraint_violation   ? 
_pdbx_nmr_ensemble.maximum_torsion_angle_constraint_violation    ? 
_pdbx_nmr_ensemble.maximum_upper_distance_constraint_violation   ? 
_pdbx_nmr_ensemble.torsion_angle_constraint_violation_method     ? 
# 
_pdbx_nmr_representative.conformer_id         1 
_pdbx_nmr_representative.entry_id             2JWQ 
_pdbx_nmr_representative.selection_criteria   'minimized average structure' 
# 
_pdbx_nmr_sample_details.contents         '1,3 mM G-quadruplex, 90% H2O/10% D2O' 
_pdbx_nmr_sample_details.solution_id      1 
_pdbx_nmr_sample_details.solvent_system   '90% H2O/10% D2O' 
# 
_pdbx_nmr_exptl_sample.component             G-quadruplex 
_pdbx_nmr_exptl_sample.concentration         1 
_pdbx_nmr_exptl_sample.concentration_units   mM 
_pdbx_nmr_exptl_sample.isotopic_labeling     ? 
_pdbx_nmr_exptl_sample.solution_id           1 
# 
_pdbx_nmr_exptl_sample_conditions.conditions_id       1 
_pdbx_nmr_exptl_sample_conditions.ionic_strength      '0.1 M KCl and 0.01 M K2HPO4' 
_pdbx_nmr_exptl_sample_conditions.pH                  7 
_pdbx_nmr_exptl_sample_conditions.pressure            1 
_pdbx_nmr_exptl_sample_conditions.pressure_units      atm 
_pdbx_nmr_exptl_sample_conditions.temperature         318 
_pdbx_nmr_exptl_sample_conditions.temperature_units   K 
# 
loop_
_pdbx_nmr_exptl.conditions_id 
_pdbx_nmr_exptl.experiment_id 
_pdbx_nmr_exptl.solution_id 
_pdbx_nmr_exptl.type 
1 1 1 '2D 1H-1H TOCSY' 
1 2 1 '2D DQF-COSY'    
1 3 1 '2D 1H-1H NOESY' 
# 
_pdbx_nmr_refine.entry_id           2JWQ 
_pdbx_nmr_refine.method             'simulated annealing' 
_pdbx_nmr_refine.details            ? 
_pdbx_nmr_refine.software_ordinal   1 
# 
_pdbx_nmr_software.authors          'Accelrys Software Inc.' 
_pdbx_nmr_software.classification   refinement 
_pdbx_nmr_software.name             Discover 
_pdbx_nmr_software.version          2004.1 
_pdbx_nmr_software.ordinal          1 
# 
loop_
_chem_comp_atom.comp_id 
_chem_comp_atom.atom_id 
_chem_comp_atom.type_symbol 
_chem_comp_atom.pdbx_aromatic_flag 
_chem_comp_atom.pdbx_stereo_config 
_chem_comp_atom.pdbx_ordinal 
DA  OP3    O N N 1   
DA  P      P N N 2   
DA  OP1    O N N 3   
DA  OP2    O N N 4   
DA  "O5'"  O N N 5   
DA  "C5'"  C N N 6   
DA  "C4'"  C N R 7   
DA  "O4'"  O N N 8   
DA  "C3'"  C N S 9   
DA  "O3'"  O N N 10  
DA  "C2'"  C N N 11  
DA  "C1'"  C N R 12  
DA  N9     N Y N 13  
DA  C8     C Y N 14  
DA  N7     N Y N 15  
DA  C5     C Y N 16  
DA  C6     C Y N 17  
DA  N6     N N N 18  
DA  N1     N Y N 19  
DA  C2     C Y N 20  
DA  N3     N Y N 21  
DA  C4     C Y N 22  
DA  HOP3   H N N 23  
DA  HOP2   H N N 24  
DA  "H5'"  H N N 25  
DA  "H5''" H N N 26  
DA  "H4'"  H N N 27  
DA  "H3'"  H N N 28  
DA  "HO3'" H N N 29  
DA  "H2'"  H N N 30  
DA  "H2''" H N N 31  
DA  "H1'"  H N N 32  
DA  H8     H N N 33  
DA  H61    H N N 34  
DA  H62    H N N 35  
DA  H2     H N N 36  
DG  OP3    O N N 37  
DG  P      P N N 38  
DG  OP1    O N N 39  
DG  OP2    O N N 40  
DG  "O5'"  O N N 41  
DG  "C5'"  C N N 42  
DG  "C4'"  C N R 43  
DG  "O4'"  O N N 44  
DG  "C3'"  C N S 45  
DG  "O3'"  O N N 46  
DG  "C2'"  C N N 47  
DG  "C1'"  C N R 48  
DG  N9     N Y N 49  
DG  C8     C Y N 50  
DG  N7     N Y N 51  
DG  C5     C Y N 52  
DG  C6     C N N 53  
DG  O6     O N N 54  
DG  N1     N N N 55  
DG  C2     C N N 56  
DG  N2     N N N 57  
DG  N3     N N N 58  
DG  C4     C Y N 59  
DG  HOP3   H N N 60  
DG  HOP2   H N N 61  
DG  "H5'"  H N N 62  
DG  "H5''" H N N 63  
DG  "H4'"  H N N 64  
DG  "H3'"  H N N 65  
DG  "HO3'" H N N 66  
DG  "H2'"  H N N 67  
DG  "H2''" H N N 68  
DG  "H1'"  H N N 69  
DG  H8     H N N 70  
DG  H1     H N N 71  
DG  H21    H N N 72  
DG  H22    H N N 73  
DT  OP3    O N N 74  
DT  P      P N N 75  
DT  OP1    O N N 76  
DT  OP2    O N N 77  
DT  "O5'"  O N N 78  
DT  "C5'"  C N N 79  
DT  "C4'"  C N R 80  
DT  "O4'"  O N N 81  
DT  "C3'"  C N S 82  
DT  "O3'"  O N N 83  
DT  "C2'"  C N N 84  
DT  "C1'"  C N R 85  
DT  N1     N N N 86  
DT  C2     C N N 87  
DT  O2     O N N 88  
DT  N3     N N N 89  
DT  C4     C N N 90  
DT  O4     O N N 91  
DT  C5     C N N 92  
DT  C7     C N N 93  
DT  C6     C N N 94  
DT  HOP3   H N N 95  
DT  HOP2   H N N 96  
DT  "H5'"  H N N 97  
DT  "H5''" H N N 98  
DT  "H4'"  H N N 99  
DT  "H3'"  H N N 100 
DT  "HO3'" H N N 101 
DT  "H2'"  H N N 102 
DT  "H2''" H N N 103 
DT  "H1'"  H N N 104 
DT  H3     H N N 105 
DT  H71    H N N 106 
DT  H72    H N N 107 
DT  H73    H N N 108 
DT  H6     H N N 109 
MM0 C1     C Y N 110 
MM0 C2     C Y N 111 
MM0 C3     C Y N 112 
MM0 C5     C Y N 113 
MM0 C6     C Y N 114 
MM0 C8     C Y N 115 
MM0 C9     C Y N 116 
MM0 C10    C Y N 117 
MM0 C12    C Y N 118 
MM0 C13    C Y N 119 
MM0 C4     C Y N 120 
MM0 C7     C Y N 121 
MM0 C11    C Y N 122 
MM0 N1     N Y N 123 
MM0 C14    C Y N 124 
MM0 C15    C Y N 125 
MM0 N2     N N N 126 
MM0 C16    C Y N 127 
MM0 C17    C N N 128 
MM0 C18    C N N 129 
MM0 N3     N N N 130 
MM0 C19    C N N 131 
MM0 C20    C N N 132 
MM0 C21    C N N 133 
MM0 C22    C N N 134 
MM0 C23    C N N 135 
MM0 C      C N N 136 
MM0 C4A    C Y N 137 
MM0 C9A    C Y N 138 
MM0 C10A   C Y N 139 
MM0 C8A    C Y N 140 
MM0 N      N Y N 141 
MM0 H      H N N 142 
MM0 HA     H N N 143 
MM0 H2     H N N 144 
MM0 H14    H N N 145 
MM0 H20    H N N 146 
MM0 H9     H N N 147 
MM0 H17    H N N 148 
MM0 H20A   H N N 149 
MM0 HN3    H N N 150 
MM0 H21    H N N 151 
MM0 H22    H N N 152 
MM0 H3     H N N 153 
MM0 H4     H N N 154 
MM0 H7     H N N 155 
MM0 H8     H N N 156 
MM0 H10    H N N 157 
MM0 H12    H N N 158 
MM0 H13    H N N 159 
MM0 HN2    H N N 160 
MM0 H17A   H N N 161 
MM0 H18    H N N 162 
MM0 H18A   H N N 163 
MM0 H19    H N N 164 
MM0 H19A   H N N 165 
MM0 H19B   H N N 166 
MM0 H21A   H N N 167 
MM0 H22A   H N N 168 
MM0 H23    H N N 169 
MM0 H23A   H N N 170 
MM0 H23B   H N N 171 
# 
loop_
_chem_comp_bond.comp_id 
_chem_comp_bond.atom_id_1 
_chem_comp_bond.atom_id_2 
_chem_comp_bond.value_order 
_chem_comp_bond.pdbx_aromatic_flag 
_chem_comp_bond.pdbx_stereo_config 
_chem_comp_bond.pdbx_ordinal 
DA  OP3   P      sing N N 1   
DA  OP3   HOP3   sing N N 2   
DA  P     OP1    doub N N 3   
DA  P     OP2    sing N N 4   
DA  P     "O5'"  sing N N 5   
DA  OP2   HOP2   sing N N 6   
DA  "O5'" "C5'"  sing N N 7   
DA  "C5'" "C4'"  sing N N 8   
DA  "C5'" "H5'"  sing N N 9   
DA  "C5'" "H5''" sing N N 10  
DA  "C4'" "O4'"  sing N N 11  
DA  "C4'" "C3'"  sing N N 12  
DA  "C4'" "H4'"  sing N N 13  
DA  "O4'" "C1'"  sing N N 14  
DA  "C3'" "O3'"  sing N N 15  
DA  "C3'" "C2'"  sing N N 16  
DA  "C3'" "H3'"  sing N N 17  
DA  "O3'" "HO3'" sing N N 18  
DA  "C2'" "C1'"  sing N N 19  
DA  "C2'" "H2'"  sing N N 20  
DA  "C2'" "H2''" sing N N 21  
DA  "C1'" N9     sing N N 22  
DA  "C1'" "H1'"  sing N N 23  
DA  N9    C8     sing Y N 24  
DA  N9    C4     sing Y N 25  
DA  C8    N7     doub Y N 26  
DA  C8    H8     sing N N 27  
DA  N7    C5     sing Y N 28  
DA  C5    C6     sing Y N 29  
DA  C5    C4     doub Y N 30  
DA  C6    N6     sing N N 31  
DA  C6    N1     doub Y N 32  
DA  N6    H61    sing N N 33  
DA  N6    H62    sing N N 34  
DA  N1    C2     sing Y N 35  
DA  C2    N3     doub Y N 36  
DA  C2    H2     sing N N 37  
DA  N3    C4     sing Y N 38  
DG  OP3   P      sing N N 39  
DG  OP3   HOP3   sing N N 40  
DG  P     OP1    doub N N 41  
DG  P     OP2    sing N N 42  
DG  P     "O5'"  sing N N 43  
DG  OP2   HOP2   sing N N 44  
DG  "O5'" "C5'"  sing N N 45  
DG  "C5'" "C4'"  sing N N 46  
DG  "C5'" "H5'"  sing N N 47  
DG  "C5'" "H5''" sing N N 48  
DG  "C4'" "O4'"  sing N N 49  
DG  "C4'" "C3'"  sing N N 50  
DG  "C4'" "H4'"  sing N N 51  
DG  "O4'" "C1'"  sing N N 52  
DG  "C3'" "O3'"  sing N N 53  
DG  "C3'" "C2'"  sing N N 54  
DG  "C3'" "H3'"  sing N N 55  
DG  "O3'" "HO3'" sing N N 56  
DG  "C2'" "C1'"  sing N N 57  
DG  "C2'" "H2'"  sing N N 58  
DG  "C2'" "H2''" sing N N 59  
DG  "C1'" N9     sing N N 60  
DG  "C1'" "H1'"  sing N N 61  
DG  N9    C8     sing Y N 62  
DG  N9    C4     sing Y N 63  
DG  C8    N7     doub Y N 64  
DG  C8    H8     sing N N 65  
DG  N7    C5     sing Y N 66  
DG  C5    C6     sing N N 67  
DG  C5    C4     doub Y N 68  
DG  C6    O6     doub N N 69  
DG  C6    N1     sing N N 70  
DG  N1    C2     sing N N 71  
DG  N1    H1     sing N N 72  
DG  C2    N2     sing N N 73  
DG  C2    N3     doub N N 74  
DG  N2    H21    sing N N 75  
DG  N2    H22    sing N N 76  
DG  N3    C4     sing N N 77  
DT  OP3   P      sing N N 78  
DT  OP3   HOP3   sing N N 79  
DT  P     OP1    doub N N 80  
DT  P     OP2    sing N N 81  
DT  P     "O5'"  sing N N 82  
DT  OP2   HOP2   sing N N 83  
DT  "O5'" "C5'"  sing N N 84  
DT  "C5'" "C4'"  sing N N 85  
DT  "C5'" "H5'"  sing N N 86  
DT  "C5'" "H5''" sing N N 87  
DT  "C4'" "O4'"  sing N N 88  
DT  "C4'" "C3'"  sing N N 89  
DT  "C4'" "H4'"  sing N N 90  
DT  "O4'" "C1'"  sing N N 91  
DT  "C3'" "O3'"  sing N N 92  
DT  "C3'" "C2'"  sing N N 93  
DT  "C3'" "H3'"  sing N N 94  
DT  "O3'" "HO3'" sing N N 95  
DT  "C2'" "C1'"  sing N N 96  
DT  "C2'" "H2'"  sing N N 97  
DT  "C2'" "H2''" sing N N 98  
DT  "C1'" N1     sing N N 99  
DT  "C1'" "H1'"  sing N N 100 
DT  N1    C2     sing N N 101 
DT  N1    C6     sing N N 102 
DT  C2    O2     doub N N 103 
DT  C2    N3     sing N N 104 
DT  N3    C4     sing N N 105 
DT  N3    H3     sing N N 106 
DT  C4    O4     doub N N 107 
DT  C4    C5     sing N N 108 
DT  C5    C7     sing N N 109 
DT  C5    C6     doub N N 110 
DT  C7    H71    sing N N 111 
DT  C7    H72    sing N N 112 
DT  C7    H73    sing N N 113 
DT  C6    H6     sing N N 114 
MM0 C1    C2     sing Y N 115 
MM0 C1    C3     doub Y N 116 
MM0 C1    C      sing N N 117 
MM0 C2    C4     doub Y N 118 
MM0 C2    H2     sing N N 119 
MM0 C3    C15    sing Y N 120 
MM0 C3    H3     sing N N 121 
MM0 C5    C6     doub Y N 122 
MM0 C5    C14    sing Y N 123 
MM0 C5    C9A    sing Y N 124 
MM0 C6    C7     sing Y N 125 
MM0 C6    N1     sing Y N 126 
MM0 C8    C7     doub Y N 127 
MM0 C8    C4A    sing Y N 128 
MM0 C8    H8     sing N N 129 
MM0 C9    C4A    doub Y N 130 
MM0 C9    C10A   sing Y N 131 
MM0 C9    H9     sing N N 132 
MM0 C10   C11    doub Y N 133 
MM0 C10   C10A   sing Y N 134 
MM0 C10   H10    sing N N 135 
MM0 C12   C13    doub Y N 136 
MM0 C12   C11    sing Y N 137 
MM0 C12   H12    sing N N 138 
MM0 C13   C8A    sing Y N 139 
MM0 C13   H13    sing N N 140 
MM0 C4    C16    sing Y N 141 
MM0 C4    H4     sing N N 142 
MM0 C7    H7     sing N N 143 
MM0 C11   C20    sing N N 144 
MM0 N1    C16    doub Y N 145 
MM0 C14   C15    doub Y N 146 
MM0 C14   H14    sing N N 147 
MM0 C15   C16    sing Y N 148 
MM0 N2    C17    sing N N 149 
MM0 N2    C      sing N N 150 
MM0 N2    HN2    sing N N 151 
MM0 C17   C18    sing N N 152 
MM0 C17   H17    sing N N 153 
MM0 C17   H17A   sing N N 154 
MM0 C18   C19    sing N N 155 
MM0 C18   H18    sing N N 156 
MM0 C18   H18A   sing N N 157 
MM0 N3    C20    sing N N 158 
MM0 N3    C21    sing N N 159 
MM0 N3    HN3    sing N N 160 
MM0 C19   H19    sing N N 161 
MM0 C19   H19A   sing N N 162 
MM0 C19   H19B   sing N N 163 
MM0 C20   H20    sing N N 164 
MM0 C20   H20A   sing N N 165 
MM0 C21   C22    sing N N 166 
MM0 C21   H21    sing N N 167 
MM0 C21   H21A   sing N N 168 
MM0 C22   C23    sing N N 169 
MM0 C22   H22    sing N N 170 
MM0 C22   H22A   sing N N 171 
MM0 C23   H23    sing N N 172 
MM0 C23   H23A   sing N N 173 
MM0 C23   H23B   sing N N 174 
MM0 C     H      sing N N 175 
MM0 C     HA     sing N N 176 
MM0 C4A   C9A    sing Y N 177 
MM0 C9A   N      doub Y N 178 
MM0 C10A  C8A    doub Y N 179 
MM0 C8A   N      sing Y N 180 
# 
_ndb_struct_conf_na.entry_id   2JWQ 
_ndb_struct_conf_na.feature    'quadruple helix' 
# 
_pdbx_nmr_spectrometer.field_strength    500 
_pdbx_nmr_spectrometer.manufacturer      Varian 
_pdbx_nmr_spectrometer.model             UNITYPLUS 
_pdbx_nmr_spectrometer.spectrometer_id   1 
_pdbx_nmr_spectrometer.type              'Varian UnityPlus' 
# 
_atom_sites.entry_id                    2JWQ 
_atom_sites.fract_transf_matrix[1][1]   1.000000 
_atom_sites.fract_transf_matrix[1][2]   0.000000 
_atom_sites.fract_transf_matrix[1][3]   0.000000 
_atom_sites.fract_transf_matrix[2][1]   0.000000 
_atom_sites.fract_transf_matrix[2][2]   1.000000 
_atom_sites.fract_transf_matrix[2][3]   0.000000 
_atom_sites.fract_transf_matrix[3][1]   0.000000 
_atom_sites.fract_transf_matrix[3][2]   0.000000 
_atom_sites.fract_transf_matrix[3][3]   1.000000 
_atom_sites.fract_transf_vector[1]      0.00000 
_atom_sites.fract_transf_vector[2]      0.00000 
_atom_sites.fract_transf_vector[3]      0.00000 
# 
loop_
_atom_type.symbol 
C 
H 
N 
O 
P 
# 
loop_
_atom_site.group_PDB 
_atom_site.id 
_atom_site.type_symbol 
_atom_site.label_atom_id 
_atom_site.label_alt_id 
_atom_site.label_comp_id 
_atom_site.label_asym_id 
_atom_site.label_entity_id 
_atom_site.label_seq_id 
_atom_site.pdbx_PDB_ins_code 
_atom_site.Cartn_x 
_atom_site.Cartn_y 
_atom_site.Cartn_z 
_atom_site.occupancy 
_atom_site.B_iso_or_equiv 
_atom_site.pdbx_formal_charge 
_atom_site.auth_seq_id 
_atom_site.auth_comp_id 
_atom_site.auth_asym_id 
_atom_site.auth_atom_id 
_atom_site.pdbx_PDB_model_num 
ATOM   1    O "O5'"  . DT  A 1 1 ? -13.805 5.952   -3.798  1.00 0.00 ? 1  DT  A "O5'"  1 
ATOM   2    C "C5'"  . DT  A 1 1 ? -15.089 5.982   -3.125  1.00 0.00 ? 1  DT  A "C5'"  1 
ATOM   3    C "C4'"  . DT  A 1 1 ? -14.880 6.027   -1.629  1.00 0.00 ? 1  DT  A "C4'"  1 
ATOM   4    O "O4'"  . DT  A 1 1 ? -14.608 4.670   -1.154  1.00 0.00 ? 1  DT  A "O4'"  1 
ATOM   5    C "C3'"  . DT  A 1 1 ? -13.689 6.844   -1.134  1.00 0.00 ? 1  DT  A "C3'"  1 
ATOM   6    O "O3'"  . DT  A 1 1 ? -13.857 7.280   0.213   1.00 0.00 ? 1  DT  A "O3'"  1 
ATOM   7    C "C2'"  . DT  A 1 1 ? -12.544 5.847   -1.197  1.00 0.00 ? 1  DT  A "C2'"  1 
ATOM   8    C "C1'"  . DT  A 1 1 ? -13.238 4.542   -0.827  1.00 0.00 ? 1  DT  A "C1'"  1 
ATOM   9    N N1     . DT  A 1 1 ? -12.707 3.355   -1.549  1.00 0.00 ? 1  DT  A N1     1 
ATOM   10   C C2     . DT  A 1 1 ? -12.619 2.173   -0.842  1.00 0.00 ? 1  DT  A C2     1 
ATOM   11   O O2     . DT  A 1 1 ? -12.955 2.077   0.325   1.00 0.00 ? 1  DT  A O2     1 
ATOM   12   N N3     . DT  A 1 1 ? -12.123 1.098   -1.552  1.00 0.00 ? 1  DT  A N3     1 
ATOM   13   C C4     . DT  A 1 1 ? -11.715 1.098   -2.866  1.00 0.00 ? 1  DT  A C4     1 
ATOM   14   O O4     . DT  A 1 1 ? -11.285 0.067   -3.396  1.00 0.00 ? 1  DT  A O4     1 
ATOM   15   C C5     . DT  A 1 1 ? -11.839 2.377   -3.523  1.00 0.00 ? 1  DT  A C5     1 
ATOM   16   C C7     . DT  A 1 1 ? -11.413 2.423   -4.960  1.00 0.00 ? 1  DT  A C7     1 
ATOM   17   C C6     . DT  A 1 1 ? -12.325 3.448   -2.865  1.00 0.00 ? 1  DT  A C6     1 
ATOM   18   H "H5'"  . DT  A 1 1 ? -15.660 5.090   -3.380  1.00 0.00 ? 1  DT  A "H5'"  1 
ATOM   19   H "H5''" . DT  A 1 1 ? -15.646 6.866   -3.434  1.00 0.00 ? 1  DT  A "H5''" 1 
ATOM   20   H "H4'"  . DT  A 1 1 ? -15.773 6.464   -1.181  1.00 0.00 ? 1  DT  A "H4'"  1 
ATOM   21   H "H3'"  . DT  A 1 1 ? -13.512 7.709   -1.774  1.00 0.00 ? 1  DT  A "H3'"  1 
ATOM   22   H "H2'"  . DT  A 1 1 ? -12.102 5.812   -2.192  1.00 0.00 ? 1  DT  A "H2'"  1 
ATOM   23   H "H2''" . DT  A 1 1 ? -11.751 6.107   -0.494  1.00 0.00 ? 1  DT  A "H2''" 1 
ATOM   24   H "H1'"  . DT  A 1 1 ? -13.165 4.351   0.244   1.00 0.00 ? 1  DT  A "H1'"  1 
ATOM   25   H H3     . DT  A 1 1 ? -12.051 0.203   -1.046  1.00 0.00 ? 1  DT  A H3     1 
ATOM   26   H H71    . DT  A 1 1 ? -11.159 1.417   -5.296  1.00 0.00 ? 1  DT  A H71    1 
ATOM   27   H H72    . DT  A 1 1 ? -12.229 2.813   -5.569  1.00 0.00 ? 1  DT  A H72    1 
ATOM   28   H H73    . DT  A 1 1 ? -10.542 3.070   -5.060  1.00 0.00 ? 1  DT  A H73    1 
ATOM   29   H H6     . DT  A 1 1 ? -12.417 4.402   -3.384  1.00 0.00 ? 1  DT  A H6     1 
ATOM   30   H "HO5'" . DT  A 1 1 ? -13.397 5.010   -3.719  1.00 0.00 ? 1  DT  A "HO5'" 1 
ATOM   31   P P      . DT  A 1 2 ? -12.570 7.599   1.099   1.00 0.00 ? 2  DT  A P      1 
ATOM   32   O OP1    . DT  A 1 2 ? -12.882 8.673   2.063   1.00 0.00 ? 2  DT  A OP1    1 
ATOM   33   O OP2    . DT  A 1 2 ? -11.411 7.844   0.207   1.00 0.00 ? 2  DT  A OP2    1 
ATOM   34   O "O5'"  . DT  A 1 2 ? -12.364 6.217   1.867   1.00 0.00 ? 2  DT  A "O5'"  1 
ATOM   35   C "C5'"  . DT  A 1 2 ? -13.513 5.582   2.482   1.00 0.00 ? 2  DT  A "C5'"  1 
ATOM   36   C "C4'"  . DT  A 1 2 ? -13.090 4.872   3.746   1.00 0.00 ? 2  DT  A "C4'"  1 
ATOM   37   O "O4'"  . DT  A 1 2 ? -12.507 3.580   3.385   1.00 0.00 ? 2  DT  A "O4'"  1 
ATOM   38   C "C3'"  . DT  A 1 2 ? -12.005 5.555   4.577   1.00 0.00 ? 2  DT  A "C3'"  1 
ATOM   39   O "O3'"  . DT  A 1 2 ? -12.041 5.154   5.944   1.00 0.00 ? 2  DT  A "O3'"  1 
ATOM   40   C "C2'"  . DT  A 1 2 ? -10.721 5.046   3.941   1.00 0.00 ? 2  DT  A "C2'"  1 
ATOM   41   C "C1'"  . DT  A 1 2 ? -11.102 3.625   3.548   1.00 0.00 ? 2  DT  A "C1'"  1 
ATOM   42   N N1     . DT  A 1 2 ? -10.482 3.167   2.275   1.00 0.00 ? 2  DT  A N1     1 
ATOM   43   C C2     . DT  A 1 2 ? -10.074 1.852   2.209   1.00 0.00 ? 2  DT  A C2     1 
ATOM   44   O O2     . DT  A 1 2 ? -10.204 1.074   3.138   1.00 0.00 ? 2  DT  A O2     1 
ATOM   45   N N3     . DT  A 1 2 ? -9.506  1.471   1.010   1.00 0.00 ? 2  DT  A N3     1 
ATOM   46   C C4     . DT  A 1 2 ? -9.311  2.266   -0.096  1.00 0.00 ? 2  DT  A C4     1 
ATOM   47   O O4     . DT  A 1 2 ? -8.787  1.810   -1.120  1.00 0.00 ? 2  DT  A O4     1 
ATOM   48   C C5     . DT  A 1 2 ? -9.764  3.626   0.067   1.00 0.00 ? 2  DT  A C5     1 
ATOM   49   C C7     . DT  A 1 2 ? -9.578  4.528   -1.117  1.00 0.00 ? 2  DT  A C7     1 
ATOM   50   C C6     . DT  A 1 2 ? -10.329 4.033   1.220   1.00 0.00 ? 2  DT  A C6     1 
ATOM   51   H "H5'"  . DT  A 1 2 ? -13.945 4.857   1.791   1.00 0.00 ? 2  DT  A "H5'"  1 
ATOM   52   H "H5''" . DT  A 1 2 ? -14.263 6.333   2.727   1.00 0.00 ? 2  DT  A "H5''" 1 
ATOM   53   H "H4'"  . DT  A 1 2 ? -13.967 4.779   4.385   1.00 0.00 ? 2  DT  A "H4'"  1 
ATOM   54   H "H3'"  . DT  A 1 2 ? -12.088 6.640   4.516   1.00 0.00 ? 2  DT  A "H3'"  1 
ATOM   55   H "H2'"  . DT  A 1 2 ? -10.438 5.652   3.080   1.00 0.00 ? 2  DT  A "H2'"  1 
ATOM   56   H "H2''" . DT  A 1 2 ? -9.891  5.071   4.648   1.00 0.00 ? 2  DT  A "H2''" 1 
ATOM   57   H "H1'"  . DT  A 1 2 ? -10.833 2.917   4.333   1.00 0.00 ? 2  DT  A "H1'"  1 
ATOM   58   H H3     . DT  A 1 2 ? -9.196  0.491   0.935   1.00 0.00 ? 2  DT  A H3     1 
ATOM   59   H H71    . DT  A 1 2 ? -9.200  3.948   -1.960  1.00 0.00 ? 2  DT  A H71    1 
ATOM   60   H H72    . DT  A 1 2 ? -10.534 4.976   -1.385  1.00 0.00 ? 2  DT  A H72    1 
ATOM   61   H H73    . DT  A 1 2 ? -8.865  5.313   -0.868  1.00 0.00 ? 2  DT  A H73    1 
ATOM   62   H H6     . DT  A 1 2 ? -10.671 5.063   1.317   1.00 0.00 ? 2  DT  A H6     1 
ATOM   63   P P      . DA  A 1 3 ? -10.959 5.578   7.076   1.00 0.00 ? 3  DA  A P      1 
ATOM   64   O OP1    . DA  A 1 3 ? -11.691 5.786   8.346   1.00 0.00 ? 3  DA  A OP1    1 
ATOM   65   O OP2    . DA  A 1 3 ? -10.075 6.639   6.542   1.00 0.00 ? 3  DA  A OP2    1 
ATOM   66   O "O5'"  . DA  A 1 3 ? -10.150 4.185   7.189   1.00 0.00 ? 3  DA  A "O5'"  1 
ATOM   67   C "C5'"  . DA  A 1 3 ? -8.939  4.038   7.910   1.00 0.00 ? 3  DA  A "C5'"  1 
ATOM   68   C "C4'"  . DA  A 1 3 ? -8.647  2.534   8.033   1.00 0.00 ? 3  DA  A "C4'"  1 
ATOM   69   O "O4'"  . DA  A 1 3 ? -8.699  1.966   6.734   1.00 0.00 ? 3  DA  A "O4'"  1 
ATOM   70   C "C3'"  . DA  A 1 3 ? -7.254  2.216   8.606   1.00 0.00 ? 3  DA  A "C3'"  1 
ATOM   71   O "O3'"  . DA  A 1 3 ? -7.312  0.968   9.292   1.00 0.00 ? 3  DA  A "O3'"  1 
ATOM   72   C "C2'"  . DA  A 1 3 ? -6.433  2.086   7.330   1.00 0.00 ? 3  DA  A "C2'"  1 
ATOM   73   C "C1'"  . DA  A 1 3 ? -7.451  1.373   6.449   1.00 0.00 ? 3  DA  A "C1'"  1 
ATOM   74   N N9     . DA  A 1 3 ? -7.143  1.490   5.011   1.00 0.00 ? 3  DA  A N9     1 
ATOM   75   C C8     . DA  A 1 3 ? -7.267  2.573   4.177   1.00 0.00 ? 3  DA  A C8     1 
ATOM   76   N N7     . DA  A 1 3 ? -6.941  2.331   2.936   1.00 0.00 ? 3  DA  A N7     1 
ATOM   77   C C5     . DA  A 1 3 ? -6.584  0.986   2.950   1.00 0.00 ? 3  DA  A C5     1 
ATOM   78   C C6     . DA  A 1 3 ? -6.142  0.091   1.955   1.00 0.00 ? 3  DA  A C6     1 
ATOM   79   N N6     . DA  A 1 3 ? -5.956  0.437   0.679   1.00 0.00 ? 3  DA  A N6     1 
ATOM   80   N N1     . DA  A 1 3 ? -5.871  -1.179  2.312   1.00 0.00 ? 3  DA  A N1     1 
ATOM   81   C C2     . DA  A 1 3 ? -6.028  -1.545  3.579   1.00 0.00 ? 3  DA  A C2     1 
ATOM   82   N N3     . DA  A 1 3 ? -6.427  -0.805  4.605   1.00 0.00 ? 3  DA  A N3     1 
ATOM   83   C C4     . DA  A 1 3 ? -6.697  0.469   4.215   1.00 0.00 ? 3  DA  A C4     1 
ATOM   84   H "H5'"  . DA  A 1 3 ? -9.038  4.466   8.909   1.00 0.00 ? 3  DA  A "H5'"  1 
ATOM   85   H "H5''" . DA  A 1 3 ? -8.135  4.545   7.374   1.00 0.00 ? 3  DA  A "H5''" 1 
ATOM   86   H "H4'"  . DA  A 1 3 ? -9.420  2.084   8.657   1.00 0.00 ? 3  DA  A "H4'"  1 
ATOM   87   H "H3'"  . DA  A 1 3 ? -6.904  3.021   9.255   1.00 0.00 ? 3  DA  A "H3'"  1 
ATOM   88   H "H2'"  . DA  A 1 3 ? -6.204  3.075   6.931   1.00 0.00 ? 3  DA  A "H2'"  1 
ATOM   89   H "H2''" . DA  A 1 3 ? -5.518  1.509   7.463   1.00 0.00 ? 3  DA  A "H2''" 1 
ATOM   90   H "H1'"  . DA  A 1 3 ? -7.504  0.324   6.746   1.00 0.00 ? 3  DA  A "H1'"  1 
ATOM   91   H H8     . DA  A 1 3 ? -7.606  3.541   4.516   1.00 0.00 ? 3  DA  A H8     1 
ATOM   92   H H61    . DA  A 1 3 ? -6.126  1.391   0.375   1.00 0.00 ? 3  DA  A H61    1 
ATOM   93   H H62    . DA  A 1 3 ? -5.578  -0.239  0.035   1.00 0.00 ? 3  DA  A H62    1 
ATOM   94   H H2     . DA  A 1 3 ? -5.812  -2.577  3.798   1.00 0.00 ? 3  DA  A H2     1 
ATOM   95   P P      . DG  A 1 4 ? -6.170  0.466   10.331  1.00 0.00 ? 4  DG  A P      1 
ATOM   96   O OP1    . DG  A 1 4 ? -6.812  -0.517  11.233  1.00 0.00 ? 4  DG  A OP1    1 
ATOM   97   O OP2    . DG  A 1 4 ? -5.528  1.661   10.925  1.00 0.00 ? 4  DG  A OP2    1 
ATOM   98   O "O5'"  . DG  A 1 4 ? -5.043  -0.338  9.487   1.00 0.00 ? 4  DG  A "O5'"  1 
ATOM   99   C "C5'"  . DG  A 1 4 ? -3.739  -0.518  10.026  1.00 0.00 ? 4  DG  A "C5'"  1 
ATOM   100  C "C4'"  . DG  A 1 4 ? -2.924  -1.602  9.301   1.00 0.00 ? 4  DG  A "C4'"  1 
ATOM   101  O "O4'"  . DG  A 1 4 ? -2.843  -1.286  7.915   1.00 0.00 ? 4  DG  A "O4'"  1 
ATOM   102  C "C3'"  . DG  A 1 4 ? -1.477  -1.641  9.842   1.00 0.00 ? 4  DG  A "C3'"  1 
ATOM   103  O "O3'"  . DG  A 1 4 ? -0.987  -2.968  10.089  1.00 0.00 ? 4  DG  A "O3'"  1 
ATOM   104  C "C2'"  . DG  A 1 4 ? -0.734  -0.944  8.698   1.00 0.00 ? 4  DG  A "C2'"  1 
ATOM   105  C "C1'"  . DG  A 1 4 ? -1.504  -1.497  7.527   1.00 0.00 ? 4  DG  A "C1'"  1 
ATOM   106  N N9     . DG  A 1 4 ? -1.088  -0.815  6.285   1.00 0.00 ? 4  DG  A N9     1 
ATOM   107  C C8     . DG  A 1 4 ? -1.292  0.485   5.898   1.00 0.00 ? 4  DG  A C8     1 
ATOM   108  N N7     . DG  A 1 4 ? -0.765  0.783   4.743   1.00 0.00 ? 4  DG  A N7     1 
ATOM   109  C C5     . DG  A 1 4 ? -0.171  -0.404  4.330   1.00 0.00 ? 4  DG  A C5     1 
ATOM   110  C C6     . DG  A 1 4 ? 0.491   -0.721  3.109   1.00 0.00 ? 4  DG  A C6     1 
ATOM   111  O O6     . DG  A 1 4 ? 0.758   0.041   2.183   1.00 0.00 ? 4  DG  A O6     1 
ATOM   112  N N1     . DG  A 1 4 ? 0.830   -2.073  3.026   1.00 0.00 ? 4  DG  A N1     1 
ATOM   113  C C2     . DG  A 1 4 ? 0.678   -2.980  4.058   1.00 0.00 ? 4  DG  A C2     1 
ATOM   114  N N2     . DG  A 1 4 ? 1.088   -4.232  3.836   1.00 0.00 ? 4  DG  A N2     1 
ATOM   115  N N3     . DG  A 1 4 ? 0.100   -2.667  5.227   1.00 0.00 ? 4  DG  A N3     1 
ATOM   116  C C4     . DG  A 1 4 ? -0.332  -1.377  5.286   1.00 0.00 ? 4  DG  A C4     1 
ATOM   117  H "H5'"  . DG  A 1 4 ? -3.822  -0.813  11.074  1.00 0.00 ? 4  DG  A "H5'"  1 
ATOM   118  H "H5''" . DG  A 1 4 ? -3.208  0.433   9.971   1.00 0.00 ? 4  DG  A "H5''" 1 
ATOM   119  H "H4'"  . DG  A 1 4 ? -3.390  -2.578  9.443   1.00 0.00 ? 4  DG  A "H4'"  1 
ATOM   120  H "H3'"  . DG  A 1 4 ? -1.393  -1.057  10.760  1.00 0.00 ? 4  DG  A "H3'"  1 
ATOM   121  H "H2'"  . DG  A 1 4 ? -0.876  0.136   8.771   1.00 0.00 ? 4  DG  A "H2'"  1 
ATOM   122  H "H2''" . DG  A 1 4 ? 0.323   -1.165  8.573   1.00 0.00 ? 4  DG  A "H2''" 1 
ATOM   123  H "H1'"  . DG  A 1 4 ? -1.319  -2.569  7.453   1.00 0.00 ? 4  DG  A "H1'"  1 
ATOM   124  H H8     . DG  A 1 4 ? -1.840  1.199   6.495   1.00 0.00 ? 4  DG  A H8     1 
ATOM   125  H H1     . DG  A 1 4 ? 1.151   -2.419  2.132   1.00 0.00 ? 4  DG  A H1     1 
ATOM   126  H H21    . DG  A 1 4 ? 1.003   -4.923  4.568   1.00 0.00 ? 4  DG  A H21    1 
ATOM   127  H H22    . DG  A 1 4 ? 1.459   -4.495  2.930   1.00 0.00 ? 4  DG  A H22    1 
ATOM   128  P P      . DG  A 1 5 ? 0.561   -3.186  10.543  1.00 0.00 ? 5  DG  A P      1 
ATOM   129  O OP1    . DG  A 1 5 ? 0.671   -4.036  11.746  1.00 0.00 ? 5  DG  A OP1    1 
ATOM   130  O OP2    . DG  A 1 5 ? 1.080   -1.803  10.676  1.00 0.00 ? 5  DG  A OP2    1 
ATOM   131  O "O5'"  . DG  A 1 5 ? 1.268   -3.899  9.304   1.00 0.00 ? 5  DG  A "O5'"  1 
ATOM   132  C "C5'"  . DG  A 1 5 ? 0.656   -5.088  8.743   1.00 0.00 ? 5  DG  A "C5'"  1 
ATOM   133  C "C4'"  . DG  A 1 5 ? 1.730   -6.031  8.250   1.00 0.00 ? 5  DG  A "C4'"  1 
ATOM   134  O "O4'"  . DG  A 1 5 ? 2.180   -5.580  6.932   1.00 0.00 ? 5  DG  A "O4'"  1 
ATOM   135  C "C3'"  . DG  A 1 5 ? 3.010   -6.096  9.082   1.00 0.00 ? 5  DG  A "C3'"  1 
ATOM   136  O "O3'"  . DG  A 1 5 ? 3.709   -7.324  8.899   1.00 0.00 ? 5  DG  A "O3'"  1 
ATOM   137  C "C2'"  . DG  A 1 5 ? 3.841   -4.958  8.514   1.00 0.00 ? 5  DG  A "C2'"  1 
ATOM   138  C "C1'"  . DG  A 1 5 ? 3.461   -4.991  7.039   1.00 0.00 ? 5  DG  A "C1'"  1 
ATOM   139  N N9     . DG  A 1 5 ? 3.398   -3.647  6.405   1.00 0.00 ? 5  DG  A N9     1 
ATOM   140  C C8     . DG  A 1 5 ? 2.947   -2.454  6.931   1.00 0.00 ? 5  DG  A C8     1 
ATOM   141  N N7     . DG  A 1 5 ? 3.028   -1.442  6.106   1.00 0.00 ? 5  DG  A N7     1 
ATOM   142  C C5     . DG  A 1 5 ? 3.568   -1.997  4.943   1.00 0.00 ? 5  DG  A C5     1 
ATOM   143  C C6     . DG  A 1 5 ? 3.884   -1.393  3.705   1.00 0.00 ? 5  DG  A C6     1 
ATOM   144  O O6     . DG  A 1 5 ? 3.752   -0.219  3.358   1.00 0.00 ? 5  DG  A O6     1 
ATOM   145  N N1     . DG  A 1 5 ? 4.416   -2.326  2.799   1.00 0.00 ? 5  DG  A N1     1 
ATOM   146  C C2     . DG  A 1 5 ? 4.619   -3.664  3.067   1.00 0.00 ? 5  DG  A C2     1 
ATOM   147  N N2     . DG  A 1 5 ? 5.142   -4.391  2.076   1.00 0.00 ? 5  DG  A N2     1 
ATOM   148  N N3     . DG  A 1 5 ? 4.316   -4.235  4.229   1.00 0.00 ? 5  DG  A N3     1 
ATOM   149  C C4     . DG  A 1 5 ? 3.796   -3.350  5.120   1.00 0.00 ? 5  DG  A C4     1 
ATOM   150  H "H5'"  . DG  A 1 5 ? 0.012   -4.812  7.907   1.00 0.00 ? 5  DG  A "H5'"  1 
ATOM   151  H "H5''" . DG  A 1 5 ? 0.061   -5.592  9.504   1.00 0.00 ? 5  DG  A "H5''" 1 
ATOM   152  H "H4'"  . DG  A 1 5 ? 1.309   -7.036  8.236   1.00 0.00 ? 5  DG  A "H4'"  1 
ATOM   153  H "H3'"  . DG  A 1 5 ? 2.798   -5.956  10.141  1.00 0.00 ? 5  DG  A "H3'"  1 
ATOM   154  H "H2'"  . DG  A 1 5 ? 3.588   -4.008  8.984   1.00 0.00 ? 5  DG  A "H2'"  1 
ATOM   155  H "H2''" . DG  A 1 5 ? 4.906   -5.128  8.670   1.00 0.00 ? 5  DG  A "H2''" 1 
ATOM   156  H "H1'"  . DG  A 1 5 ? 4.161   -5.604  6.470   1.00 0.00 ? 5  DG  A "H1'"  1 
ATOM   157  H H8     . DG  A 1 5 ? 2.558   -2.362  7.944   1.00 0.00 ? 5  DG  A H8     1 
ATOM   158  H H1     . DG  A 1 5 ? 4.674   -1.985  1.862   1.00 0.00 ? 5  DG  A H1     1 
ATOM   159  H H21    . DG  A 1 5 ? 5.319   -5.397  2.212   1.00 0.00 ? 5  DG  A H21    1 
ATOM   160  H H22    . DG  A 1 5 ? 5.368   -3.947  1.174   1.00 0.00 ? 5  DG  A H22    1 
ATOM   161  P P      . DG  A 1 6 ? 5.137   -7.677  9.569   1.00 0.00 ? 6  DG  A P      1 
ATOM   162  O OP1    . DG  A 1 6 ? 5.181   -9.130  9.849   1.00 0.00 ? 6  DG  A OP1    1 
ATOM   163  O OP2    . DG  A 1 6 ? 5.413   -6.706  10.653  1.00 0.00 ? 6  DG  A OP2    1 
ATOM   164  O "O5'"  . DG  A 1 6 ? 6.124   -7.383  8.324   1.00 0.00 ? 6  DG  A "O5'"  1 
ATOM   165  C "C5'"  . DG  A 1 6 ? 6.024   -8.148  7.135   1.00 0.00 ? 6  DG  A "C5'"  1 
ATOM   166  C "C4'"  . DG  A 1 6 ? 7.026   -7.692  6.073   1.00 0.00 ? 6  DG  A "C4'"  1 
ATOM   167  O "O4'"  . DG  A 1 6 ? 6.669   -6.420  5.562   1.00 0.00 ? 6  DG  A "O4'"  1 
ATOM   168  C "C3'"  . DG  A 1 6 ? 8.474   -7.593  6.583   1.00 0.00 ? 6  DG  A "C3'"  1 
ATOM   169  O "O3'"  . DG  A 1 6 ? 9.364   -8.316  5.749   1.00 0.00 ? 6  DG  A "O3'"  1 
ATOM   170  C "C2'"  . DG  A 1 6 ? 8.765   -6.104  6.420   1.00 0.00 ? 6  DG  A "C2'"  1 
ATOM   171  C "C1'"  . DG  A 1 6 ? 7.876   -5.773  5.227   1.00 0.00 ? 6  DG  A "C1'"  1 
ATOM   172  N N9     . DG  A 1 6 ? 7.668   -4.323  5.028   1.00 0.00 ? 6  DG  A N9     1 
ATOM   173  C C8     . DG  A 1 6 ? 7.164   -3.405  5.914   1.00 0.00 ? 6  DG  A C8     1 
ATOM   174  N N7     . DG  A 1 6 ? 6.971   -2.223  5.404   1.00 0.00 ? 6  DG  A N7     1 
ATOM   175  C C5     . DG  A 1 6 ? 7.373   -2.359  4.083   1.00 0.00 ? 6  DG  A C5     1 
ATOM   176  C C6     . DG  A 1 6 ? 7.315   -1.421  3.010   1.00 0.00 ? 6  DG  A C6     1 
ATOM   177  O O6     . DG  A 1 6 ? 6.891   -0.271  3.033   1.00 0.00 ? 6  DG  A O6     1 
ATOM   178  N N1     . DG  A 1 6 ? 7.800   -1.942  1.817   1.00 0.00 ? 6  DG  A N1     1 
ATOM   179  C C2     . DG  A 1 6 ? 8.252   -3.234  1.657   1.00 0.00 ? 6  DG  A C2     1 
ATOM   180  N N2     . DG  A 1 6 ? 8.643   -3.573  0.427   1.00 0.00 ? 6  DG  A N2     1 
ATOM   181  N N3     . DG  A 1 6 ? 8.273   -4.135  2.655   1.00 0.00 ? 6  DG  A N3     1 
ATOM   182  C C4     . DG  A 1 6 ? 7.823   -3.637  3.843   1.00 0.00 ? 6  DG  A C4     1 
ATOM   183  H "H5'"  . DG  A 1 6 ? 5.020   -8.063  6.719   1.00 0.00 ? 6  DG  A "H5'"  1 
ATOM   184  H "H5''" . DG  A 1 6 ? 6.213   -9.197  7.365   1.00 0.00 ? 6  DG  A "H5''" 1 
ATOM   185  H "H4'"  . DG  A 1 6 ? 6.975   -8.392  5.240   1.00 0.00 ? 6  DG  A "H4'"  1 
ATOM   186  H "H3'"  . DG  A 1 6 ? 8.592   -7.890  7.626   1.00 0.00 ? 6  DG  A "H3'"  1 
ATOM   187  H "H2'"  . DG  A 1 6 ? 8.429   -5.569  7.309   1.00 0.00 ? 6  DG  A "H2'"  1 
ATOM   188  H "H2''" . DG  A 1 6 ? 9.817   -5.903  6.232   1.00 0.00 ? 6  DG  A "H2''" 1 
ATOM   189  H "H1'"  . DG  A 1 6 ? 8.288   -6.225  4.326   1.00 0.00 ? 6  DG  A "H1'"  1 
ATOM   190  H H8     . DG  A 1 6 ? 6.926   -3.643  6.941   1.00 0.00 ? 6  DG  A H8     1 
ATOM   191  H H1     . DG  A 1 6 ? 7.822   -1.319  1.022   1.00 0.00 ? 6  DG  A H1     1 
ATOM   192  H H21    . DG  A 1 6 ? 8.940   -4.518  0.233   1.00 0.00 ? 6  DG  A H21    1 
ATOM   193  H H22    . DG  A 1 6 ? 8.644   -2.891  -0.323  1.00 0.00 ? 6  DG  A H22    1 
ATOM   194  P P      . DT  A 1 7 ? 9.575   -9.910  5.891   1.00 0.00 ? 7  DT  A P      1 
ATOM   195  O OP1    . DT  A 1 7 ? 8.370   -10.502 6.514   1.00 0.00 ? 7  DT  A OP1    1 
ATOM   196  O OP2    . DT  A 1 7 ? 10.897  -10.133 6.519   1.00 0.00 ? 7  DT  A OP2    1 
ATOM   197  O "O5'"  . DT  A 1 7 ? 9.672   -10.426 4.360   1.00 0.00 ? 7  DT  A "O5'"  1 
ATOM   198  C "C5'"  . DT  A 1 7 ? 8.546   -10.441 3.496   1.00 0.00 ? 7  DT  A "C5'"  1 
ATOM   199  C "C4'"  . DT  A 1 7 ? 8.743   -9.492  2.308   1.00 0.00 ? 7  DT  A "C4'"  1 
ATOM   200  O "O4'"  . DT  A 1 7 ? 9.089   -8.186  2.739   1.00 0.00 ? 7  DT  A "O4'"  1 
ATOM   201  C "C3'"  . DT  A 1 7 ? 9.850   -9.948  1.343   1.00 0.00 ? 7  DT  A "C3'"  1 
ATOM   202  O "O3'"  . DT  A 1 7 ? 9.324   -10.218 0.057   1.00 0.00 ? 7  DT  A "O3'"  1 
ATOM   203  C "C2'"  . DT  A 1 7 ? 10.788  -8.746  1.283   1.00 0.00 ? 7  DT  A "C2'"  1 
ATOM   204  C "C1'"  . DT  A 1 7 ? 9.870   -7.609  1.712   1.00 0.00 ? 7  DT  A "C1'"  1 
ATOM   205  N N1     . DT  A 1 7 ? 10.646  -6.417  2.154   1.00 0.00 ? 7  DT  A N1     1 
ATOM   206  C C2     . DT  A 1 7 ? 10.937  -5.441  1.202   1.00 0.00 ? 7  DT  A C2     1 
ATOM   207  O O2     . DT  A 1 7 ? 10.667  -5.573  0.010   1.00 0.00 ? 7  DT  A O2     1 
ATOM   208  N N3     . DT  A 1 7 ? 11.537  -4.279  1.671   1.00 0.00 ? 7  DT  A N3     1 
ATOM   209  C C4     . DT  A 1 7 ? 11.914  -4.034  2.983   1.00 0.00 ? 7  DT  A C4     1 
ATOM   210  O O4     . DT  A 1 7 ? 12.372  -2.941  3.303   1.00 0.00 ? 7  DT  A O4     1 
ATOM   211  C C5     . DT  A 1 7 ? 11.718  -5.160  3.880   1.00 0.00 ? 7  DT  A C5     1 
ATOM   212  C C7     . DT  A 1 7 ? 12.230  -5.067  5.304   1.00 0.00 ? 7  DT  A C7     1 
ATOM   213  C C6     . DT  A 1 7 ? 11.095  -6.288  3.449   1.00 0.00 ? 7  DT  A C6     1 
ATOM   214  H "H5'"  . DT  A 1 7 ? 7.632   -10.167 4.022   1.00 0.00 ? 7  DT  A "H5'"  1 
ATOM   215  H "H5''" . DT  A 1 7 ? 8.418   -11.454 3.113   1.00 0.00 ? 7  DT  A "H5''" 1 
ATOM   216  H "H4'"  . DT  A 1 7 ? 7.797   -9.427  1.768   1.00 0.00 ? 7  DT  A "H4'"  1 
ATOM   217  H "H3'"  . DT  A 1 7 ? 10.387  -10.823 1.709   1.00 0.00 ? 7  DT  A "H3'"  1 
ATOM   218  H "HO3'" . DT  A 1 7 ? 8.573   -9.637  -0.112  1.00 0.00 ? 7  DT  A "HO3'" 1 
ATOM   219  H "H2'"  . DT  A 1 7 ? 11.583  -8.873  2.019   1.00 0.00 ? 7  DT  A "H2'"  1 
ATOM   220  H "H2''" . DT  A 1 7 ? 11.213  -8.587  0.291   1.00 0.00 ? 7  DT  A "H2''" 1 
ATOM   221  H "H1'"  . DT  A 1 7 ? 9.192   -7.358  0.893   1.00 0.00 ? 7  DT  A "H1'"  1 
ATOM   222  H H3     . DT  A 1 7 ? 11.660  -3.519  1.015   1.00 0.00 ? 7  DT  A H3     1 
ATOM   223  H H71    . DT  A 1 7 ? 11.592  -4.393  5.875   1.00 0.00 ? 7  DT  A H71    1 
ATOM   224  H H72    . DT  A 1 7 ? 12.241  -6.047  5.783   1.00 0.00 ? 7  DT  A H72    1 
ATOM   225  H H73    . DT  A 1 7 ? 13.246  -4.671  5.299   1.00 0.00 ? 7  DT  A H73    1 
ATOM   226  H H6     . DT  A 1 7 ? 10.951  -7.108  4.134   1.00 0.00 ? 7  DT  A H6     1 
ATOM   227  O "O5'"  . DT  B 1 1 ? -10.012 -11.116 -1.151  1.00 0.00 ? 8  DT  B "O5'"  1 
ATOM   228  C "C5'"  . DT  B 1 1 ? -10.614 -11.715 -2.326  1.00 0.00 ? 8  DT  B "C5'"  1 
ATOM   229  C "C4'"  . DT  B 1 1 ? -9.726  -11.485 -3.527  1.00 0.00 ? 8  DT  B "C4'"  1 
ATOM   230  O "O4'"  . DT  B 1 1 ? -9.964  -10.133 -4.034  1.00 0.00 ? 8  DT  B "O4'"  1 
ATOM   231  C "C3'"  . DT  B 1 1 ? -8.220  -11.533 -3.277  1.00 0.00 ? 8  DT  B "C3'"  1 
ATOM   232  O "O3'"  . DT  B 1 1 ? -7.486  -11.844 -4.460  1.00 0.00 ? 8  DT  B "O3'"  1 
ATOM   233  C "C2'"  . DT  B 1 1 ? -7.901  -10.108 -2.853  1.00 0.00 ? 8  DT  B "C2'"  1 
ATOM   234  C "C1'"  . DT  B 1 1 ? -8.870  -9.298  -3.705  1.00 0.00 ? 8  DT  B "C1'"  1 
ATOM   235  N N1     . DT  B 1 1 ? -9.409  -8.092  -3.021  1.00 0.00 ? 8  DT  B N1     1 
ATOM   236  C C2     . DT  B 1 1 ? -9.584  -6.958  -3.787  1.00 0.00 ? 8  DT  B C2     1 
ATOM   237  O O2     . DT  B 1 1 ? -9.320  -6.918  -4.975  1.00 0.00 ? 8  DT  B O2     1 
ATOM   238  N N3     . DT  B 1 1 ? -10.087 -5.864  -3.110  1.00 0.00 ? 8  DT  B N3     1 
ATOM   239  C C4     . DT  B 1 1 ? -10.416 -5.803  -1.775  1.00 0.00 ? 8  DT  B C4     1 
ATOM   240  O O4     . DT  B 1 1 ? -10.859 -4.760  -1.280  1.00 0.00 ? 8  DT  B O4     1 
ATOM   241  C C5     . DT  B 1 1 ? -10.194 -7.033  -1.055  1.00 0.00 ? 8  DT  B C5     1 
ATOM   242  C C7     . DT  B 1 1 ? -10.546 -7.014  0.402   1.00 0.00 ? 8  DT  B C7     1 
ATOM   243  C C6     . DT  B 1 1 ? -9.711  -8.124  -1.682  1.00 0.00 ? 8  DT  B C6     1 
ATOM   244  H "H5'"  . DT  B 1 1 ? -11.589 -11.266 -2.511  1.00 0.00 ? 8  DT  B "H5'"  1 
ATOM   245  H "H5''" . DT  B 1 1 ? -10.736 -12.787 -2.173  1.00 0.00 ? 8  DT  B "H5''" 1 
ATOM   246  H "H4'"  . DT  B 1 1 ? -9.950  -12.260 -4.260  1.00 0.00 ? 8  DT  B "H4'"  1 
ATOM   247  H "H3'"  . DT  B 1 1 ? -7.973  -12.255 -2.499  1.00 0.00 ? 8  DT  B "H3'"  1 
ATOM   248  H "H2'"  . DT  B 1 1 ? -8.070  -9.964  -1.785  1.00 0.00 ? 8  DT  B "H2'"  1 
ATOM   249  H "H2''" . DT  B 1 1 ? -6.861  -9.856  -3.057  1.00 0.00 ? 8  DT  B "H2''" 1 
ATOM   250  H "H1'"  . DT  B 1 1 ? -8.399  -8.981  -4.636  1.00 0.00 ? 8  DT  B "H1'"  1 
ATOM   251  H H3     . DT  B 1 1 ? -10.230 -5.006  -3.661  1.00 0.00 ? 8  DT  B H3     1 
ATOM   252  H H71    . DT  B 1 1 ? -11.012 -6.062  0.652   1.00 0.00 ? 8  DT  B H71    1 
ATOM   253  H H72    . DT  B 1 1 ? -11.240 -7.826  0.619   1.00 0.00 ? 8  DT  B H72    1 
ATOM   254  H H73    . DT  B 1 1 ? -9.642  -7.142  0.997   1.00 0.00 ? 8  DT  B H73    1 
ATOM   255  H H6     . DT  B 1 1 ? -9.559  -9.044  -1.118  1.00 0.00 ? 8  DT  B H6     1 
ATOM   256  H "HO5'" . DT  B 1 1 ? -9.569  -11.850 -0.579  1.00 0.00 ? 8  DT  B "HO5'" 1 
ATOM   257  P P      . DT  B 1 2 ? -5.969  -11.374 -4.586  1.00 0.00 ? 9  DT  B P      1 
ATOM   258  O OP1    . DT  B 1 2 ? -5.211  -12.345 -5.398  1.00 0.00 ? 9  DT  B OP1    1 
ATOM   259  O OP2    . DT  B 1 2 ? -5.428  -11.099 -3.232  1.00 0.00 ? 9  DT  B OP2    1 
ATOM   260  O "O5'"  . DT  B 1 2 ? -6.127  -10.001 -5.383  1.00 0.00 ? 9  DT  B "O5'"  1 
ATOM   261  C "C5'"  . DT  B 1 2 ? -6.985  -9.968  -6.551  1.00 0.00 ? 9  DT  B "C5'"  1 
ATOM   262  C "C4'"  . DT  B 1 2 ? -6.419  -9.008  -7.572  1.00 0.00 ? 9  DT  B "C4'"  1 
ATOM   263  O "O4'"  . DT  B 1 2 ? -6.797  -7.647  -7.194  1.00 0.00 ? 9  DT  B "O4'"  1 
ATOM   264  C "C3'"  . DT  B 1 2 ? -4.896  -8.957  -7.686  1.00 0.00 ? 9  DT  B "C3'"  1 
ATOM   265  O "O3'"  . DT  B 1 2 ? -4.467  -8.483  -8.959  1.00 0.00 ? 9  DT  B "O3'"  1 
ATOM   266  C "C2'"  . DT  B 1 2 ? -4.512  -7.944  -6.619  1.00 0.00 ? 9  DT  B "C2'"  1 
ATOM   267  C "C1'"  . DT  B 1 2 ? -5.672  -6.961  -6.680  1.00 0.00 ? 9  DT  B "C1'"  1 
ATOM   268  N N1     . DT  B 1 2 ? -6.050  -6.395  -5.357  1.00 0.00 ? 9  DT  B N1     1 
ATOM   269  C C2     . DT  B 1 2 ? -6.428  -5.069  -5.322  1.00 0.00 ? 9  DT  B C2     1 
ATOM   270  O O2     . DT  B 1 2 ? -6.460  -4.367  -6.317  1.00 0.00 ? 9  DT  B O2     1 
ATOM   271  N N3     . DT  B 1 2 ? -6.771  -4.588  -4.074  1.00 0.00 ? 9  DT  B N3     1 
ATOM   272  C C4     . DT  B 1 2 ? -6.767  -5.292  -2.892  1.00 0.00 ? 9  DT  B C4     1 
ATOM   273  O O4     . DT  B 1 2 ? -7.096  -4.749  -1.831  1.00 0.00 ? 9  DT  B O4     1 
ATOM   274  C C5     . DT  B 1 2 ? -6.355  -6.668  -3.025  1.00 0.00 ? 9  DT  B C5     1 
ATOM   275  C C7     . DT  B 1 2 ? -6.343  -7.477  -1.763  1.00 0.00 ? 9  DT  B C7     1 
ATOM   276  C C6     . DT  B 1 2 ? -6.019  -7.176  -4.227  1.00 0.00 ? 9  DT  B C6     1 
ATOM   277  H "H5'"  . DT  B 1 2 ? -7.984  -9.639  -6.266  1.00 0.00 ? 9  DT  B "H5'"  1 
ATOM   278  H "H5''" . DT  B 1 2 ? -7.047  -10.963 -6.991  1.00 0.00 ? 9  DT  B "H5''" 1 
ATOM   279  H "H4'"  . DT  B 1 2 ? -6.800  -9.301  -8.550  1.00 0.00 ? 9  DT  B "H4'"  1 
ATOM   280  H "H3'"  . DT  B 1 2 ? -4.455  -9.936  -7.497  1.00 0.00 ? 9  DT  B "H3'"  1 
ATOM   281  H "H2'"  . DT  B 1 2 ? -4.419  -8.415  -5.640  1.00 0.00 ? 9  DT  B "H2'"  1 
ATOM   282  H "H2''" . DT  B 1 2 ? -3.556  -7.472  -6.847  1.00 0.00 ? 9  DT  B "H2''" 1 
ATOM   283  H "H1'"  . DT  B 1 2 ? -5.447  -6.134  -7.353  1.00 0.00 ? 9  DT  B "H1'"  1 
ATOM   284  H H3     . DT  B 1 2 ? -7.060  -3.601  -4.022  1.00 0.00 ? 9  DT  B H3     1 
ATOM   285  H H71    . DT  B 1 2 ? -6.753  -6.882  -0.946  1.00 0.00 ? 9  DT  B H71    1 
ATOM   286  H H72    . DT  B 1 2 ? -6.949  -8.372  -1.899  1.00 0.00 ? 9  DT  B H72    1 
ATOM   287  H H73    . DT  B 1 2 ? -5.319  -7.764  -1.524  1.00 0.00 ? 9  DT  B H73    1 
ATOM   288  H H6     . DT  B 1 2 ? -5.717  -8.221  -4.304  1.00 0.00 ? 9  DT  B H6     1 
ATOM   289  P P      . DA  B 1 3 ? -2.914  -8.168  -9.372  1.00 0.00 ? 10 DA  B P      1 
ATOM   290  O OP1    . DA  B 1 3 ? -2.745  -8.564  -10.787 1.00 0.00 ? 10 DA  B OP1    1 
ATOM   291  O OP2    . DA  B 1 3 ? -2.038  -8.783  -8.346  1.00 0.00 ? 10 DA  B OP2    1 
ATOM   292  O "O5'"  . DA  B 1 3 ? -2.733  -6.539  -9.288  1.00 0.00 ? 10 DA  B "O5'"  1 
ATOM   293  C "C5'"  . DA  B 1 3 ? -3.046  -5.691  -10.395 1.00 0.00 ? 10 DA  B "C5'"  1 
ATOM   294  C "C4'"  . DA  B 1 3 ? -2.922  -4.172  -10.126 1.00 0.00 ? 10 DA  B "C4'"  1 
ATOM   295  O "O4'"  . DA  B 1 3 ? -3.635  -3.863  -8.935  1.00 0.00 ? 10 DA  B "O4'"  1 
ATOM   296  C "C3'"  . DA  B 1 3 ? -1.486  -3.603  -9.984  1.00 0.00 ? 10 DA  B "C3'"  1 
ATOM   297  O "O3'"  . DA  B 1 3 ? -1.354  -2.279  -10.539 1.00 0.00 ? 10 DA  B "O3'"  1 
ATOM   298  C "C2'"  . DA  B 1 3 ? -1.405  -3.501  -8.469  1.00 0.00 ? 10 DA  B "C2'"  1 
ATOM   299  C "C1'"  . DA  B 1 3 ? -2.812  -3.009  -8.173  1.00 0.00 ? 10 DA  B "C1'"  1 
ATOM   300  N N9     . DA  B 1 3 ? -3.134  -3.015  -6.732  1.00 0.00 ? 10 DA  B N9     1 
ATOM   301  C C8     . DA  B 1 3 ? -3.137  -4.053  -5.833  1.00 0.00 ? 10 DA  B C8     1 
ATOM   302  N N7     . DA  B 1 3 ? -3.510  -3.714  -4.628  1.00 0.00 ? 10 DA  B N7     1 
ATOM   303  C C5     . DA  B 1 3 ? -3.776  -2.352  -4.737  1.00 0.00 ? 10 DA  B C5     1 
ATOM   304  C C6     . DA  B 1 3 ? -4.228  -1.371  -3.829  1.00 0.00 ? 10 DA  B C6     1 
ATOM   305  N N6     . DA  B 1 3 ? -4.463  -1.621  -2.541  1.00 0.00 ? 10 DA  B N6     1 
ATOM   306  N N1     . DA  B 1 3 ? -4.405  -0.112  -4.271  1.00 0.00 ? 10 DA  B N1     1 
ATOM   307  C C2     . DA  B 1 3 ? -4.105  0.176   -5.532  1.00 0.00 ? 10 DA  B C2     1 
ATOM   308  N N3     . DA  B 1 3 ? -3.647  -0.643  -6.474  1.00 0.00 ? 10 DA  B N3     1 
ATOM   309  C C4     . DA  B 1 3 ? -3.521  -1.914  -6.010  1.00 0.00 ? 10 DA  B C4     1 
ATOM   310  H "H5'"  . DA  B 1 3 ? -4.081  -5.889  -10.681 1.00 0.00 ? 10 DA  B "H5'"  1 
ATOM   311  H "H5''" . DA  B 1 3 ? -2.405  -5.945  -11.241 1.00 0.00 ? 10 DA  B "H5''" 1 
ATOM   312  H "H4'"  . DA  B 1 3 ? -3.398  -3.656  -10.961 1.00 0.00 ? 10 DA  B "H4'"  1 
ATOM   313  H "H3'"  . DA  B 1 3 ? -0.747  -4.288  -10.399 1.00 0.00 ? 10 DA  B "H3'"  1 
ATOM   314  H "H2'"  . DA  B 1 3 ? -1.238  -4.487  -8.034  1.00 0.00 ? 10 DA  B "H2'"  1 
ATOM   315  H "H2''" . DA  B 1 3 ? -0.661  -2.789  -8.134  1.00 0.00 ? 10 DA  B "H2''" 1 
ATOM   316  H "H1'"  . DA  B 1 3 ? -2.922  -1.998  -8.565  1.00 0.00 ? 10 DA  B "H1'"  1 
ATOM   317  H H8     . DA  B 1 3 ? -2.863  -5.064  -6.099  1.00 0.00 ? 10 DA  B H8     1 
ATOM   318  H H61    . DA  B 1 3 ? -4.296  -2.552  -2.173  1.00 0.00 ? 10 DA  B H61    1 
ATOM   319  H H62    . DA  B 1 3 ? -4.701  -0.859  -1.924  1.00 0.00 ? 10 DA  B H62    1 
ATOM   320  H H2     . DA  B 1 3 ? -4.244  1.203   -5.834  1.00 0.00 ? 10 DA  B H2     1 
ATOM   321  P P      . DG  B 1 4 ? 0.086   -1.640  -11.001 1.00 0.00 ? 11 DG  B P      1 
ATOM   322  O OP1    . DG  B 1 4 ? 0.069   -1.585  -12.479 1.00 0.00 ? 11 DG  B OP1    1 
ATOM   323  O OP2    . DG  B 1 4 ? 1.157   -2.422  -10.345 1.00 0.00 ? 11 DG  B OP2    1 
ATOM   324  O "O5'"  . DG  B 1 4 ? 0.214   -0.092  -10.465 1.00 0.00 ? 11 DG  B "O5'"  1 
ATOM   325  C "C5'"  . DG  B 1 4 ? 1.388   0.692   -10.739 1.00 0.00 ? 11 DG  B "C5'"  1 
ATOM   326  C "C4'"  . DG  B 1 4 ? 1.410   2.100   -10.078 1.00 0.00 ? 11 DG  B "C4'"  1 
ATOM   327  O "O4'"  . DG  B 1 4 ? 1.138   1.919   -8.692  1.00 0.00 ? 11 DG  B "O4'"  1 
ATOM   328  C "C3'"  . DG  B 1 4 ? 2.787   2.832   -10.169 1.00 0.00 ? 11 DG  B "C3'"  1 
ATOM   329  O "O3'"  . DG  B 1 4 ? 2.663   4.277   -10.157 1.00 0.00 ? 11 DG  B "O3'"  1 
ATOM   330  C "C2'"  . DG  B 1 4 ? 3.432   2.225   -8.916  1.00 0.00 ? 11 DG  B "C2'"  1 
ATOM   331  C "C1'"  . DG  B 1 4 ? 2.270   2.333   -7.954  1.00 0.00 ? 11 DG  B "C1'"  1 
ATOM   332  N N9     . DG  B 1 4 ? 2.483   1.557   -6.717  1.00 0.00 ? 11 DG  B N9     1 
ATOM   333  C C8     . DG  B 1 4 ? 3.101   0.347   -6.528  1.00 0.00 ? 11 DG  B C8     1 
ATOM   334  N N7     . DG  B 1 4 ? 3.037   -0.095  -5.303  1.00 0.00 ? 11 DG  B N7     1 
ATOM   335  C C5     . DG  B 1 4 ? 2.359   0.905   -4.622  1.00 0.00 ? 11 DG  B C5     1 
ATOM   336  C C6     . DG  B 1 4 ? 1.951   0.977   -3.260  1.00 0.00 ? 11 DG  B C6     1 
ATOM   337  O O6     . DG  B 1 4 ? 2.168   0.168   -2.365  1.00 0.00 ? 11 DG  B O6     1 
ATOM   338  N N1     . DG  B 1 4 ? 1.217   2.125   -2.981  1.00 0.00 ? 11 DG  B N1     1 
ATOM   339  C C2     . DG  B 1 4 ? 0.978   3.134   -3.901  1.00 0.00 ? 11 DG  B C2     1 
ATOM   340  N N2     . DG  B 1 4 ? 0.346   4.232   -3.488  1.00 0.00 ? 11 DG  B N2     1 
ATOM   341  N N3     . DG  B 1 4 ? 1.374   3.075   -5.178  1.00 0.00 ? 11 DG  B N3     1 
ATOM   342  C C4     . DG  B 1 4 ? 2.037   1.930   -5.477  1.00 0.00 ? 11 DG  B C4     1 
ATOM   343  H "H5'"  . DG  B 1 4 ? 1.480   0.822   -11.818 1.00 0.00 ? 11 DG  B "H5'"  1 
ATOM   344  H "H5''" . DG  B 1 4 ? 2.250   0.122   -10.393 1.00 0.00 ? 11 DG  B "H5''" 1 
ATOM   345  H "H4'"  . DG  B 1 4 ? 0.628   2.712   -10.531 1.00 0.00 ? 11 DG  B "H4'"  1 
ATOM   346  H "H3'"  . DG  B 1 4 ? 3.337   2.533   -11.062 1.00 0.00 ? 11 DG  B "H3'"  1 
ATOM   347  H "H2'"  . DG  B 1 4 ? 3.688   1.186   -9.112  1.00 0.00 ? 11 DG  B "H2'"  1 
ATOM   348  H "H2''" . DG  B 1 4 ? 4.304   2.713   -8.495  1.00 0.00 ? 11 DG  B "H2''" 1 
ATOM   349  H "H1'"  . DG  B 1 4 ? 2.145   3.382   -7.696  1.00 0.00 ? 11 DG  B "H1'"  1 
ATOM   350  H H8     . DG  B 1 4 ? 3.568   -0.218  -7.320  1.00 0.00 ? 11 DG  B H8     1 
ATOM   351  H H1     . DG  B 1 4 ? 0.774   2.147   -2.075  1.00 0.00 ? 11 DG  B H1     1 
ATOM   352  H H21    . DG  B 1 4 ? 0.189   4.990   -4.137  1.00 0.00 ? 11 DG  B H21    1 
ATOM   353  H H22    . DG  B 1 4 ? -0.005  4.296   -2.541  1.00 0.00 ? 11 DG  B H22    1 
ATOM   354  P P      . DG  B 1 5 ? 3.892   5.316   -9.767  1.00 0.00 ? 12 DG  B P      1 
ATOM   355  O OP1    . DG  B 1 5 ? 3.981   6.463   -10.692 1.00 0.00 ? 12 DG  B OP1    1 
ATOM   356  O OP2    . DG  B 1 5 ? 5.114   4.486   -9.643  1.00 0.00 ? 12 DG  B OP2    1 
ATOM   357  O "O5'"  . DG  B 1 5 ? 3.442   5.814   -8.321  1.00 0.00 ? 12 DG  B "O5'"  1 
ATOM   358  C "C5'"  . DG  B 1 5 ? 2.088   6.300   -8.140  1.00 0.00 ? 12 DG  B "C5'"  1 
ATOM   359  C "C4'"  . DG  B 1 5 ? 2.075   7.411   -7.116  1.00 0.00 ? 12 DG  B "C4'"  1 
ATOM   360  O "O4'"  . DG  B 1 5 ? 2.092   6.815   -5.780  1.00 0.00 ? 12 DG  B "O4'"  1 
ATOM   361  C "C3'"  . DG  B 1 5 ? 3.277   8.354   -7.123  1.00 0.00 ? 12 DG  B "C3'"  1 
ATOM   362  O "O3'"  . DG  B 1 5 ? 2.969   9.623   -6.552  1.00 0.00 ? 12 DG  B "O3'"  1 
ATOM   363  C "C2'"  . DG  B 1 5 ? 4.277   7.635   -6.233  1.00 0.00 ? 12 DG  B "C2'"  1 
ATOM   364  C "C1'"  . DG  B 1 5 ? 3.370   6.984   -5.196  1.00 0.00 ? 12 DG  B "C1'"  1 
ATOM   365  N N9     . DG  B 1 5 ? 3.842   5.649   -4.741  1.00 0.00 ? 12 DG  B N9     1 
ATOM   366  C C8     . DG  B 1 5 ? 4.446   4.642   -5.463  1.00 0.00 ? 12 DG  B C8     1 
ATOM   367  N N7     . DG  B 1 5 ? 4.744   3.582   -4.758  1.00 0.00 ? 12 DG  B N7     1 
ATOM   368  C C5     . DG  B 1 5 ? 4.303   3.898   -3.472  1.00 0.00 ? 12 DG  B C5     1 
ATOM   369  C C6     . DG  B 1 5 ? 4.350   3.141   -2.279  1.00 0.00 ? 12 DG  B C6     1 
ATOM   370  O O6     . DG  B 1 5 ? 4.798   2.008   -2.096  1.00 0.00 ? 12 DG  B O6     1 
ATOM   371  N N1     . DG  B 1 5 ? 3.793   3.847   -1.199  1.00 0.00 ? 12 DG  B N1     1 
ATOM   372  C C2     . DG  B 1 5 ? 3.268   5.121   -1.272  1.00 0.00 ? 12 DG  B C2     1 
ATOM   373  N N2     . DG  B 1 5 ? 2.787   5.627   -0.132  1.00 0.00 ? 12 DG  B N2     1 
ATOM   374  N N3     . DG  B 1 5 ? 3.216   5.832   -2.397  1.00 0.00 ? 12 DG  B N3     1 
ATOM   375  C C4     . DG  B 1 5 ? 3.748   5.165   -3.454  1.00 0.00 ? 12 DG  B C4     1 
ATOM   376  H "H5'"  . DG  B 1 5 ? 1.449   5.487   -7.794  1.00 0.00 ? 12 DG  B "H5'"  1 
ATOM   377  H "H5''" . DG  B 1 5 ? 1.703   6.681   -9.086  1.00 0.00 ? 12 DG  B "H5''" 1 
ATOM   378  H "H4'"  . DG  B 1 5 ? 1.191   8.022   -7.298  1.00 0.00 ? 12 DG  B "H4'"  1 
ATOM   379  H "H3'"  . DG  B 1 5 ? 3.659   8.496   -8.134  1.00 0.00 ? 12 DG  B "H3'"  1 
ATOM   380  H "H2'"  . DG  B 1 5 ? 4.855   6.901   -6.796  1.00 0.00 ? 12 DG  B "H2'"  1 
ATOM   381  H "H2''" . DG  B 1 5 ? 4.983   8.334   -5.784  1.00 0.00 ? 12 DG  B "H2''" 1 
ATOM   382  H "H1'"  . DG  B 1 5 ? 3.258   7.624   -4.320  1.00 0.00 ? 12 DG  B "H1'"  1 
ATOM   383  H H8     . DG  B 1 5 ? 4.658   4.724   -6.529  1.00 0.00 ? 12 DG  B H8     1 
ATOM   384  H H1     . DG  B 1 5 ? 3.774   3.378   -0.282  1.00 0.00 ? 12 DG  B H1     1 
ATOM   385  H H21    . DG  B 1 5 ? 2.381   6.574   -0.120  1.00 0.00 ? 12 DG  B H21    1 
ATOM   386  H H22    . DG  B 1 5 ? 2.822   5.070   0.734   1.00 0.00 ? 12 DG  B H22    1 
ATOM   387  P P      . DG  B 1 6 ? 3.983   10.879  -6.620  1.00 0.00 ? 13 DG  B P      1 
ATOM   388  O OP1    . DG  B 1 6 ? 3.183   12.115  -6.774  1.00 0.00 ? 13 DG  B OP1    1 
ATOM   389  O OP2    . DG  B 1 6 ? 5.073   10.575  -7.575  1.00 0.00 ? 13 DG  B OP2    1 
ATOM   390  O "O5'"  . DG  B 1 6 ? 4.579   10.860  -5.130  1.00 0.00 ? 13 DG  B "O5'"  1 
ATOM   391  C "C5'"  . DG  B 1 6 ? 3.769   11.223  -4.030  1.00 0.00 ? 13 DG  B "C5'"  1 
ATOM   392  C "C4'"  . DG  B 1 6 ? 4.444   10.813  -2.726  1.00 0.00 ? 13 DG  B "C4'"  1 
ATOM   393  O "O4'"  . DG  B 1 6 ? 4.541   9.405   -2.635  1.00 0.00 ? 13 DG  B "O4'"  1 
ATOM   394  C "C3'"  . DG  B 1 6 ? 5.871   11.367  -2.561  1.00 0.00 ? 13 DG  B "C3'"  1 
ATOM   395  O "O3'"  . DG  B 1 6 ? 5.951   12.276  -1.479  1.00 0.00 ? 13 DG  B "O3'"  1 
ATOM   396  C "C2'"  . DG  B 1 6 ? 6.682   10.120  -2.216  1.00 0.00 ? 13 DG  B "C2'"  1 
ATOM   397  C "C1'"  . DG  B 1 6 ? 5.588   9.185   -1.724  1.00 0.00 ? 13 DG  B "C1'"  1 
ATOM   398  N N9     . DG  B 1 6 ? 5.991   7.766   -1.638  1.00 0.00 ? 13 DG  B N9     1 
ATOM   399  C C8     . DG  B 1 6 ? 6.418   6.901   -2.616  1.00 0.00 ? 13 DG  B C8     1 
ATOM   400  N N7     . DG  B 1 6 ? 6.665   5.693   -2.185  1.00 0.00 ? 13 DG  B N7     1 
ATOM   401  C C5     . DG  B 1 6 ? 6.375   5.758   -0.825  1.00 0.00 ? 13 DG  B C5     1 
ATOM   402  C C6     . DG  B 1 6 ? 6.425   4.750   0.186   1.00 0.00 ? 13 DG  B C6     1 
ATOM   403  O O6     . DG  B 1 6 ? 6.762   3.577   0.057   1.00 0.00 ? 13 DG  B O6     1 
ATOM   404  N N1     . DG  B 1 6 ? 6.026   5.218   1.437   1.00 0.00 ? 13 DG  B N1     1 
ATOM   405  C C2     . DG  B 1 6 ? 5.623   6.519   1.683   1.00 0.00 ? 13 DG  B C2     1 
ATOM   406  N N2     . DG  B 1 6 ? 5.284   6.848   2.930   1.00 0.00 ? 13 DG  B N2     1 
ATOM   407  N N3     . DG  B 1 6 ? 5.569   7.463   0.735   1.00 0.00 ? 13 DG  B N3     1 
ATOM   408  C C4     . DG  B 1 6 ? 5.957   7.021   -0.489  1.00 0.00 ? 13 DG  B C4     1 
ATOM   409  H "H5'"  . DG  B 1 6 ? 2.804   10.718  -4.085  1.00 0.00 ? 13 DG  B "H5'"  1 
ATOM   410  H "H5''" . DG  B 1 6 ? 3.604   12.301  -4.034  1.00 0.00 ? 13 DG  B "H5''" 1 
ATOM   411  H "H4'"  . DG  B 1 6 ? 3.819   11.137  -1.893  1.00 0.00 ? 13 DG  B "H4'"  1 
ATOM   412  H "H3'"  . DG  B 1 6 ? 6.267   11.819  -3.471  1.00 0.00 ? 13 DG  B "H3'"  1 
ATOM   413  H "H2'"  . DG  B 1 6 ? 7.152   9.720   -3.115  1.00 0.00 ? 13 DG  B "H2'"  1 
ATOM   414  H "H2''" . DG  B 1 6 ? 7.418   10.316  -1.440  1.00 0.00 ? 13 DG  B "H2''" 1 
ATOM   415  H "H1'"  . DG  B 1 6 ? 5.270   9.537   -0.742  1.00 0.00 ? 13 DG  B "H1'"  1 
ATOM   416  H H8     . DG  B 1 6 ? 6.539   7.192   -3.649  1.00 0.00 ? 13 DG  B H8     1 
ATOM   417  H H1     . DG  B 1 6 ? 6.076   4.565   2.209   1.00 0.00 ? 13 DG  B H1     1 
ATOM   418  H H21    . DG  B 1 6 ? 4.987   7.791   3.131   1.00 0.00 ? 13 DG  B H21    1 
ATOM   419  H H22    . DG  B 1 6 ? 5.325   6.162   3.671   1.00 0.00 ? 13 DG  B H22    1 
ATOM   420  P P      . DT  B 1 7 ? 5.339   13.763  -1.571  1.00 0.00 ? 14 DT  B P      1 
ATOM   421  O OP1    . DT  B 1 7 ? 3.863   13.669  -1.503  1.00 0.00 ? 14 DT  B OP1    1 
ATOM   422  O OP2    . DT  B 1 7 ? 5.973   14.444  -2.722  1.00 0.00 ? 14 DT  B OP2    1 
ATOM   423  O "O5'"  . DT  B 1 7 ? 5.872   14.454  -0.212  1.00 0.00 ? 14 DT  B "O5'"  1 
ATOM   424  C "C5'"  . DT  B 1 7 ? 5.406   14.056  1.068   1.00 0.00 ? 14 DT  B "C5'"  1 
ATOM   425  C "C4'"  . DT  B 1 7 ? 6.502   13.370  1.892   1.00 0.00 ? 14 DT  B "C4'"  1 
ATOM   426  O "O4'"  . DT  B 1 7 ? 6.993   12.198  1.274   1.00 0.00 ? 14 DT  B "O4'"  1 
ATOM   427  C "C3'"  . DT  B 1 7 ? 7.744   14.229  2.113   1.00 0.00 ? 14 DT  B "C3'"  1 
ATOM   428  O "O3'"  . DT  B 1 7 ? 7.544   15.230  3.089   1.00 0.00 ? 14 DT  B "O3'"  1 
ATOM   429  C "C2'"  . DT  B 1 7 ? 8.726   13.164  2.583   1.00 0.00 ? 14 DT  B "C2'"  1 
ATOM   430  C "C1'"  . DT  B 1 7 ? 8.264   11.905  1.836   1.00 0.00 ? 14 DT  B "C1'"  1 
ATOM   431  N N1     . DT  B 1 7 ? 9.248   11.534  0.781   1.00 0.00 ? 14 DT  B N1     1 
ATOM   432  C C2     . DT  B 1 7 ? 10.229  10.592  1.095   1.00 0.00 ? 14 DT  B C2     1 
ATOM   433  O O2     . DT  B 1 7 ? 10.311  10.050  2.195   1.00 0.00 ? 14 DT  B O2     1 
ATOM   434  N N3     . DT  B 1 7 ? 11.149  10.302  0.095   1.00 0.00 ? 14 DT  B N3     1 
ATOM   435  C C4     . DT  B 1 7 ? 11.182  10.871  -1.170  1.00 0.00 ? 14 DT  B C4     1 
ATOM   436  O O4     . DT  B 1 7 ? 12.039  10.524  -1.980  1.00 0.00 ? 14 DT  B O4     1 
ATOM   437  C C5     . DT  B 1 7 ? 10.144  11.860  -1.410  1.00 0.00 ? 14 DT  B C5     1 
ATOM   438  C C7     . DT  B 1 7 ? 10.073  12.564  -2.752  1.00 0.00 ? 14 DT  B C7     1 
ATOM   439  C C6     . DT  B 1 7 ? 9.237   12.157  -0.445  1.00 0.00 ? 14 DT  B C6     1 
ATOM   440  H "H5'"  . DT  B 1 7 ? 4.551   13.383  0.993   1.00 0.00 ? 14 DT  B "H5'"  1 
ATOM   441  H "H5''" . DT  B 1 7 ? 5.087   14.952  1.602   1.00 0.00 ? 14 DT  B "H5''" 1 
ATOM   442  H "H4'"  . DT  B 1 7 ? 6.089   13.093  2.863   1.00 0.00 ? 14 DT  B "H4'"  1 
ATOM   443  H "H3'"  . DT  B 1 7 ? 8.088   14.664  1.174   1.00 0.00 ? 14 DT  B "H3'"  1 
ATOM   444  H "HO3'" . DT  B 1 7 ? 7.236   14.814  3.898   1.00 0.00 ? 14 DT  B "HO3'" 1 
ATOM   445  H "H2'"  . DT  B 1 7 ? 9.757   13.441  2.361   1.00 0.00 ? 14 DT  B "H2'"  1 
ATOM   446  H "H2''" . DT  B 1 7 ? 8.610   13.002  3.657   1.00 0.00 ? 14 DT  B "H2''" 1 
ATOM   447  H "H1'"  . DT  B 1 7 ? 8.124   11.096  2.554   1.00 0.00 ? 14 DT  B "H1'"  1 
ATOM   448  H H3     . DT  B 1 7 ? 11.847  9.605   0.305   1.00 0.00 ? 14 DT  B H3     1 
ATOM   449  H H71    . DT  B 1 7 ? 10.347  11.872  -3.548  1.00 0.00 ? 14 DT  B H71    1 
ATOM   450  H H72    . DT  B 1 7 ? 9.064   12.930  -2.941  1.00 0.00 ? 14 DT  B H72    1 
ATOM   451  H H73    . DT  B 1 7 ? 10.767  13.405  -2.753  1.00 0.00 ? 14 DT  B H73    1 
ATOM   452  H H6     . DT  B 1 7 ? 8.488   12.909  -0.647  1.00 0.00 ? 14 DT  B H6     1 
ATOM   453  O "O5'"  . DT  C 1 1 ? -9.229  -3.201  -11.413 1.00 0.00 ? 15 DT  C "O5'"  1 
ATOM   454  C "C5'"  . DT  C 1 1 ? -10.355 -2.540  -12.043 1.00 0.00 ? 15 DT  C "C5'"  1 
ATOM   455  C "C4'"  . DT  C 1 1 ? -10.257 -1.048  -11.826 1.00 0.00 ? 15 DT  C "C4'"  1 
ATOM   456  O "O4'"  . DT  C 1 1 ? -10.759 -0.735  -10.488 1.00 0.00 ? 15 DT  C "O4'"  1 
ATOM   457  C "C3'"  . DT  C 1 1 ? -8.852  -0.450  -11.851 1.00 0.00 ? 15 DT  C "C3'"  1 
ATOM   458  O "O3'"  . DT  C 1 1 ? -8.863  0.939   -12.178 1.00 0.00 ? 15 DT  C "O3'"  1 
ATOM   459  C "C2'"  . DT  C 1 1 ? -8.387  -0.620  -10.413 1.00 0.00 ? 15 DT  C "C2'"  1 
ATOM   460  C "C1'"  . DT  C 1 1 ? -9.678  -0.414  -9.634  1.00 0.00 ? 15 DT  C "C1'"  1 
ATOM   461  N N1     . DT  C 1 1 ? -9.789  -1.267  -8.421  1.00 0.00 ? 15 DT  C N1     1 
ATOM   462  C C2     . DT  C 1 1 ? -10.374 -0.705  -7.305  1.00 0.00 ? 15 DT  C C2     1 
ATOM   463  O O2     . DT  C 1 1 ? -10.790 0.439   -7.285  1.00 0.00 ? 15 DT  C O2     1 
ATOM   464  N N3     . DT  C 1 1 ? -10.457 -1.534  -6.203  1.00 0.00 ? 15 DT  C N3     1 
ATOM   465  C C4     . DT  C 1 1 ? -10.018 -2.835  -6.118  1.00 0.00 ? 15 DT  C C4     1 
ATOM   466  O O4     . DT  C 1 1 ? -10.148 -3.480  -5.071  1.00 0.00 ? 15 DT  C O4     1 
ATOM   467  C C5     . DT  C 1 1 ? -9.417  -3.336  -7.330  1.00 0.00 ? 15 DT  C C5     1 
ATOM   468  C C7     . DT  C 1 1 ? -8.932  -4.753  -7.286  1.00 0.00 ? 15 DT  C C7     1 
ATOM   469  C C6     . DT  C 1 1 ? -9.324  -2.560  -8.428  1.00 0.00 ? 15 DT  C C6     1 
ATOM   470  H "H5'"  . DT  C 1 1 ? -11.286 -2.904  -11.609 1.00 0.00 ? 15 DT  C "H5'"  1 
ATOM   471  H "H5''" . DT  C 1 1 ? -10.352 -2.747  -13.112 1.00 0.00 ? 15 DT  C "H5''" 1 
ATOM   472  H "H4'"  . DT  C 1 1 ? -10.823 -0.559  -12.619 1.00 0.00 ? 15 DT  C "H4'"  1 
ATOM   473  H "H3'"  . DT  C 1 1 ? -8.210  -0.980  -12.553 1.00 0.00 ? 15 DT  C "H3'"  1 
ATOM   474  H "H2'"  . DT  C 1 1 ? -7.958  -1.609  -10.250 1.00 0.00 ? 15 DT  C "H2'"  1 
ATOM   475  H "H2''" . DT  C 1 1 ? -7.624  0.114   -10.153 1.00 0.00 ? 15 DT  C "H2''" 1 
ATOM   476  H "H1'"  . DT  C 1 1 ? -9.788  0.627   -9.331  1.00 0.00 ? 15 DT  C "H1'"  1 
ATOM   477  H H3     . DT  C 1 1 ? -10.893 -1.137  -5.359  1.00 0.00 ? 15 DT  C H3     1 
ATOM   478  H H71    . DT  C 1 1 ? -9.211  -5.204  -6.334  1.00 0.00 ? 15 DT  C H71    1 
ATOM   479  H H72    . DT  C 1 1 ? -9.383  -5.319  -8.102  1.00 0.00 ? 15 DT  C H72    1 
ATOM   480  H H73    . DT  C 1 1 ? -7.846  -4.769  -7.392  1.00 0.00 ? 15 DT  C H73    1 
ATOM   481  H H6     . DT  C 1 1 ? -8.873  -2.963  -9.334  1.00 0.00 ? 15 DT  C H6     1 
ATOM   482  H "HO5'" . DT  C 1 1 ? -9.573  -3.865  -10.703 1.00 0.00 ? 15 DT  C "HO5'" 1 
ATOM   483  P P      . DT  C 1 2 ? -7.661  1.867   -11.691 1.00 0.00 ? 16 DT  C P      1 
ATOM   484  O OP1    . DT  C 1 2 ? -7.440  2.949   -12.670 1.00 0.00 ? 16 DT  C OP1    1 
ATOM   485  O OP2    . DT  C 1 2 ? -6.484  1.020   -11.382 1.00 0.00 ? 16 DT  C OP2    1 
ATOM   486  O "O5'"  . DT  C 1 2 ? -8.253  2.467   -10.337 1.00 0.00 ? 16 DT  C "O5'"  1 
ATOM   487  C "C5'"  . DT  C 1 2 ? -9.605  2.992   -10.338 1.00 0.00 ? 16 DT  C "C5'"  1 
ATOM   488  C "C4'"  . DT  C 1 2 ? -9.697  4.166   -9.393  1.00 0.00 ? 16 DT  C "C4'"  1 
ATOM   489  O "O4'"  . DT  C 1 2 ? -9.843  3.659   -8.028  1.00 0.00 ? 16 DT  C "O4'"  1 
ATOM   490  C "C3'"  . DT  C 1 2 ? -8.476  5.082   -9.326  1.00 0.00 ? 16 DT  C "C3'"  1 
ATOM   491  O "O3'"  . DT  C 1 2 ? -8.809  6.392   -8.873  1.00 0.00 ? 16 DT  C "O3'"  1 
ATOM   492  C "C2'"  . DT  C 1 2 ? -7.600  4.402   -8.287  1.00 0.00 ? 16 DT  C "C2'"  1 
ATOM   493  C "C1'"  . DT  C 1 2 ? -8.633  3.838   -7.319  1.00 0.00 ? 16 DT  C "C1'"  1 
ATOM   494  N N1     . DT  C 1 2 ? -8.251  2.526   -6.731  1.00 0.00 ? 16 DT  C N1     1 
ATOM   495  C C2     . DT  C 1 2 ? -8.579  2.308   -5.409  1.00 0.00 ? 16 DT  C C2     1 
ATOM   496  O O2     . DT  C 1 2 ? -9.156  3.136   -4.727  1.00 0.00 ? 16 DT  C O2     1 
ATOM   497  N N3     . DT  C 1 2 ? -8.208  1.076   -4.906  1.00 0.00 ? 16 DT  C N3     1 
ATOM   498  C C4     . DT  C 1 2 ? -7.555  0.075   -5.586  1.00 0.00 ? 16 DT  C C4     1 
ATOM   499  O O4     . DT  C 1 2 ? -7.272  -0.991  -5.025  1.00 0.00 ? 16 DT  C O4     1 
ATOM   500  C C5     . DT  C 1 2 ? -7.249  0.394   -6.959  1.00 0.00 ? 16 DT  C C5     1 
ATOM   501  C C7     . DT  C 1 2 ? -6.543  -0.673  -7.742  1.00 0.00 ? 16 DT  C C7     1 
ATOM   502  C C6     . DT  C 1 2 ? -7.601  1.583   -7.487  1.00 0.00 ? 16 DT  C C6     1 
ATOM   503  H "H5'"  . DT  C 1 2 ? -10.301 2.217   -10.016 1.00 0.00 ? 16 DT  C "H5'"  1 
ATOM   504  H "H5''" . DT  C 1 2 ? -9.873  3.319   -11.343 1.00 0.00 ? 16 DT  C "H5''" 1 
ATOM   505  H "H4'"  . DT  C 1 2 ? -10.539 4.784   -9.709  1.00 0.00 ? 16 DT  C "H4'"  1 
ATOM   506  H "H3'"  . DT  C 1 2 ? -7.983  5.151   -10.295 1.00 0.00 ? 16 DT  C "H3'"  1 
ATOM   507  H "H2'"  . DT  C 1 2 ? -6.985  3.621   -8.736  1.00 0.00 ? 16 DT  C "H2'"  1 
ATOM   508  H "H2''" . DT  C 1 2 ? -6.927  5.112   -7.807  1.00 0.00 ? 16 DT  C "H2''" 1 
ATOM   509  H "H1'"  . DT  C 1 2 ? -8.821  4.536   -6.503  1.00 0.00 ? 16 DT  C "H1'"  1 
ATOM   510  H H3     . DT  C 1 2 ? -8.445  0.888   -3.921  1.00 0.00 ? 16 DT  C H3     1 
ATOM   511  H H71    . DT  C 1 2 ? -6.462  -1.575  -7.135  1.00 0.00 ? 16 DT  C H71    1 
ATOM   512  H H72    . DT  C 1 2 ? -7.108  -0.894  -8.647  1.00 0.00 ? 16 DT  C H72    1 
ATOM   513  H H73    . DT  C 1 2 ? -5.546  -0.326  -8.012  1.00 0.00 ? 16 DT  C H73    1 
ATOM   514  H H6     . DT  C 1 2 ? -7.366  1.798   -8.530  1.00 0.00 ? 16 DT  C H6     1 
ATOM   515  P P      . DA  C 1 3 ? -7.768  7.630   -8.978  1.00 0.00 ? 17 DA  C P      1 
ATOM   516  O OP1    . DA  C 1 3 ? -8.537  8.851   -9.304  1.00 0.00 ? 17 DA  C OP1    1 
ATOM   517  O OP2    . DA  C 1 3 ? -6.640  7.221   -9.848  1.00 0.00 ? 17 DA  C OP2    1 
ATOM   518  O "O5'"  . DA  C 1 3 ? -7.226  7.778   -7.467  1.00 0.00 ? 17 DA  C "O5'"  1 
ATOM   519  C "C5'"  . DA  C 1 3 ? -5.858  8.004   -7.182  1.00 0.00 ? 17 DA  C "C5'"  1 
ATOM   520  C "C4'"  . DA  C 1 3 ? -5.718  8.365   -5.700  1.00 0.00 ? 17 DA  C "C4'"  1 
ATOM   521  O "O4'"  . DA  C 1 3 ? -6.196  7.288   -4.908  1.00 0.00 ? 17 DA  C "O4'"  1 
ATOM   522  C "C3'"  . DA  C 1 3 ? -4.256  8.610   -5.307  1.00 0.00 ? 17 DA  C "C3'"  1 
ATOM   523  O "O3'"  . DA  C 1 3 ? -4.231  9.642   -4.335  1.00 0.00 ? 17 DA  C "O3'"  1 
ATOM   524  C "C2'"  . DA  C 1 3 ? -3.855  7.252   -4.737  1.00 0.00 ? 17 DA  C "C2'"  1 
ATOM   525  C "C1'"  . DA  C 1 3 ? -5.157  6.817   -4.072  1.00 0.00 ? 17 DA  C "C1'"  1 
ATOM   526  N N9     . DA  C 1 3 ? -5.269  5.347   -3.949  1.00 0.00 ? 17 DA  C N9     1 
ATOM   527  C C8     . DA  C 1 3 ? -5.335  4.412   -4.954  1.00 0.00 ? 17 DA  C C8     1 
ATOM   528  N N7     . DA  C 1 3 ? -5.566  3.198   -4.544  1.00 0.00 ? 17 DA  C N7     1 
ATOM   529  C C5     . DA  C 1 3 ? -5.661  3.332   -3.164  1.00 0.00 ? 17 DA  C C5     1 
ATOM   530  C C6     . DA  C 1 3 ? -5.942  2.417   -2.129  1.00 0.00 ? 17 DA  C C6     1 
ATOM   531  N N6     . DA  C 1 3 ? -6.178  1.120   -2.354  1.00 0.00 ? 17 DA  C N6     1 
ATOM   532  N N1     . DA  C 1 3 ? -5.990  2.877   -0.862  1.00 0.00 ? 17 DA  C N1     1 
ATOM   533  C C2     . DA  C 1 3 ? -5.771  4.169   -0.634  1.00 0.00 ? 17 DA  C C2     1 
ATOM   534  N N3     . DA  C 1 3 ? -5.507  5.129   -1.517  1.00 0.00 ? 17 DA  C N3     1 
ATOM   535  C C4     . DA  C 1 3 ? -5.470  4.639   -2.787  1.00 0.00 ? 17 DA  C C4     1 
ATOM   536  H "H5'"  . DA  C 1 3 ? -5.494  8.839   -7.782  1.00 0.00 ? 17 DA  C "H5'"  1 
ATOM   537  H "H5''" . DA  C 1 3 ? -5.277  7.110   -7.412  1.00 0.00 ? 17 DA  C "H5''" 1 
ATOM   538  H "H4'"  . DA  C 1 3 ? -6.316  9.255   -5.506  1.00 0.00 ? 17 DA  C "H4'"  1 
ATOM   539  H "H3'"  . DA  C 1 3 ? -3.648  8.886   -6.170  1.00 0.00 ? 17 DA  C "H3'"  1 
ATOM   540  H "H2'"  . DA  C 1 3 ? -3.602  6.582   -5.560  1.00 0.00 ? 17 DA  C "H2'"  1 
ATOM   541  H "H2''" . DA  C 1 3 ? -3.027  7.302   -4.031  1.00 0.00 ? 17 DA  C "H2''" 1 
ATOM   542  H "H1'"  . DA  C 1 3 ? -5.242  7.306   -3.100  1.00 0.00 ? 17 DA  C "H1'"  1 
ATOM   543  H H8     . DA  C 1 3 ? -5.222  4.662   -5.999  1.00 0.00 ? 17 DA  C H8     1 
ATOM   544  H H61    . DA  C 1 3 ? -6.020  0.741   -3.281  1.00 0.00 ? 17 DA  C H61    1 
ATOM   545  H H62    . DA  C 1 3 ? -6.506  0.527   -1.610  1.00 0.00 ? 17 DA  C H62    1 
ATOM   546  H H2     . DA  C 1 3 ? -5.819  4.480   0.399   1.00 0.00 ? 17 DA  C H2     1 
ATOM   547  P P      . DG  C 1 4 ? -2.861  10.259  -3.743  1.00 0.00 ? 18 DG  C P      1 
ATOM   548  O OP1    . DG  C 1 4 ? -3.053  11.721  -3.615  1.00 0.00 ? 18 DG  C OP1    1 
ATOM   549  O OP2    . DG  C 1 4 ? -1.720  9.741   -4.531  1.00 0.00 ? 18 DG  C OP2    1 
ATOM   550  O "O5'"  . DG  C 1 4 ? -2.789  9.629   -2.262  1.00 0.00 ? 18 DG  C "O5'"  1 
ATOM   551  C "C5'"  . DG  C 1 4 ? -3.733  9.985   -1.266  1.00 0.00 ? 18 DG  C "C5'"  1 
ATOM   552  C "C4'"  . DG  C 1 4 ? -3.399  9.296   0.058   1.00 0.00 ? 18 DG  C "C4'"  1 
ATOM   553  O "O4'"  . DG  C 1 4 ? -3.426  7.888   -0.123  1.00 0.00 ? 18 DG  C "O4'"  1 
ATOM   554  C "C3'"  . DG  C 1 4 ? -2.004  9.681   0.586   1.00 0.00 ? 18 DG  C "C3'"  1 
ATOM   555  O "O3'"  . DG  C 1 4 ? -2.098  10.218  1.901   1.00 0.00 ? 18 DG  C "O3'"  1 
ATOM   556  C "C2'"  . DG  C 1 4 ? -1.268  8.344   0.535   1.00 0.00 ? 18 DG  C "C2'"  1 
ATOM   557  C "C1'"  . DG  C 1 4 ? -2.406  7.345   0.685   1.00 0.00 ? 18 DG  C "C1'"  1 
ATOM   558  N N9     . DG  C 1 4 ? -1.953  6.021   0.219   1.00 0.00 ? 18 DG  C N9     1 
ATOM   559  C C8     . DG  C 1 4 ? -1.769  5.599   -1.071  1.00 0.00 ? 18 DG  C C8     1 
ATOM   560  N N7     . DG  C 1 4 ? -1.156  4.455   -1.167  1.00 0.00 ? 18 DG  C N7     1 
ATOM   561  C C5     . DG  C 1 4 ? -0.931  4.074   0.146   1.00 0.00 ? 18 DG  C C5     1 
ATOM   562  C C6     . DG  C 1 4 ? -0.278  2.916   0.663   1.00 0.00 ? 18 DG  C C6     1 
ATOM   563  O O6     . DG  C 1 4 ? 0.321   2.047   0.032   1.00 0.00 ? 18 DG  C O6     1 
ATOM   564  N N1     . DG  C 1 4 ? -0.374  2.833   2.052   1.00 0.00 ? 18 DG  C N1     1 
ATOM   565  C C2     . DG  C 1 4 ? -0.943  3.813   2.850   1.00 0.00 ? 18 DG  C C2     1 
ATOM   566  N N2     . DG  C 1 4 ? -0.968  3.596   4.168   1.00 0.00 ? 18 DG  C N2     1 
ATOM   567  N N3     . DG  C 1 4 ? -1.469  4.949   2.365   1.00 0.00 ? 18 DG  C N3     1 
ATOM   568  C C4     . DG  C 1 4 ? -1.453  5.009   1.007   1.00 0.00 ? 18 DG  C C4     1 
ATOM   569  H "H5'"  . DG  C 1 4 ? -4.733  9.682   -1.583  1.00 0.00 ? 18 DG  C "H5'"  1 
ATOM   570  H "H5''" . DG  C 1 4 ? -3.722  11.065  -1.110  1.00 0.00 ? 18 DG  C "H5''" 1 
ATOM   571  H "H4'"  . DG  C 1 4 ? -4.153  9.566   0.798   1.00 0.00 ? 18 DG  C "H4'"  1 
ATOM   572  H "H3'"  . DG  C 1 4 ? -1.516  10.406  -0.066  1.00 0.00 ? 18 DG  C "H3'"  1 
ATOM   573  H "H2'"  . DG  C 1 4 ? -0.816  8.238   -0.452  1.00 0.00 ? 18 DG  C "H2'"  1 
ATOM   574  H "H2''" . DG  C 1 4 ? -0.504  8.206   1.296   1.00 0.00 ? 18 DG  C "H2''" 1 
ATOM   575  H "H1'"  . DG  C 1 4 ? -2.754  7.305   1.717   1.00 0.00 ? 18 DG  C "H1'"  1 
ATOM   576  H H8     . DG  C 1 4 ? -2.069  6.178   -1.932  1.00 0.00 ? 18 DG  C H8     1 
ATOM   577  H H1     . DG  C 1 4 ? -0.005  1.996   2.485   1.00 0.00 ? 18 DG  C H1     1 
ATOM   578  H H21    . DG  C 1 4 ? -1.335  4.306   4.786   1.00 0.00 ? 18 DG  C H21    1 
ATOM   579  H H22    . DG  C 1 4 ? -0.641  2.714   4.544   1.00 0.00 ? 18 DG  C H22    1 
ATOM   580  P P      . DG  C 1 5 ? -0.782  10.616  2.759   1.00 0.00 ? 19 DG  C P      1 
ATOM   581  O OP1    . DG  C 1 5 ? -1.080  11.771  3.628   1.00 0.00 ? 19 DG  C OP1    1 
ATOM   582  O OP2    . DG  C 1 5 ? 0.342   10.793  1.807   1.00 0.00 ? 19 DG  C OP2    1 
ATOM   583  O "O5'"  . DG  C 1 5 ? -0.526  9.316   3.645   1.00 0.00 ? 19 DG  C "O5'"  1 
ATOM   584  C "C5'"  . DG  C 1 5 ? -1.642  8.725   4.357   1.00 0.00 ? 19 DG  C "C5'"  1 
ATOM   585  C "C4'"  . DG  C 1 5 ? -1.164  8.144   5.667   1.00 0.00 ? 19 DG  C "C4'"  1 
ATOM   586  O "O4'"  . DG  C 1 5 ? -0.571  6.831   5.407   1.00 0.00 ? 19 DG  C "O4'"  1 
ATOM   587  C "C3'"  . DG  C 1 5 ? -0.065  8.917   6.391   1.00 0.00 ? 19 DG  C "C3'"  1 
ATOM   588  O "O3'"  . DG  C 1 5 ? -0.048  8.647   7.791   1.00 0.00 ? 19 DG  C "O3'"  1 
ATOM   589  C "C2'"  . DG  C 1 5 ? 1.206   8.369   5.761   1.00 0.00 ? 19 DG  C "C2'"  1 
ATOM   590  C "C1'"  . DG  C 1 5 ? 0.837   6.912   5.517   1.00 0.00 ? 19 DG  C "C1'"  1 
ATOM   591  N N9     . DG  C 1 5 ? 1.421   6.346   4.272   1.00 0.00 ? 19 DG  C N9     1 
ATOM   592  C C8     . DG  C 1 5 ? 1.610   6.946   3.044   1.00 0.00 ? 19 DG  C C8     1 
ATOM   593  N N7     . DG  C 1 5 ? 2.159   6.167   2.148   1.00 0.00 ? 19 DG  C N7     1 
ATOM   594  C C5     . DG  C 1 5 ? 2.347   4.957   2.821   1.00 0.00 ? 19 DG  C C5     1 
ATOM   595  C C6     . DG  C 1 5 ? 2.899   3.737   2.368   1.00 0.00 ? 19 DG  C C6     1 
ATOM   596  O O6     . DG  C 1 5 ? 3.347   3.453   1.257   1.00 0.00 ? 19 DG  C O6     1 
ATOM   597  N N1     . DG  C 1 5 ? 2.902   2.767   3.384   1.00 0.00 ? 19 DG  C N1     1 
ATOM   598  C C2     . DG  C 1 5 ? 2.437   2.963   4.669   1.00 0.00 ? 19 DG  C C2     1 
ATOM   599  N N2     . DG  C 1 5 ? 2.530   1.916   5.495   1.00 0.00 ? 19 DG  C N2     1 
ATOM   600  N N3     . DG  C 1 5 ? 1.912   4.108   5.094   1.00 0.00 ? 19 DG  C N3     1 
ATOM   601  C C4     . DG  C 1 5 ? 1.896   5.062   4.125   1.00 0.00 ? 19 DG  C C4     1 
ATOM   602  H "H5'"  . DG  C 1 5 ? -2.085  7.932   3.754   1.00 0.00 ? 19 DG  C "H5'"  1 
ATOM   603  H "H5''" . DG  C 1 5 ? -2.397  9.486   4.557   1.00 0.00 ? 19 DG  C "H5''" 1 
ATOM   604  H "H4'"  . DG  C 1 5 ? -2.018  8.099   6.343   1.00 0.00 ? 19 DG  C "H4'"  1 
ATOM   605  H "H3'"  . DG  C 1 5 ? -0.169  9.991   6.232   1.00 0.00 ? 19 DG  C "H3'"  1 
ATOM   606  H "H2'"  . DG  C 1 5 ? 1.450   8.894   4.837   1.00 0.00 ? 19 DG  C "H2'"  1 
ATOM   607  H "H2''" . DG  C 1 5 ? 2.059   8.473   6.432   1.00 0.00 ? 19 DG  C "H2''" 1 
ATOM   608  H "H1'"  . DG  C 1 5 ? 1.145   6.286   6.354   1.00 0.00 ? 19 DG  C "H1'"  1 
ATOM   609  H H8     . DG  C 1 5 ? 1.328   7.978   2.839   1.00 0.00 ? 19 DG  C H8     1 
ATOM   610  H H1     . DG  C 1 5 ? 3.280   1.836   3.153   1.00 0.00 ? 19 DG  C H1     1 
ATOM   611  H H21    . DG  C 1 5 ? 2.201   1.997   6.468   1.00 0.00 ? 19 DG  C H21    1 
ATOM   612  H H22    . DG  C 1 5 ? 2.930   1.028   5.159   1.00 0.00 ? 19 DG  C H22    1 
ATOM   613  P P      . DG  C 1 6 ? 1.011   9.263   8.850   1.00 0.00 ? 20 DG  C P      1 
ATOM   614  O OP1    . DG  C 1 6 ? 0.272   9.653   10.071  1.00 0.00 ? 20 DG  C OP1    1 
ATOM   615  O OP2    . DG  C 1 6 ? 1.861   10.269  8.171   1.00 0.00 ? 20 DG  C OP2    1 
ATOM   616  O "O5'"  . DG  C 1 6 ? 1.901   7.957   9.183   1.00 0.00 ? 20 DG  C "O5'"  1 
ATOM   617  C "C5'"  . DG  C 1 6 ? 1.304   6.836   9.813   1.00 0.00 ? 20 DG  C "C5'"  1 
ATOM   618  C "C4'"  . DG  C 1 6 ? 2.133   5.563   9.633   1.00 0.00 ? 20 DG  C "C4'"  1 
ATOM   619  O "O4'"  . DG  C 1 6 ? 2.582   5.408   8.300   1.00 0.00 ? 20 DG  C "O4'"  1 
ATOM   620  C "C3'"  . DG  C 1 6 ? 3.361   5.419   10.551  1.00 0.00 ? 20 DG  C "C3'"  1 
ATOM   621  O "O3'"  . DG  C 1 6 ? 3.024   4.420   11.505  1.00 0.00 ? 20 DG  C "O3'"  1 
ATOM   622  C "C2'"  . DG  C 1 6 ? 4.466   5.032   9.558   1.00 0.00 ? 20 DG  C "C2'"  1 
ATOM   623  C "C1'"  . DG  C 1 6 ? 3.669   4.517   8.370   1.00 0.00 ? 20 DG  C "C1'"  1 
ATOM   624  N N9     . DG  C 1 6 ? 4.460   4.499   7.123   1.00 0.00 ? 20 DG  C N9     1 
ATOM   625  C C8     . DG  C 1 6 ? 4.627   5.491   6.195   1.00 0.00 ? 20 DG  C C8     1 
ATOM   626  N N7     . DG  C 1 6 ? 5.238   5.101   5.112   1.00 0.00 ? 20 DG  C N7     1 
ATOM   627  C C5     . DG  C 1 6 ? 5.514   3.761   5.340   1.00 0.00 ? 20 DG  C C5     1 
ATOM   628  C C6     . DG  C 1 6 ? 6.083   2.778   4.476   1.00 0.00 ? 20 DG  C C6     1 
ATOM   629  O O6     . DG  C 1 6 ? 6.412   2.913   3.301   1.00 0.00 ? 20 DG  C O6     1 
ATOM   630  N N1     . DG  C 1 6 ? 6.229   1.541   5.103   1.00 0.00 ? 20 DG  C N1     1 
ATOM   631  C C2     . DG  C 1 6 ? 5.779   1.261   6.382   1.00 0.00 ? 20 DG  C C2     1 
ATOM   632  N N2     . DG  C 1 6 ? 5.923   0.013   6.832   1.00 0.00 ? 20 DG  C N2     1 
ATOM   633  N N3     . DG  C 1 6 ? 5.176   2.168   7.163   1.00 0.00 ? 20 DG  C N3     1 
ATOM   634  C C4     . DG  C 1 6 ? 5.083   3.396   6.592   1.00 0.00 ? 20 DG  C C4     1 
ATOM   635  H "H5'"  . DG  C 1 6 ? 0.333   6.641   9.355   1.00 0.00 ? 20 DG  C "H5'"  1 
ATOM   636  H "H5''" . DG  C 1 6 ? 1.152   7.035   10.874  1.00 0.00 ? 20 DG  C "H5''" 1 
ATOM   637  H "H4'"  . DG  C 1 6 ? 1.464   4.723   9.829   1.00 0.00 ? 20 DG  C "H4'"  1 
ATOM   638  H "H3'"  . DG  C 1 6 ? 3.614   6.355   11.051  1.00 0.00 ? 20 DG  C "H3'"  1 
ATOM   639  H "H2'"  . DG  C 1 6 ? 5.001   5.937   9.262   1.00 0.00 ? 20 DG  C "H2'"  1 
ATOM   640  H "H2''" . DG  C 1 6 ? 5.177   4.292   9.917   1.00 0.00 ? 20 DG  C "H2''" 1 
ATOM   641  H "H1'"  . DG  C 1 6 ? 3.289   3.518   8.582   1.00 0.00 ? 20 DG  C "H1'"  1 
ATOM   642  H H8     . DG  C 1 6 ? 4.255   6.497   6.328   1.00 0.00 ? 20 DG  C H8     1 
ATOM   643  H H1     . DG  C 1 6 ? 6.691   0.810   4.576   1.00 0.00 ? 20 DG  C H1     1 
ATOM   644  H H21    . DG  C 1 6 ? 5.555   -0.218  7.745   1.00 0.00 ? 20 DG  C H21    1 
ATOM   645  H H22    . DG  C 1 6 ? 6.345   -0.707  6.255   1.00 0.00 ? 20 DG  C H22    1 
ATOM   646  P P      . DT  C 1 7 ? 4.087   3.630   12.427  1.00 0.00 ? 21 DT  C P      1 
ATOM   647  O OP1    . DT  C 1 7 ? 3.409   3.245   13.685  1.00 0.00 ? 21 DT  C OP1    1 
ATOM   648  O OP2    . DT  C 1 7 ? 5.345   4.407   12.498  1.00 0.00 ? 21 DT  C OP2    1 
ATOM   649  O "O5'"  . DT  C 1 7 ? 4.352   2.288   11.571  1.00 0.00 ? 21 DT  C "O5'"  1 
ATOM   650  C "C5'"  . DT  C 1 7 ? 3.271   1.529   11.054  1.00 0.00 ? 21 DT  C "C5'"  1 
ATOM   651  C "C4'"  . DT  C 1 7 ? 3.734   0.175   10.507  1.00 0.00 ? 21 DT  C "C4'"  1 
ATOM   652  O "O4'"  . DT  C 1 7 ? 4.839   0.335   9.635   1.00 0.00 ? 21 DT  C "O4'"  1 
ATOM   653  C "C3'"  . DT  C 1 7 ? 4.168   -0.771  11.630  1.00 0.00 ? 21 DT  C "C3'"  1 
ATOM   654  O "O3'"  . DT  C 1 7 ? 3.831   -2.097  11.283  1.00 0.00 ? 21 DT  C "O3'"  1 
ATOM   655  C "C2'"  . DT  C 1 7 ? 5.677   -0.593  11.635  1.00 0.00 ? 21 DT  C "C2'"  1 
ATOM   656  C "C1'"  . DT  C 1 7 ? 5.948   -0.384  10.149  1.00 0.00 ? 21 DT  C "C1'"  1 
ATOM   657  N N1     . DT  C 1 7 ? 7.237   0.327   9.928   1.00 0.00 ? 21 DT  C N1     1 
ATOM   658  C C2     . DT  C 1 7 ? 8.410   -0.417  10.029  1.00 0.00 ? 21 DT  C C2     1 
ATOM   659  O O2     . DT  C 1 7 ? 8.417   -1.622  10.272  1.00 0.00 ? 21 DT  C O2     1 
ATOM   660  N N3     . DT  C 1 7 ? 9.597   0.274   9.832   1.00 0.00 ? 21 DT  C N3     1 
ATOM   661  C C4     . DT  C 1 7 ? 9.713   1.618   9.503   1.00 0.00 ? 21 DT  C C4     1 
ATOM   662  O O4     . DT  C 1 7 ? 10.823  2.101   9.292   1.00 0.00 ? 21 DT  C O4     1 
ATOM   663  C C5     . DT  C 1 7 ? 8.447   2.328   9.436   1.00 0.00 ? 21 DT  C C5     1 
ATOM   664  C C7     . DT  C 1 7 ? 8.413   3.809   9.108   1.00 0.00 ? 21 DT  C C7     1 
ATOM   665  C C6     . DT  C 1 7 ? 7.279   1.676   9.655   1.00 0.00 ? 21 DT  C C6     1 
ATOM   666  H "H5'"  . DT  C 1 7 ? 2.794   2.082   10.247  1.00 0.00 ? 21 DT  C "H5'"  1 
ATOM   667  H "H5''" . DT  C 1 7 ? 2.526   1.355   11.833  1.00 0.00 ? 21 DT  C "H5''" 1 
ATOM   668  H "H4'"  . DT  C 1 7 ? 2.907   -0.256  9.944   1.00 0.00 ? 21 DT  C "H4'"  1 
ATOM   669  H "H3'"  . DT  C 1 7 ? 3.723   -0.519  12.594  1.00 0.00 ? 21 DT  C "H3'"  1 
ATOM   670  H "HO3'" . DT  C 1 7 ? 2.885   -2.114  11.101  1.00 0.00 ? 21 DT  C "HO3'" 1 
ATOM   671  H "H2'"  . DT  C 1 7 ? 5.943   0.302   12.200  1.00 0.00 ? 21 DT  C "H2'"  1 
ATOM   672  H "H2''" . DT  C 1 7 ? 6.199   -1.462  12.039  1.00 0.00 ? 21 DT  C "H2''" 1 
ATOM   673  H "H1'"  . DT  C 1 7 ? 5.956   -1.354  9.650   1.00 0.00 ? 21 DT  C "H1'"  1 
ATOM   674  H H3     . DT  C 1 7 ? 10.451  -0.259  9.889   1.00 0.00 ? 21 DT  C H3     1 
ATOM   675  H H71    . DT  C 1 7 ? 9.391   4.159   8.778   1.00 0.00 ? 21 DT  C H71    1 
ATOM   676  H H72    . DT  C 1 7 ? 8.116   4.368   9.996   1.00 0.00 ? 21 DT  C H72    1 
ATOM   677  H H73    . DT  C 1 7 ? 7.690   3.992   8.312   1.00 0.00 ? 21 DT  C H73    1 
ATOM   678  H H6     . DT  C 1 7 ? 6.362   2.243   9.615   1.00 0.00 ? 21 DT  C H6     1 
ATOM   679  O "O5'"  . DT  D 1 1 ? -14.297 -1.776  6.340   1.00 0.00 ? 22 DT  D "O5'"  1 
ATOM   680  C "C5'"  . DT  D 1 1 ? -15.117 -2.968  6.433   1.00 0.00 ? 22 DT  D "C5'"  1 
ATOM   681  C "C4'"  . DT  D 1 1 ? -14.233 -4.190  6.524   1.00 0.00 ? 22 DT  D "C4'"  1 
ATOM   682  O "O4'"  . DT  D 1 1 ? -13.784 -4.545  5.177   1.00 0.00 ? 22 DT  D "O4'"  1 
ATOM   683  C "C3'"  . DT  D 1 1 ? -12.939 -4.035  7.322   1.00 0.00 ? 22 DT  D "C3'"  1 
ATOM   684  O "O3'"  . DT  D 1 1 ? -12.454 -5.284  7.811   1.00 0.00 ? 22 DT  D "O3'"  1 
ATOM   685  C "C2'"  . DT  D 1 1 ? -11.967 -3.491  6.288   1.00 0.00 ? 22 DT  D "C2'"  1 
ATOM   686  C "C1'"  . DT  D 1 1 ? -12.422 -4.201  5.019   1.00 0.00 ? 22 DT  D "C1'"  1 
ATOM   687  N N1     . DT  D 1 1 ? -12.303 -3.369  3.792   1.00 0.00 ? 22 DT  D N1     1 
ATOM   688  C C2     . DT  D 1 1 ? -11.908 -4.007  2.633   1.00 0.00 ? 22 DT  D C2     1 
ATOM   689  O O2     . DT  D 1 1 ? -11.660 -5.199  2.590   1.00 0.00 ? 22 DT  D O2     1 
ATOM   690  N N3     . DT  D 1 1 ? -11.812 -3.196  1.519   1.00 0.00 ? 22 DT  D N3     1 
ATOM   691  C C4     . DT  D 1 1 ? -12.065 -1.846  1.461   1.00 0.00 ? 22 DT  D C4     1 
ATOM   692  O O4     . DT  D 1 1 ? -11.944 -1.224  0.399   1.00 0.00 ? 22 DT  D O4     1 
ATOM   693  C C5     . DT  D 1 1 ? -12.468 -1.266  2.719   1.00 0.00 ? 22 DT  D C5     1 
ATOM   694  C C7     . DT  D 1 1 ? -12.762 0.205   2.701   1.00 0.00 ? 22 DT  D C7     1 
ATOM   695  C C6     . DT  D 1 1 ? -12.579 -2.025  3.826   1.00 0.00 ? 22 DT  D C6     1 
ATOM   696  H "H5'"  . DT  D 1 1 ? -15.750 -3.050  5.551   1.00 0.00 ? 22 DT  D "H5'"  1 
ATOM   697  H "H5''" . DT  D 1 1 ? -15.745 -2.915  7.322   1.00 0.00 ? 22 DT  D "H5''" 1 
ATOM   698  H "H4'"  . DT  D 1 1 ? -14.808 -4.983  7.004   1.00 0.00 ? 22 DT  D "H4'"  1 
ATOM   699  H "H3'"  . DT  D 1 1 ? -13.073 -3.348  8.158   1.00 0.00 ? 22 DT  D "H3'"  1 
ATOM   700  H "H2'"  . DT  D 1 1 ? -12.042 -2.407  6.205   1.00 0.00 ? 22 DT  D "H2'"  1 
ATOM   701  H "H2''" . DT  D 1 1 ? -10.936 -3.730  6.548   1.00 0.00 ? 22 DT  D "H2''" 1 
ATOM   702  H "H1'"  . DT  D 1 1 ? -11.859 -5.121  4.864   1.00 0.00 ? 22 DT  D "H1'"  1 
ATOM   703  H H3     . DT  D 1 1 ? -11.521 -3.651  0.642   1.00 0.00 ? 22 DT  D H3     1 
ATOM   704  H H71    . DT  D 1 1 ? -12.706 0.575   1.677   1.00 0.00 ? 22 DT  D H71    1 
ATOM   705  H H72    . DT  D 1 1 ? -13.764 0.380   3.095   1.00 0.00 ? 22 DT  D H72    1 
ATOM   706  H H73    . DT  D 1 1 ? -12.033 0.730   3.318   1.00 0.00 ? 22 DT  D H73    1 
ATOM   707  H H6     . DT  D 1 1 ? -12.892 -1.565  4.764   1.00 0.00 ? 22 DT  D H6     1 
ATOM   708  H "HO5'" . DT  D 1 1 ? -13.377 -2.021  5.947   1.00 0.00 ? 22 DT  D "HO5'" 1 
ATOM   709  P P      . DT  D 1 2 ? -10.899 -5.452  8.120   1.00 0.00 ? 23 DT  D P      1 
ATOM   710  O OP1    . DT  D 1 2 ? -10.712 -6.400  9.236   1.00 0.00 ? 23 DT  D OP1    1 
ATOM   711  O OP2    . DT  D 1 2 ? -10.288 -4.112  8.299   1.00 0.00 ? 23 DT  D OP2    1 
ATOM   712  O "O5'"  . DT  D 1 2 ? -10.373 -6.097  6.761   1.00 0.00 ? 23 DT  D "O5'"  1 
ATOM   713  C "C5'"  . DT  D 1 2 ? -11.108 -7.205  6.183   1.00 0.00 ? 23 DT  D "C5'"  1 
ATOM   714  C "C4'"  . DT  D 1 2 ? -10.150 -8.157  5.505   1.00 0.00 ? 23 DT  D "C4'"  1 
ATOM   715  O "O4'"  . DT  D 1 2 ? -9.818  -7.624  4.184   1.00 0.00 ? 23 DT  D "O4'"  1 
ATOM   716  C "C3'"  . DT  D 1 2 ? -8.796  -8.353  6.184   1.00 0.00 ? 23 DT  D "C3'"  1 
ATOM   717  O "O3'"  . DT  D 1 2 ? -8.194  -9.597  5.832   1.00 0.00 ? 23 DT  D "O3'"  1 
ATOM   718  C "C2'"  . DT  D 1 2 ? -7.964  -7.216  5.614   1.00 0.00 ? 23 DT  D "C2'"  1 
ATOM   719  C "C1'"  . DT  D 1 2 ? -8.500  -7.112  4.191   1.00 0.00 ? 23 DT  D "C1'"  1 
ATOM   720  N N1     . DT  D 1 2 ? -8.551  -5.719  3.672   1.00 0.00 ? 23 DT  D N1     1 
ATOM   721  C C2     . DT  D 1 2 ? -8.235  -5.530  2.342   1.00 0.00 ? 23 DT  D C2     1 
ATOM   722  O O2     . DT  D 1 2 ? -7.924  -6.446  1.602   1.00 0.00 ? 23 DT  D O2     1 
ATOM   723  N N3     . DT  D 1 2 ? -8.297  -4.223  1.902   1.00 0.00 ? 23 DT  D N3     1 
ATOM   724  C C4     . DT  D 1 2 ? -8.633  -3.119  2.650   1.00 0.00 ? 23 DT  D C4     1 
ATOM   725  O O4     . DT  D 1 2 ? -8.652  -1.991  2.144   1.00 0.00 ? 23 DT  D O4     1 
ATOM   726  C C5     . DT  D 1 2 ? -8.943  -3.412  4.029   1.00 0.00 ? 23 DT  D C5     1 
ATOM   727  C C7     . DT  D 1 2 ? -9.322  -2.239  4.883   1.00 0.00 ? 23 DT  D C7     1 
ATOM   728  C C6     . DT  D 1 2 ? -8.900  -4.676  4.494   1.00 0.00 ? 23 DT  D C6     1 
ATOM   729  H "H5'"  . DT  D 1 2 ? -11.820 -6.830  5.447   1.00 0.00 ? 23 DT  D "H5'"  1 
ATOM   730  H "H5''" . DT  D 1 2 ? -11.649 -7.737  6.966   1.00 0.00 ? 23 DT  D "H5''" 1 
ATOM   731  H "H4'"  . DT  D 1 2 ? -10.629 -9.135  5.462   1.00 0.00 ? 23 DT  D "H4'"  1 
ATOM   732  H "H3'"  . DT  D 1 2 ? -8.887  -8.289  7.268   1.00 0.00 ? 23 DT  D "H3'"  1 
ATOM   733  H "H2'"  . DT  D 1 2 ? -8.109  -6.296  6.179   1.00 0.00 ? 23 DT  D "H2'"  1 
ATOM   734  H "H2''" . DT  D 1 2 ? -6.900  -7.452  5.639   1.00 0.00 ? 23 DT  D "H2''" 1 
ATOM   735  H "H1'"  . DT  D 1 2 ? -7.902  -7.711  3.505   1.00 0.00 ? 23 DT  D "H1'"  1 
ATOM   736  H H3     . DT  D 1 2 ? -8.068  -4.056  0.911   1.00 0.00 ? 23 DT  D H3     1 
ATOM   737  H H71    . DT  D 1 2 ? -9.388  -1.344  4.262   1.00 0.00 ? 23 DT  D H71    1 
ATOM   738  H H72    . DT  D 1 2 ? -10.287 -2.426  5.351   1.00 0.00 ? 23 DT  D H72    1 
ATOM   739  H H73    . DT  D 1 2 ? -8.567  -2.090  5.654   1.00 0.00 ? 23 DT  D H73    1 
ATOM   740  H H6     . DT  D 1 2 ? -9.145  -4.874  5.537   1.00 0.00 ? 23 DT  D H6     1 
ATOM   741  P P      . DA  D 1 3 ? -6.670  -10.062 6.209   1.00 0.00 ? 24 DA  D P      1 
ATOM   742  O OP1    . DA  D 1 3 ? -6.708  -11.515 6.486   1.00 0.00 ? 24 DA  D OP1    1 
ATOM   743  O OP2    . DA  D 1 3 ? -6.152  -9.159  7.263   1.00 0.00 ? 24 DA  D OP2    1 
ATOM   744  O "O5'"  . DA  D 1 3 ? -5.783  -9.845  4.853   1.00 0.00 ? 24 DA  D "O5'"  1 
ATOM   745  C "C5'"  . DA  D 1 3 ? -4.368  -9.657  4.892   1.00 0.00 ? 24 DA  D "C5'"  1 
ATOM   746  C "C4'"  . DA  D 1 3 ? -3.694  -9.843  3.509   1.00 0.00 ? 24 DA  D "C4'"  1 
ATOM   747  O "O4'"  . DA  D 1 3 ? -4.340  -9.006  2.560   1.00 0.00 ? 24 DA  D "O4'"  1 
ATOM   748  C "C3'"  . DA  D 1 3 ? -2.204  -9.429  3.523   1.00 0.00 ? 24 DA  D "C3'"  1 
ATOM   749  O "O3'"  . DA  D 1 3 ? -1.420  -10.112 2.540   1.00 0.00 ? 24 DA  D "O3'"  1 
ATOM   750  C "C2'"  . DA  D 1 3 ? -2.322  -7.958  3.139   1.00 0.00 ? 24 DA  D "C2'"  1 
ATOM   751  C "C1'"  . DA  D 1 3 ? -3.411  -8.054  2.077   1.00 0.00 ? 24 DA  D "C1'"  1 
ATOM   752  N N9     . DA  D 1 3 ? -4.065  -6.749  1.864   1.00 0.00 ? 24 DA  D N9     1 
ATOM   753  C C8     . DA  D 1 3 ? -4.893  -6.071  2.718   1.00 0.00 ? 24 DA  D C8     1 
ATOM   754  N N7     . DA  D 1 3 ? -5.293  -4.915  2.270   1.00 0.00 ? 24 DA  D N7     1 
ATOM   755  C C5     . DA  D 1 3 ? -4.726  -4.841  1.004   1.00 0.00 ? 24 DA  D C5     1 
ATOM   756  C C6     . DA  D 1 3 ? -4.818  -3.895  -0.035  1.00 0.00 ? 24 DA  D C6     1 
ATOM   757  N N6     . DA  D 1 3 ? -5.582  -2.803  0.049   1.00 0.00 ? 24 DA  D N6     1 
ATOM   758  N N1     . DA  D 1 3 ? -4.144  -4.127  -1.178  1.00 0.00 ? 24 DA  D N1     1 
ATOM   759  C C2     . DA  D 1 3 ? -3.414  -5.236  -1.283  1.00 0.00 ? 24 DA  D C2     1 
ATOM   760  N N3     . DA  D 1 3 ? -3.260  -6.210  -0.389  1.00 0.00 ? 24 DA  D N3     1 
ATOM   761  C C4     . DA  D 1 3 ? -3.961  -5.952  0.750   1.00 0.00 ? 24 DA  D C4     1 
ATOM   762  H "H5'"  . DA  D 1 3 ? -3.929  -10.384 5.578   1.00 0.00 ? 24 DA  D "H5'"  1 
ATOM   763  H "H5''" . DA  D 1 3 ? -4.167  -8.656  5.273   1.00 0.00 ? 24 DA  D "H5''" 1 
ATOM   764  H "H4'"  . DA  D 1 3 ? -3.792  -10.888 3.211   1.00 0.00 ? 24 DA  D "H4'"  1 
ATOM   765  H "H3'"  . DA  D 1 3 ? -1.772  -9.562  4.517   1.00 0.00 ? 24 DA  D "H3'"  1 
ATOM   766  H "H2'"  . DA  D 1 3 ? -2.663  -7.375  3.995   1.00 0.00 ? 24 DA  D "H2'"  1 
ATOM   767  H "H2''" . DA  D 1 3 ? -1.405  -7.530  2.736   1.00 0.00 ? 24 DA  D "H2''" 1 
ATOM   768  H "H1'"  . DA  D 1 3 ? -2.980  -8.428  1.148   1.00 0.00 ? 24 DA  D "H1'"  1 
ATOM   769  H H8     . DA  D 1 3 ? -5.174  -6.455  3.687   1.00 0.00 ? 24 DA  D H8     1 
ATOM   770  H H61    . DA  D 1 3 ? -5.996  -2.546  0.939   1.00 0.00 ? 24 DA  D H61    1 
ATOM   771  H H62    . DA  D 1 3 ? -5.727  -2.220  -0.759  1.00 0.00 ? 24 DA  D H62    1 
ATOM   772  H H2     . DA  D 1 3 ? -2.891  -5.368  -2.219  1.00 0.00 ? 24 DA  D H2     1 
ATOM   773  P P      . DG  D 1 4 ? 0.212   -10.153 2.625   1.00 0.00 ? 25 DG  D P      1 
ATOM   774  O OP1    . DG  D 1 4 ? 0.587   -11.431 3.269   1.00 0.00 ? 25 DG  D OP1    1 
ATOM   775  O OP2    . DG  D 1 4 ? 0.666   -8.891  3.252   1.00 0.00 ? 25 DG  D OP2    1 
ATOM   776  O "O5'"  . DG  D 1 4 ? 0.806   -10.171 1.108   1.00 0.00 ? 25 DG  D "O5'"  1 
ATOM   777  C "C5'"  . DG  D 1 4 ? 2.216   -10.232 0.885   1.00 0.00 ? 25 DG  D "C5'"  1 
ATOM   778  C "C4'"  . DG  D 1 4 ? 2.644   -9.889  -0.562  1.00 0.00 ? 25 DG  D "C4'"  1 
ATOM   779  O "O4'"  . DG  D 1 4 ? 1.963   -8.697  -0.930  1.00 0.00 ? 25 DG  D "O4'"  1 
ATOM   780  C "C3'"  . DG  D 1 4 ? 4.164   -9.592  -0.633  1.00 0.00 ? 25 DG  D "C3'"  1 
ATOM   781  O "O3'"  . DG  D 1 4 ? 4.805   -9.864  -1.895  1.00 0.00 ? 25 DG  D "O3'"  1 
ATOM   782  C "C2'"  . DG  D 1 4 ? 4.148   -8.098  -0.306  1.00 0.00 ? 25 DG  D "C2'"  1 
ATOM   783  C "C1'"  . DG  D 1 4 ? 2.900   -7.646  -1.045  1.00 0.00 ? 25 DG  D "C1'"  1 
ATOM   784  N N9     . DG  D 1 4 ? 2.406   -6.377  -0.468  1.00 0.00 ? 25 DG  D N9     1 
ATOM   785  C C8     . DG  D 1 4 ? 1.919   -6.136  0.793   1.00 0.00 ? 25 DG  D C8     1 
ATOM   786  N N7     . DG  D 1 4 ? 1.682   -4.877  1.041   1.00 0.00 ? 25 DG  D N7     1 
ATOM   787  C C5     . DG  D 1 4 ? 2.019   -4.239  -0.148  1.00 0.00 ? 25 DG  D C5     1 
ATOM   788  C C6     . DG  D 1 4 ? 1.970   -2.856  -0.489  1.00 0.00 ? 25 DG  D C6     1 
ATOM   789  O O6     . DG  D 1 4 ? 1.634   -1.915  0.223   1.00 0.00 ? 25 DG  D O6     1 
ATOM   790  N N1     . DG  D 1 4 ? 2.379   -2.617  -1.799  1.00 0.00 ? 25 DG  D N1     1 
ATOM   791  C C2     . DG  D 1 4 ? 2.816   -3.593  -2.674  1.00 0.00 ? 25 DG  D C2     1 
ATOM   792  N N2     . DG  D 1 4 ? 3.198   -3.191  -3.890  1.00 0.00 ? 25 DG  D N2     1 
ATOM   793  N N3     . DG  D 1 4 ? 2.886   -4.891  -2.346  1.00 0.00 ? 25 DG  D N3     1 
ATOM   794  C C4     . DG  D 1 4 ? 2.463   -5.148  -1.077  1.00 0.00 ? 25 DG  D C4     1 
ATOM   795  H "H5'"  . DG  D 1 4 ? 2.574   -11.232 1.134   1.00 0.00 ? 25 DG  D "H5'"  1 
ATOM   796  H "H5''" . DG  D 1 4 ? 2.690   -9.527  1.567   1.00 0.00 ? 25 DG  D "H5''" 1 
ATOM   797  H "H4'"  . DG  D 1 4 ? 2.370   -10.707 -1.227  1.00 0.00 ? 25 DG  D "H4'"  1 
ATOM   798  H "H3'"  . DG  D 1 4 ? 4.686   -10.150 0.147   1.00 0.00 ? 25 DG  D "H3'"  1 
ATOM   799  H "H2'"  . DG  D 1 4 ? 4.035   -7.960  0.769   1.00 0.00 ? 25 DG  D "H2'"  1 
ATOM   800  H "H2''" . DG  D 1 4 ? 5.015   -7.530  -0.637  1.00 0.00 ? 25 DG  D "H2''" 1 
ATOM   801  H "H1'"  . DG  D 1 4 ? 3.137   -7.527  -2.100  1.00 0.00 ? 25 DG  D "H1'"  1 
ATOM   802  H H8     . DG  D 1 4 ? 1.766   -6.915  1.525   1.00 0.00 ? 25 DG  D H8     1 
ATOM   803  H H1     . DG  D 1 4 ? 2.334   -1.663  -2.124  1.00 0.00 ? 25 DG  D H1     1 
ATOM   804  H H21    . DG  D 1 4 ? 3.538   -3.872  -4.554  1.00 0.00 ? 25 DG  D H21    1 
ATOM   805  H H22    . DG  D 1 4 ? 3.143   -2.216  -4.154  1.00 0.00 ? 25 DG  D H22    1 
ATOM   806  P P      . DG  D 1 5 ? 6.380   -9.464  -2.130  1.00 0.00 ? 26 DG  D P      1 
ATOM   807  O OP1    . DG  D 1 5 ? 7.122   -10.505 -2.866  1.00 0.00 ? 26 DG  D OP1    1 
ATOM   808  O OP2    . DG  D 1 5 ? 6.885   -9.146  -0.771  1.00 0.00 ? 26 DG  D OP2    1 
ATOM   809  O "O5'"  . DG  D 1 5 ? 6.313   -8.125  -2.995  1.00 0.00 ? 26 DG  D "O5'"  1 
ATOM   810  C "C5'"  . DG  D 1 5 ? 5.501   -8.112  -4.195  1.00 0.00 ? 26 DG  D "C5'"  1 
ATOM   811  C "C4'"  . DG  D 1 5 ? 6.145   -7.228  -5.239  1.00 0.00 ? 26 DG  D "C4'"  1 
ATOM   812  O "O4'"  . DG  D 1 5 ? 5.814   -5.834  -4.939  1.00 0.00 ? 26 DG  D "O4'"  1 
ATOM   813  C "C3'"  . DG  D 1 5 ? 7.671   -7.249  -5.295  1.00 0.00 ? 26 DG  D "C3'"  1 
ATOM   814  O "O3'"  . DG  D 1 5 ? 8.167   -6.855  -6.573  1.00 0.00 ? 26 DG  D "O3'"  1 
ATOM   815  C "C2'"  . DG  D 1 5 ? 8.062   -6.203  -4.264  1.00 0.00 ? 26 DG  D "C2'"  1 
ATOM   816  C "C1'"  . DG  D 1 5 ? 6.950   -5.174  -4.416  1.00 0.00 ? 26 DG  D "C1'"  1 
ATOM   817  N N9     . DG  D 1 5 ? 6.550   -4.530  -3.135  1.00 0.00 ? 26 DG  D N9     1 
ATOM   818  C C8     . DG  D 1 5 ? 6.448   -5.081  -1.875  1.00 0.00 ? 26 DG  D C8     1 
ATOM   819  N N7     . DG  D 1 5 ? 6.070   -4.234  -0.952  1.00 0.00 ? 26 DG  D N7     1 
ATOM   820  C C5     . DG  D 1 5 ? 5.902   -3.032  -1.642  1.00 0.00 ? 26 DG  D C5     1 
ATOM   821  C C6     . DG  D 1 5 ? 5.501   -1.760  -1.176  1.00 0.00 ? 26 DG  D C6     1 
ATOM   822  O O6     . DG  D 1 5 ? 5.200   -1.412  -0.035  1.00 0.00 ? 26 DG  D O6     1 
ATOM   823  N N1     . DG  D 1 5 ? 5.466   -0.818  -2.220  1.00 0.00 ? 26 DG  D N1     1 
ATOM   824  C C2     . DG  D 1 5 ? 5.787   -1.081  -3.535  1.00 0.00 ? 26 DG  D C2     1 
ATOM   825  N N2     . DG  D 1 5 ? 5.698   -0.050  -4.381  1.00 0.00 ? 26 DG  D N2     1 
ATOM   826  N N3     . DG  D 1 5 ? 6.158   -2.281  -3.976  1.00 0.00 ? 26 DG  D N3     1 
ATOM   827  C C4     . DG  D 1 5 ? 6.195   -3.208  -2.983  1.00 0.00 ? 26 DG  D C4     1 
ATOM   828  H "H5'"  . DG  D 1 5 ? 4.507   -7.727  -3.964  1.00 0.00 ? 26 DG  D "H5'"  1 
ATOM   829  H "H5''" . DG  D 1 5 ? 5.410   -9.123  -4.591  1.00 0.00 ? 26 DG  D "H5''" 1 
ATOM   830  H "H4'"  . DG  D 1 5 ? 5.786   -7.551  -6.215  1.00 0.00 ? 26 DG  D "H4'"  1 
ATOM   831  H "H3'"  . DG  D 1 5 ? 8.060   -8.235  -5.045  1.00 0.00 ? 26 DG  D "H3'"  1 
ATOM   832  H "H2'"  . DG  D 1 5 ? 8.099   -6.629  -3.261  1.00 0.00 ? 26 DG  D "H2'"  1 
ATOM   833  H "H2''" . DG  D 1 5 ? 9.046   -5.784  -4.478  1.00 0.00 ? 26 DG  D "H2''" 1 
ATOM   834  H "H1'"  . DG  D 1 5 ? 7.236   -4.391  -5.117  1.00 0.00 ? 26 DG  D "H1'"  1 
ATOM   835  H H8     . DG  D 1 5 ? 6.665   -6.128  -1.667  1.00 0.00 ? 26 DG  D H8     1 
ATOM   836  H H1     . DG  D 1 5 ? 5.180   0.143   -1.983  1.00 0.00 ? 26 DG  D H1     1 
ATOM   837  H H21    . DG  D 1 5 ? 5.924   -0.180  -5.377  1.00 0.00 ? 26 DG  D H21    1 
ATOM   838  H H22    . DG  D 1 5 ? 5.403   0.874   -4.036  1.00 0.00 ? 26 DG  D H22    1 
ATOM   839  P P      . DG  D 1 6 ? 9.734   -6.699  -6.936  1.00 0.00 ? 27 DG  D P      1 
ATOM   840  O OP1    . DG  D 1 6 ? 9.928   -7.069  -8.356  1.00 0.00 ? 27 DG  D OP1    1 
ATOM   841  O OP2    . DG  D 1 6 ? 10.542  -7.375  -5.894  1.00 0.00 ? 27 DG  D OP2    1 
ATOM   842  O "O5'"  . DG  D 1 6 ? 9.930   -5.103  -6.799  1.00 0.00 ? 27 DG  D "O5'"  1 
ATOM   843  C "C5'"  . DG  D 1 6 ? 9.300   -4.218  -7.710  1.00 0.00 ? 27 DG  D "C5'"  1 
ATOM   844  C "C4'"  . DG  D 1 6 ? 9.521   -2.751  -7.327  1.00 0.00 ? 27 DG  D "C4'"  1 
ATOM   845  O "O4'"  . DG  D 1 6 ? 8.881   -2.438  -6.101  1.00 0.00 ? 27 DG  D "O4'"  1 
ATOM   846  C "C3'"  . DG  D 1 6 ? 11.006  -2.376  -7.187  1.00 0.00 ? 27 DG  D "C3'"  1 
ATOM   847  O "O3'"  . DG  D 1 6 ? 11.307  -1.342  -8.113  1.00 0.00 ? 27 DG  D "O3'"  1 
ATOM   848  C "C2'"  . DG  D 1 6 ? 11.075  -1.910  -5.732  1.00 0.00 ? 27 DG  D "C2'"  1 
ATOM   849  C "C1'"  . DG  D 1 6 ? 9.651   -1.425  -5.490  1.00 0.00 ? 27 DG  D "C1'"  1 
ATOM   850  N N9     . DG  D 1 6 ? 9.339   -1.297  -4.047  1.00 0.00 ? 27 DG  D N9     1 
ATOM   851  C C8     . DG  D 1 6 ? 9.349   -2.280  -3.090  1.00 0.00 ? 27 DG  D C8     1 
ATOM   852  N N7     . DG  D 1 6 ? 9.014   -1.872  -1.900  1.00 0.00 ? 27 DG  D N7     1 
ATOM   853  C C5     . DG  D 1 6 ? 8.756   -0.519  -2.073  1.00 0.00 ? 27 DG  D C5     1 
ATOM   854  C C6     . DG  D 1 6 ? 8.313   0.451   -1.126  1.00 0.00 ? 27 DG  D C6     1 
ATOM   855  O O6     . DG  D 1 6 ? 8.119   0.300   0.076   1.00 0.00 ? 27 DG  D O6     1 
ATOM   856  N N1     . DG  D 1 6 ? 8.065   1.689   -1.705  1.00 0.00 ? 27 DG  D N1     1 
ATOM   857  C C2     . DG  D 1 6 ? 8.237   1.972   -3.045  1.00 0.00 ? 27 DG  D C2     1 
ATOM   858  N N2     . DG  D 1 6 ? 7.887   3.198   -3.444  1.00 0.00 ? 27 DG  D N2     1 
ATOM   859  N N3     . DG  D 1 6 ? 8.690   1.070   -3.935  1.00 0.00 ? 27 DG  D N3     1 
ATOM   860  C C4     . DG  D 1 6 ? 8.927   -0.158  -3.390  1.00 0.00 ? 27 DG  D C4     1 
ATOM   861  H "H5'"  . DG  D 1 6 ? 8.227   -4.410  -7.734  1.00 0.00 ? 27 DG  D "H5'"  1 
ATOM   862  H "H5''" . DG  D 1 6 ? 9.707   -4.381  -8.710  1.00 0.00 ? 27 DG  D "H5''" 1 
ATOM   863  H "H4'"  . DG  D 1 6 ? 9.066   -2.129  -8.101  1.00 0.00 ? 27 DG  D "H4'"  1 
ATOM   864  H "H3'"  . DG  D 1 6 ? 11.656  -3.236  -7.352  1.00 0.00 ? 27 DG  D "H3'"  1 
ATOM   865  H "H2'"  . DG  D 1 6 ? 11.288  -2.774  -5.101  1.00 0.00 ? 27 DG  D "H2'"  1 
ATOM   866  H "H2''" . DG  D 1 6 ? 11.809  -1.133  -5.552  1.00 0.00 ? 27 DG  D "H2''" 1 
ATOM   867  H "H1'"  . DG  D 1 6 ? 9.491   -0.480  -6.013  1.00 0.00 ? 27 DG  D "H1'"  1 
ATOM   868  H H8     . DG  D 1 6 ? 9.610   -3.306  -3.303  1.00 0.00 ? 27 DG  D H8     1 
ATOM   869  H H1     . DG  D 1 6 ? 7.729   2.421   -1.093  1.00 0.00 ? 27 DG  D H1     1 
ATOM   870  H H21    . DG  D 1 6 ? 7.991   3.453   -4.413  1.00 0.00 ? 27 DG  D H21    1 
ATOM   871  H H22    . DG  D 1 6 ? 7.531   3.884   -2.788  1.00 0.00 ? 27 DG  D H22    1 
ATOM   872  P P      . DT  D 1 7 ? 12.808  -0.782  -8.343  1.00 0.00 ? 28 DT  D P      1 
ATOM   873  O OP1    . DT  D 1 7 ? 12.830  -0.036  -9.622  1.00 0.00 ? 28 DT  D OP1    1 
ATOM   874  O OP2    . DT  D 1 7 ? 13.767  -1.891  -8.145  1.00 0.00 ? 28 DT  D OP2    1 
ATOM   875  O "O5'"  . DT  D 1 7 ? 13.005  0.277   -7.147  1.00 0.00 ? 28 DT  D "O5'"  1 
ATOM   876  C "C5'"  . DT  D 1 7 ? 12.301  1.503   -7.134  1.00 0.00 ? 28 DT  D "C5'"  1 
ATOM   877  C "C4'"  . DT  D 1 7 ? 12.473  2.206   -5.787  1.00 0.00 ? 28 DT  D "C4'"  1 
ATOM   878  O "O4'"  . DT  D 1 7 ? 11.888  1.452   -4.740  1.00 0.00 ? 28 DT  D "O4'"  1 
ATOM   879  C "C3'"  . DT  D 1 7 ? 13.934  2.464   -5.387  1.00 0.00 ? 28 DT  D "C3'"  1 
ATOM   880  O "O3'"  . DT  D 1 7 ? 14.184  3.854   -5.324  1.00 0.00 ? 28 DT  D "O3'"  1 
ATOM   881  C "C2'"  . DT  D 1 7 ? 14.028  1.862   -3.986  1.00 0.00 ? 28 DT  D "C2'"  1 
ATOM   882  C "C1'"  . DT  D 1 7 ? 12.561  1.837   -3.562  1.00 0.00 ? 28 DT  D "C1'"  1 
ATOM   883  N N1     . DT  D 1 7 ? 12.298  0.903   -2.432  1.00 0.00 ? 28 DT  D N1     1 
ATOM   884  C C2     . DT  D 1 7 ? 11.942  1.442   -1.196  1.00 0.00 ? 28 DT  D C2     1 
ATOM   885  O O2     . DT  D 1 7 ? 11.908  2.649   -0.977  1.00 0.00 ? 28 DT  D O2     1 
ATOM   886  N N3     . DT  D 1 7 ? 11.631  0.536   -0.193  1.00 0.00 ? 28 DT  D N3     1 
ATOM   887  C C4     . DT  D 1 7 ? 11.689  -0.847  -0.299  1.00 0.00 ? 28 DT  D C4     1 
ATOM   888  O O4     . DT  D 1 7 ? 11.350  -1.557  0.646   1.00 0.00 ? 28 DT  D O4     1 
ATOM   889  C C5     . DT  D 1 7 ? 12.170  -1.328  -1.582  1.00 0.00 ? 28 DT  D C5     1 
ATOM   890  C C7     . DT  D 1 7 ? 12.370  -2.816  -1.789  1.00 0.00 ? 28 DT  D C7     1 
ATOM   891  C C6     . DT  D 1 7 ? 12.445  -0.456  -2.587  1.00 0.00 ? 28 DT  D C6     1 
ATOM   892  H "H5'"  . DT  D 1 7 ? 11.236  1.324   -7.296  1.00 0.00 ? 28 DT  D "H5'"  1 
ATOM   893  H "H5''" . DT  D 1 7 ? 12.678  2.148   -7.928  1.00 0.00 ? 28 DT  D "H5''" 1 
ATOM   894  H "H4'"  . DT  D 1 7 ? 11.951  3.160   -5.841  1.00 0.00 ? 28 DT  D "H4'"  1 
ATOM   895  H "H3'"  . DT  D 1 7 ? 14.649  1.989   -6.060  1.00 0.00 ? 28 DT  D "H3'"  1 
ATOM   896  H "HO3'" . DT  D 1 7 ? 14.097  4.220   -6.207  1.00 0.00 ? 28 DT  D "HO3'" 1 
ATOM   897  H "H2'"  . DT  D 1 7 ? 14.425  0.848   -4.061  1.00 0.00 ? 28 DT  D "H2'"  1 
ATOM   898  H "H2''" . DT  D 1 7 ? 14.644  2.457   -3.310  1.00 0.00 ? 28 DT  D "H2''" 1 
ATOM   899  H "H1'"  . DT  D 1 7 ? 12.252  2.858   -3.334  1.00 0.00 ? 28 DT  D "H1'"  1 
ATOM   900  H H3     . DT  D 1 7 ? 11.359  0.925   0.697   1.00 0.00 ? 28 DT  D H3     1 
ATOM   901  H H71    . DT  D 1 7 ? 13.259  -3.138  -1.246  1.00 0.00 ? 28 DT  D H71    1 
ATOM   902  H H72    . DT  D 1 7 ? 11.507  -3.361  -1.407  1.00 0.00 ? 28 DT  D H72    1 
ATOM   903  H H73    . DT  D 1 7 ? 12.494  -3.054  -2.846  1.00 0.00 ? 28 DT  D H73    1 
ATOM   904  H H6     . DT  D 1 7 ? 12.799  -0.835  -3.532  1.00 0.00 ? 28 DT  D H6     1 
HETATM 905  C C1     . MM0 E 2 . ? 0.579   -1.728  -6.083  1.00 0.00 ? 29 MM0 B C1     1 
HETATM 906  C C2     . MM0 E 2 . ? 0.031   -0.574  -6.677  1.00 0.00 ? 29 MM0 B C2     1 
HETATM 907  C C3     . MM0 E 2 . ? 0.244   -2.036  -4.759  1.00 0.00 ? 29 MM0 B C3     1 
HETATM 908  C C5     . MM0 E 2 . ? -1.518  -0.530  -1.890  1.00 0.00 ? 29 MM0 B C5     1 
HETATM 909  C C6     . MM0 E 2 . ? -1.888  0.705   -2.467  1.00 0.00 ? 29 MM0 B C6     1 
HETATM 910  C C8     . MM0 E 2 . ? -2.904  1.370   -0.351  1.00 0.00 ? 29 MM0 B C8     1 
HETATM 911  C C9     . MM0 E 2 . ? -2.835  -0.160  1.563   1.00 0.00 ? 29 MM0 B C9     1 
HETATM 912  C C10    . MM0 E 2 . ? -2.915  -1.829  3.356   1.00 0.00 ? 29 MM0 B C10    1 
HETATM 913  C C12    . MM0 E 2 . ? -2.011  -4.055  2.963   1.00 0.00 ? 29 MM0 B C12    1 
HETATM 914  C C13    . MM0 E 2 . ? -1.658  -3.684  1.656   1.00 0.00 ? 29 MM0 B C13    1 
HETATM 915  C C4     . MM0 E 2 . ? -0.704  0.343   -5.899  1.00 0.00 ? 29 MM0 B C4     1 
HETATM 916  C C7     . MM0 E 2 . ? -2.593  1.645   -1.697  1.00 0.00 ? 29 MM0 B C7     1 
HETATM 917  C C11    . MM0 E 2 . ? -2.656  -3.136  3.810   1.00 0.00 ? 29 MM0 B C11    1 
HETATM 918  N N1     . MM0 E 2 . ? -1.596  0.967   -3.761  1.00 0.00 ? 29 MM0 B N1     1 
HETATM 919  C C14    . MM0 E 2 . ? -0.812  -1.461  -2.665  1.00 0.00 ? 29 MM0 B C14    1 
HETATM 920  C C15    . MM0 E 2 . ? -0.510  -1.145  -3.991  1.00 0.00 ? 29 MM0 B C15    1 
HETATM 921  N N2     . MM0 E 2 . ? 1.210   -4.018  -6.672  1.00 0.00 ? 29 MM0 B N2     1 
HETATM 922  C C16    . MM0 E 2 . ? -0.948  0.074   -4.539  1.00 0.00 ? 29 MM0 B C16    1 
HETATM 923  C C17    . MM0 E 2 . ? 2.149   -5.071  -7.014  1.00 0.00 ? 29 MM0 B C17    1 
HETATM 924  C C18    . MM0 E 2 . ? 1.788   -6.370  -6.283  1.00 0.00 ? 29 MM0 B C18    1 
HETATM 925  N N3     . MM0 E 2 . ? -4.258  -4.288  5.234   1.00 0.00 ? 29 MM0 B N3     1 
HETATM 926  C C19    . MM0 E 2 . ? 0.424   -6.923  -6.714  1.00 0.00 ? 29 MM0 B C19    1 
HETATM 927  C C20    . MM0 E 2 . ? -3.022  -3.536  5.225   1.00 0.00 ? 29 MM0 B C20    1 
HETATM 928  C C21    . MM0 E 2 . ? -4.776  -4.872  6.461   1.00 0.00 ? 29 MM0 B C21    1 
HETATM 929  C C22    . MM0 E 2 . ? -6.104  -4.205  6.835   1.00 0.00 ? 29 MM0 B C22    1 
HETATM 930  C C23    . MM0 E 2 . ? -5.915  -2.794  7.396   1.00 0.00 ? 29 MM0 B C23    1 
HETATM 931  C C      . MM0 E 2 . ? 1.565   -2.617  -6.830  1.00 0.00 ? 29 MM0 B C      1 
HETATM 932  C C4A    . MM0 E 2 . ? -2.539  0.137   0.219   1.00 0.00 ? 29 MM0 B C4A    1 
HETATM 933  C C9A    . MM0 E 2 . ? -1.877  -0.830  -0.564  1.00 0.00 ? 29 MM0 B C9A    1 
HETATM 934  C C10A   . MM0 E 2 . ? -2.570  -1.456  2.046   1.00 0.00 ? 29 MM0 B C10A   1 
HETATM 935  C C8A    . MM0 E 2 . ? -1.942  -2.390  1.198   1.00 0.00 ? 29 MM0 B C8A    1 
HETATM 936  N N      . MM0 E 2 . ? -1.607  -2.046  -0.053  1.00 0.00 ? 29 MM0 B N      1 
HETATM 937  H H      . MM0 E 2 . ? 1.579   -2.362  -7.887  1.00 0.00 ? 29 MM0 B H      1 
HETATM 938  H HA     . MM0 E 2 . ? 2.566   -2.458  -6.435  1.00 0.00 ? 29 MM0 B HA     1 
HETATM 939  H H2     . MM0 E 2 . ? 0.218   -0.361  -7.718  1.00 0.00 ? 29 MM0 B H2     1 
HETATM 940  H H14    . MM0 E 2 . ? -0.504  -2.414  -2.262  1.00 0.00 ? 29 MM0 B H14    1 
HETATM 941  H H20    . MM0 E 2 . ? -3.162  -2.640  5.820   1.00 0.00 ? 29 MM0 B H20    1 
HETATM 942  H H9     . MM0 E 2 . ? -3.286  0.583   2.203   1.00 0.00 ? 29 MM0 B H9     1 
HETATM 943  H H17    . MM0 E 2 . ? 3.157   -4.772  -6.724  1.00 0.00 ? 29 MM0 B H17    1 
HETATM 944  H H20A   . MM0 E 2 . ? -2.225  -4.138  5.661   1.00 0.00 ? 29 MM0 B H20A   1 
HETATM 945  H HN3    . MM0 E 2 . ? -4.797  -4.362  4.383   1.00 0.00 ? 29 MM0 B HN3    1 
HETATM 946  H H21    . MM0 E 2 . ? -4.054  -4.756  7.271   1.00 0.00 ? 29 MM0 B H21    1 
HETATM 947  H H22    . MM0 E 2 . ? -6.606  -4.812  7.591   1.00 0.00 ? 29 MM0 B H22    1 
HETATM 948  H H3     . MM0 E 2 . ? 0.599   -2.939  -4.306  1.00 0.00 ? 29 MM0 B H3     1 
HETATM 949  H H4     . MM0 E 2 . ? -1.067  1.257   -6.346  1.00 0.00 ? 29 MM0 B H4     1 
HETATM 950  H H7     . MM0 E 2 . ? -2.900  2.582   -2.140  1.00 0.00 ? 29 MM0 B H7     1 
HETATM 951  H H8     . MM0 E 2 . ? -3.424  2.113   0.238   1.00 0.00 ? 29 MM0 B H8     1 
HETATM 952  H H10    . MM0 E 2 . ? -3.358  -1.103  4.023   1.00 0.00 ? 29 MM0 B H10    1 
HETATM 953  H H12    . MM0 E 2 . ? -1.702  -5.018  3.331   1.00 0.00 ? 29 MM0 B H12    1 
HETATM 954  H H13    . MM0 E 2 . ? -1.156  -4.392  1.013   1.00 0.00 ? 29 MM0 B H13    1 
HETATM 955  H HN2    . MM0 E 2 . ? 0.252   -4.257  -6.459  1.00 0.00 ? 29 MM0 B HN2    1 
HETATM 956  H H17A   . MM0 E 2 . ? 2.127   -5.237  -8.092  1.00 0.00 ? 29 MM0 B H17A   1 
HETATM 957  H H18    . MM0 E 2 . ? 1.785   -6.197  -5.206  1.00 0.00 ? 29 MM0 B H18    1 
HETATM 958  H H18A   . MM0 E 2 . ? 2.551   -7.116  -6.510  1.00 0.00 ? 29 MM0 B H18A   1 
HETATM 959  H H19    . MM0 E 2 . ? 0.262   -7.892  -6.244  1.00 0.00 ? 29 MM0 B H19    1 
HETATM 960  H H19A   . MM0 E 2 . ? 0.394   -7.047  -7.798  1.00 0.00 ? 29 MM0 B H19A   1 
HETATM 961  H H19B   . MM0 E 2 . ? -0.377  -6.251  -6.407  1.00 0.00 ? 29 MM0 B H19B   1 
HETATM 962  H H21A   . MM0 E 2 . ? -4.950  -5.935  6.295   1.00 0.00 ? 29 MM0 B H21A   1 
HETATM 963  H H22A   . MM0 E 2 . ? -6.735  -4.153  5.951   1.00 0.00 ? 29 MM0 B H22A   1 
HETATM 964  H H23    . MM0 E 2 . ? -5.390  -2.856  8.347   1.00 0.00 ? 29 MM0 B H23    1 
HETATM 965  H H23A   . MM0 E 2 . ? -6.888  -2.334  7.559   1.00 0.00 ? 29 MM0 B H23A   1 
HETATM 966  H H23B   . MM0 E 2 . ? -5.344  -2.177  6.704   1.00 0.00 ? 29 MM0 B H23B   1 
HETATM 967  C C1     . MM0 F 2 . ? 10.001  6.258   -3.379  1.00 0.00 ? 30 MM0 B C1     1 
HETATM 968  C C2     . MM0 F 2 . ? 9.679   7.600   -3.100  1.00 0.00 ? 30 MM0 B C2     1 
HETATM 969  C C3     . MM0 F 2 . ? 10.032  5.317   -2.333  1.00 0.00 ? 30 MM0 B C3     1 
HETATM 970  C C5     . MM0 F 2 . ? 9.372   5.208   1.330   1.00 0.00 ? 30 MM0 B C5     1 
HETATM 971  C C6     . MM0 F 2 . ? 9.095   6.578   1.542   1.00 0.00 ? 30 MM0 B C6     1 
HETATM 972  C C8     . MM0 F 2 . ? 8.758   6.149   3.916   1.00 0.00 ? 30 MM0 B C8     1 
HETATM 973  C C9     . MM0 F 2 . ? 9.109   3.906   4.809   1.00 0.00 ? 30 MM0 B C9     1 
HETATM 974  C C10    . MM0 F 2 . ? 9.437   1.626   5.633   1.00 0.00 ? 30 MM0 B C10    1 
HETATM 975  C C12    . MM0 F 2 . ? 9.914   -0.160  4.051   1.00 0.00 ? 30 MM0 B C12    1 
HETATM 976  C C13    . MM0 F 2 . ? 9.843   0.754   2.991   1.00 0.00 ? 30 MM0 B C13    1 
HETATM 977  C C4     . MM0 F 2 . ? 9.425   8.003   -1.781  1.00 0.00 ? 30 MM0 B C4     1 
HETATM 978  C C7     . MM0 F 2 . ? 8.772   7.039   2.830   1.00 0.00 ? 30 MM0 B C7     1 
HETATM 979  C C11    . MM0 F 2 . ? 9.715   0.271   5.374   1.00 0.00 ? 30 MM0 B C11    1 
HETATM 980  N N1     . MM0 F 2 . ? 9.126   7.447   0.514   1.00 0.00 ? 30 MM0 B N1     1 
HETATM 981  C C14    . MM0 F 2 . ? 9.668   4.771   0.023   1.00 0.00 ? 30 MM0 B C14    1 
HETATM 982  C C15    . MM0 F 2 . ? 9.715   5.710   -1.020  1.00 0.00 ? 30 MM0 B C15    1 
HETATM 983  N N2     . MM0 F 2 . ? 9.125   5.375   -5.475  1.00 0.00 ? 30 MM0 B N2     1 
HETATM 984  C C16    . MM0 F 2 . ? 9.424   7.060   -0.740  1.00 0.00 ? 30 MM0 B C16    1 
HETATM 985  C C17    . MM0 F 2 . ? 9.191   4.282   -6.433  1.00 0.00 ? 30 MM0 B C17    1 
HETATM 986  C C18    . MM0 F 2 . ? 7.803   3.997   -7.017  1.00 0.00 ? 30 MM0 B C18    1 
HETATM 987  N N3     . MM0 F 2 . ? 11.101  -0.545  7.181   1.00 0.00 ? 30 MM0 B N3     1 
HETATM 988  C C19    . MM0 F 2 . ? 7.862   2.812   -7.983  1.00 0.00 ? 30 MM0 B C19    1 
HETATM 989  C C20    . MM0 F 2 . ? 9.824   -0.721  6.511   1.00 0.00 ? 30 MM0 B C20    1 
HETATM 990  C C21    . MM0 F 2 . ? 12.327  -1.105  6.632   1.00 0.00 ? 30 MM0 B C21    1 
HETATM 991  C C22    . MM0 F 2 . ? 13.087  -0.069  5.793   1.00 0.00 ? 30 MM0 B C22    1 
HETATM 992  C C23    . MM0 F 2 . ? 13.415  1.200   6.588   1.00 0.00 ? 30 MM0 B C23    1 
HETATM 993  C C      . MM0 F 2 . ? 10.326  5.832   -4.797  1.00 0.00 ? 30 MM0 B C      1 
HETATM 994  C C4A    . MM0 F 2 . ? 9.067   4.792   3.718   1.00 0.00 ? 30 MM0 B C4A    1 
HETATM 995  C C9A    . MM0 F 2 . ? 9.341   4.308   2.418   1.00 0.00 ? 30 MM0 B C9A    1 
HETATM 996  C C10A   . MM0 F 2 . ? 9.384   2.548   4.572   1.00 0.00 ? 30 MM0 B C10A   1 
HETATM 997  C C8A    . MM0 F 2 . ? 9.600   2.112   3.248   1.00 0.00 ? 30 MM0 B C8A    1 
HETATM 998  N N      . MM0 F 2 . ? 9.578   2.993   2.230   1.00 0.00 ? 30 MM0 B N      1 
HETATM 999  H H      . MM0 F 2 . ? 10.754  6.670   -5.348  1.00 0.00 ? 30 MM0 B H      1 
HETATM 1000 H HA     . MM0 F 2 . ? 11.063  5.030   -4.768  1.00 0.00 ? 30 MM0 B HA     1 
HETATM 1001 H H2     . MM0 F 2 . ? 9.625   8.328   -3.895  1.00 0.00 ? 30 MM0 B H2     1 
HETATM 1002 H H14    . MM0 F 2 . ? 9.816   3.724   -0.190  1.00 0.00 ? 30 MM0 B H14    1 
HETATM 1003 H H20    . MM0 F 2 . ? 9.742   -1.743  6.140   1.00 0.00 ? 30 MM0 B H20    1 
HETATM 1004 H H9     . MM0 F 2 . ? 8.924   4.261   5.813   1.00 0.00 ? 30 MM0 B H9     1 
HETATM 1005 H H17    . MM0 F 2 . ? 9.562   3.386   -5.933  1.00 0.00 ? 30 MM0 B H17    1 
HETATM 1006 H H20A   . MM0 F 2 . ? 9.013   -0.547  7.217   1.00 0.00 ? 30 MM0 B H20A   1 
HETATM 1007 H HN3    . MM0 F 2 . ? 11.160  0.098   7.957   1.00 0.00 ? 30 MM0 B HN3    1 
HETATM 1008 H H21    . MM0 F 2 . ? 12.094  -1.968  6.009   1.00 0.00 ? 30 MM0 B H21    1 
HETATM 1009 H H22    . MM0 F 2 . ? 12.506  0.205   4.913   1.00 0.00 ? 30 MM0 B H22    1 
HETATM 1010 H H3     . MM0 F 2 . ? 10.297  4.292   -2.546  1.00 0.00 ? 30 MM0 B H3     1 
HETATM 1011 H H4     . MM0 F 2 . ? 9.206   9.034   -1.570  1.00 0.00 ? 30 MM0 B H4     1 
HETATM 1012 H H7     . MM0 F 2 . ? 8.532   8.081   2.989   1.00 0.00 ? 30 MM0 B H7     1 
HETATM 1013 H H8     . MM0 F 2 . ? 8.517   6.518   4.902   1.00 0.00 ? 30 MM0 B H8     1 
HETATM 1014 H H10    . MM0 F 2 . ? 9.275   1.956   6.648   1.00 0.00 ? 30 MM0 B H10    1 
HETATM 1015 H H12    . MM0 F 2 . ? 10.097  -1.202  3.843   1.00 0.00 ? 30 MM0 B H12    1 
HETATM 1016 H H13    . MM0 F 2 . ? 9.951   0.399   1.980   1.00 0.00 ? 30 MM0 B H13    1 
HETATM 1017 H HN2    . MM0 F 2 . ? 8.257   5.876   -5.346  1.00 0.00 ? 30 MM0 B HN2    1 
HETATM 1018 H H17A   . MM0 F 2 . ? 9.875   4.550   -7.239  1.00 0.00 ? 30 MM0 B H17A   1 
HETATM 1019 H H18    . MM0 F 2 . ? 7.438   4.876   -7.549  1.00 0.00 ? 30 MM0 B H18    1 
HETATM 1020 H H18A   . MM0 F 2 . ? 7.106   3.755   -6.216  1.00 0.00 ? 30 MM0 B H18A   1 
HETATM 1021 H H19    . MM0 F 2 . ? 8.213   1.922   -7.459  1.00 0.00 ? 30 MM0 B H19    1 
HETATM 1022 H H19A   . MM0 F 2 . ? 8.539   3.037   -8.808  1.00 0.00 ? 30 MM0 B H19A   1 
HETATM 1023 H H19B   . MM0 F 2 . ? 6.867   2.620   -8.383  1.00 0.00 ? 30 MM0 B H19B   1 
HETATM 1024 H H21A   . MM0 F 2 . ? 12.964  -1.433  7.454   1.00 0.00 ? 30 MM0 B H21A   1 
HETATM 1025 H H22A   . MM0 F 2 . ? 14.021  -0.521  5.456   1.00 0.00 ? 30 MM0 B H22A   1 
HETATM 1026 H H23    . MM0 F 2 . ? 12.502  1.736   6.847   1.00 0.00 ? 30 MM0 B H23    1 
HETATM 1027 H H23A   . MM0 F 2 . ? 13.954  0.939   7.500   1.00 0.00 ? 30 MM0 B H23A   1 
HETATM 1028 H H23B   . MM0 F 2 . ? 14.041  1.853   5.979   1.00 0.00 ? 30 MM0 B H23B   1 
# 
